data_1OWA
#
_entry.id   1OWA
#
_entity_poly.entity_id   1
_entity_poly.type   'polypeptide(L)'
_entity_poly.pdbx_seq_one_letter_code
;MEQFPKETVVESSGPKVLETAEEIQERRQEVLTRYQSFKERVAERGQKLEDSYHLQVFKRDADDLGKWIMEKVNILTDKS
YEDPTNIQGKYQKHQSLEAEVQTKSRLMSELEKTREERFTMGHSAHEETKAHIEELRHLWDLLLELTLEKGDQLLR
;
_entity_poly.pdbx_strand_id   A
#
# COMPACT_ATOMS: atom_id res chain seq x y z
N MET A 1 -65.48 10.41 11.09
CA MET A 1 -64.30 9.53 11.28
C MET A 1 -64.37 8.31 10.37
N GLU A 2 -64.05 8.51 9.10
CA GLU A 2 -64.07 7.42 8.12
C GLU A 2 -62.96 6.42 8.39
N GLN A 3 -61.81 6.92 8.84
CA GLN A 3 -60.67 6.06 9.12
C GLN A 3 -60.90 5.26 10.39
N PHE A 4 -60.35 4.04 10.43
CA PHE A 4 -60.50 3.18 11.60
C PHE A 4 -59.45 3.48 12.66
N PRO A 5 -59.85 3.70 13.92
CA PRO A 5 -58.92 4.00 15.01
C PRO A 5 -58.09 2.79 15.41
N LYS A 6 -56.78 3.00 15.57
CA LYS A 6 -55.88 1.93 15.96
C LYS A 6 -56.04 1.62 17.45
N GLU A 7 -56.00 0.34 17.79
CA GLU A 7 -56.13 -0.08 19.19
C GLU A 7 -54.77 -0.34 19.80
N THR A 8 -54.44 0.41 20.85
CA THR A 8 -53.17 0.26 21.54
C THR A 8 -53.22 -0.91 22.51
N VAL A 9 -52.23 -1.79 22.41
CA VAL A 9 -52.15 -2.95 23.29
C VAL A 9 -51.32 -2.63 24.53
N VAL A 10 -51.88 -2.91 25.71
CA VAL A 10 -51.20 -2.62 26.96
C VAL A 10 -50.15 -3.69 27.29
N GLU A 11 -48.92 -3.23 27.57
CA GLU A 11 -47.83 -4.13 27.91
C GLU A 11 -47.53 -5.11 26.78
N SER A 12 -47.86 -4.71 25.56
CA SER A 12 -47.65 -5.55 24.39
C SER A 12 -46.17 -5.62 24.02
N SER A 13 -45.51 -4.48 24.08
CA SER A 13 -44.10 -4.39 23.74
C SER A 13 -43.22 -4.91 24.88
N GLY A 14 -43.84 -5.21 26.02
CA GLY A 14 -43.10 -5.72 27.15
C GLY A 14 -43.71 -6.97 27.75
N PRO A 15 -43.52 -8.13 27.10
CA PRO A 15 -44.05 -9.42 27.59
C PRO A 15 -43.29 -9.89 28.82
N LYS A 16 -44.01 -10.19 29.90
CA LYS A 16 -43.40 -10.64 31.13
C LYS A 16 -43.06 -12.13 31.06
N VAL A 17 -41.79 -12.42 30.81
CA VAL A 17 -41.32 -13.80 30.73
C VAL A 17 -41.09 -14.38 32.11
N LEU A 18 -41.61 -15.57 32.36
CA LEU A 18 -41.46 -16.22 33.66
C LEU A 18 -40.06 -16.82 33.81
N GLU A 19 -39.26 -16.21 34.65
CA GLU A 19 -37.95 -16.69 34.94
C GLU A 19 -37.83 -16.93 36.44
N THR A 20 -37.76 -18.19 36.78
CA THR A 20 -37.65 -18.61 38.18
C THR A 20 -36.21 -18.56 38.67
N ALA A 21 -36.05 -18.48 39.98
CA ALA A 21 -34.74 -18.46 40.61
C ALA A 21 -34.02 -19.74 40.29
N GLU A 22 -34.73 -20.84 40.47
CA GLU A 22 -34.20 -22.14 40.17
C GLU A 22 -34.10 -22.30 38.67
N GLU A 23 -35.14 -21.85 37.95
CA GLU A 23 -35.12 -21.93 36.50
C GLU A 23 -33.96 -21.14 35.92
N ILE A 24 -33.81 -19.91 36.42
CA ILE A 24 -32.72 -19.06 36.00
C ILE A 24 -31.41 -19.63 36.52
N GLN A 25 -31.42 -20.03 37.80
CA GLN A 25 -30.23 -20.58 38.43
C GLN A 25 -29.74 -21.83 37.68
N GLU A 26 -30.69 -22.68 37.29
CA GLU A 26 -30.36 -23.89 36.56
C GLU A 26 -29.69 -23.51 35.25
N ARG A 27 -30.31 -22.56 34.57
CA ARG A 27 -29.80 -22.04 33.31
C ARG A 27 -28.46 -21.39 33.58
N ARG A 28 -28.34 -20.76 34.75
CA ARG A 28 -27.12 -20.08 35.15
C ARG A 28 -25.95 -21.06 35.20
N GLN A 29 -26.18 -22.22 35.79
CA GLN A 29 -25.15 -23.25 35.90
C GLN A 29 -24.65 -23.68 34.52
N GLU A 30 -25.59 -23.86 33.60
CA GLU A 30 -25.26 -24.27 32.24
C GLU A 30 -24.36 -23.26 31.56
N VAL A 31 -24.69 -21.99 31.75
CA VAL A 31 -23.93 -20.90 31.15
C VAL A 31 -22.49 -20.91 31.63
N LEU A 32 -22.29 -21.14 32.92
CA LEU A 32 -20.95 -21.18 33.50
C LEU A 32 -20.12 -22.28 32.85
N THR A 33 -20.71 -23.45 32.69
CA THR A 33 -20.01 -24.58 32.06
C THR A 33 -19.71 -24.26 30.62
N ARG A 34 -20.69 -23.67 29.95
CA ARG A 34 -20.56 -23.29 28.56
C ARG A 34 -19.44 -22.27 28.38
N TYR A 35 -19.36 -21.33 29.32
CA TYR A 35 -18.34 -20.28 29.29
C TYR A 35 -16.94 -20.87 29.26
N GLN A 36 -16.72 -21.92 30.06
CA GLN A 36 -15.42 -22.56 30.11
C GLN A 36 -15.05 -23.10 28.73
N SER A 37 -16.03 -23.69 28.05
CA SER A 37 -15.82 -24.24 26.72
C SER A 37 -15.42 -23.16 25.73
N PHE A 38 -16.03 -21.99 25.84
CA PHE A 38 -15.70 -20.88 24.96
C PHE A 38 -14.26 -20.52 25.17
N LYS A 39 -13.89 -20.42 26.44
CA LYS A 39 -12.52 -20.14 26.83
C LYS A 39 -11.63 -21.24 26.28
N GLU A 40 -12.14 -22.49 26.35
CA GLU A 40 -11.38 -23.64 25.85
C GLU A 40 -11.09 -23.47 24.36
N ARG A 41 -12.07 -22.95 23.63
CA ARG A 41 -11.94 -22.71 22.20
C ARG A 41 -10.92 -21.62 21.93
N VAL A 42 -10.93 -20.58 22.75
CA VAL A 42 -10.02 -19.45 22.59
C VAL A 42 -8.57 -19.90 22.67
N ALA A 43 -8.28 -20.79 23.62
CA ALA A 43 -6.93 -21.30 23.79
C ALA A 43 -6.43 -21.99 22.52
N GLU A 44 -7.32 -22.80 21.94
CA GLU A 44 -7.00 -23.52 20.72
C GLU A 44 -6.64 -22.58 19.58
N ARG A 45 -7.37 -21.47 19.50
CA ARG A 45 -7.16 -20.49 18.45
C ARG A 45 -5.74 -19.94 18.46
N GLY A 46 -5.21 -19.71 19.66
CA GLY A 46 -3.86 -19.20 19.79
C GLY A 46 -2.84 -19.95 18.95
N GLN A 47 -2.58 -19.45 17.75
CA GLN A 47 -1.62 -20.09 16.86
C GLN A 47 -0.19 -19.74 17.27
N LYS A 48 0.61 -20.75 17.58
CA LYS A 48 1.99 -20.55 17.99
C LYS A 48 2.95 -20.57 16.80
N LEU A 49 3.66 -19.46 16.61
CA LEU A 49 4.63 -19.34 15.53
C LEU A 49 4.01 -19.61 14.17
N GLU A 50 3.72 -18.54 13.45
CA GLU A 50 3.14 -18.64 12.11
C GLU A 50 3.32 -17.32 11.35
N ASP A 51 2.25 -16.51 11.25
CA ASP A 51 2.33 -15.24 10.53
C ASP A 51 2.84 -14.13 11.44
N SER A 52 4.02 -13.63 11.13
CA SER A 52 4.62 -12.55 11.92
C SER A 52 3.87 -11.23 11.72
N TYR A 53 3.90 -10.40 12.76
CA TYR A 53 3.22 -9.11 12.72
C TYR A 53 3.87 -8.19 11.68
N HIS A 54 5.11 -8.50 11.31
CA HIS A 54 5.85 -7.69 10.33
C HIS A 54 5.12 -7.65 8.99
N LEU A 55 4.55 -8.78 8.60
CA LEU A 55 3.83 -8.86 7.34
C LEU A 55 2.68 -7.89 7.38
N GLN A 56 2.01 -7.87 8.53
CA GLN A 56 0.92 -6.94 8.75
C GLN A 56 1.48 -5.54 8.79
N VAL A 57 2.68 -5.40 9.34
CA VAL A 57 3.36 -4.11 9.41
C VAL A 57 3.59 -3.62 8.00
N PHE A 58 4.08 -4.53 7.18
CA PHE A 58 4.30 -4.25 5.79
C PHE A 58 2.97 -3.89 5.17
N LYS A 59 1.94 -4.62 5.59
CA LYS A 59 0.60 -4.37 5.13
C LYS A 59 0.18 -2.96 5.54
N ARG A 60 0.56 -2.58 6.76
CA ARG A 60 0.23 -1.25 7.28
C ARG A 60 0.93 -0.17 6.46
N ASP A 61 2.18 -0.43 6.09
CA ASP A 61 2.97 0.50 5.30
C ASP A 61 2.31 0.75 3.95
N ALA A 62 1.77 -0.31 3.36
CA ALA A 62 1.12 -0.22 2.05
C ALA A 62 -0.06 0.75 2.10
N ASP A 63 -0.83 0.68 3.17
CA ASP A 63 -1.98 1.56 3.34
C ASP A 63 -1.48 2.97 3.61
N ASP A 64 -0.48 3.05 4.46
CA ASP A 64 0.17 4.29 4.78
C ASP A 64 0.77 4.90 3.53
N LEU A 65 1.27 4.02 2.66
CA LEU A 65 1.90 4.46 1.40
C LEU A 65 0.87 5.22 0.58
N GLY A 66 -0.29 4.62 0.43
CA GLY A 66 -1.35 5.28 -0.29
C GLY A 66 -1.85 6.45 0.52
N LYS A 67 -1.86 6.27 1.85
CA LYS A 67 -2.31 7.32 2.76
C LYS A 67 -1.46 8.59 2.63
N TRP A 68 -0.14 8.41 2.60
CA TRP A 68 0.77 9.54 2.50
C TRP A 68 0.50 10.35 1.22
N ILE A 69 0.27 9.64 0.11
CA ILE A 69 -0.05 10.30 -1.15
C ILE A 69 -1.39 10.99 -1.04
N MET A 70 -2.31 10.31 -0.38
CA MET A 70 -3.67 10.79 -0.19
C MET A 70 -3.69 12.13 0.55
N GLU A 71 -2.77 12.29 1.48
CA GLU A 71 -2.69 13.52 2.26
C GLU A 71 -2.26 14.67 1.38
N LYS A 72 -1.18 14.42 0.63
CA LYS A 72 -0.67 15.43 -0.29
C LYS A 72 -1.67 15.70 -1.40
N VAL A 73 -2.32 14.65 -1.87
CA VAL A 73 -3.28 14.83 -2.95
C VAL A 73 -4.50 15.60 -2.47
N ASN A 74 -4.95 15.29 -1.27
CA ASN A 74 -6.09 15.96 -0.68
C ASN A 74 -5.78 17.43 -0.45
N ILE A 75 -4.58 17.69 0.09
CA ILE A 75 -4.14 19.05 0.31
C ILE A 75 -4.00 19.73 -1.05
N LEU A 76 -3.53 18.95 -2.04
CA LEU A 76 -3.40 19.46 -3.40
C LEU A 76 -4.76 19.86 -3.92
N THR A 77 -5.73 19.02 -3.60
CA THR A 77 -7.10 19.27 -3.96
C THR A 77 -7.62 20.44 -3.14
N ASP A 78 -7.13 20.52 -1.90
CA ASP A 78 -7.56 21.56 -0.99
C ASP A 78 -7.25 22.95 -1.51
N LYS A 79 -6.04 23.14 -2.02
CA LYS A 79 -5.69 24.43 -2.56
C LYS A 79 -6.61 24.76 -3.73
N SER A 80 -7.14 23.70 -4.35
CA SER A 80 -8.06 23.86 -5.48
C SER A 80 -9.31 24.63 -5.06
N TYR A 81 -9.81 24.31 -3.87
CA TYR A 81 -11.01 24.96 -3.36
C TYR A 81 -10.82 26.47 -3.25
N GLU A 82 -9.66 26.89 -2.73
CA GLU A 82 -9.35 28.30 -2.58
C GLU A 82 -7.85 28.54 -2.66
N ASP A 83 -7.47 29.75 -3.07
CA ASP A 83 -6.06 30.10 -3.18
C ASP A 83 -5.66 31.16 -2.15
N PRO A 84 -4.97 30.75 -1.08
CA PRO A 84 -4.51 31.68 -0.03
C PRO A 84 -3.74 32.85 -0.62
N THR A 85 -3.95 34.03 -0.05
CA THR A 85 -3.28 35.23 -0.51
C THR A 85 -1.80 35.22 -0.11
N ASN A 86 -1.51 34.75 1.09
CA ASN A 86 -0.14 34.69 1.59
C ASN A 86 0.61 33.52 0.97
N ILE A 87 1.74 33.84 0.34
CA ILE A 87 2.58 32.84 -0.32
C ILE A 87 3.30 31.94 0.71
N GLN A 88 3.78 32.53 1.80
CA GLN A 88 4.49 31.77 2.82
C GLN A 88 3.63 30.65 3.40
N GLY A 89 2.32 30.85 3.43
CA GLY A 89 1.44 29.82 3.97
C GLY A 89 1.51 28.54 3.16
N LYS A 90 1.38 28.66 1.84
CA LYS A 90 1.46 27.49 0.98
C LYS A 90 2.83 26.84 1.09
N TYR A 91 3.86 27.68 1.16
CA TYR A 91 5.23 27.20 1.27
C TYR A 91 5.43 26.38 2.54
N GLN A 92 4.81 26.85 3.63
CA GLN A 92 4.91 26.16 4.91
C GLN A 92 4.37 24.74 4.81
N LYS A 93 3.27 24.58 4.09
CA LYS A 93 2.66 23.27 3.90
C LYS A 93 3.65 22.34 3.22
N HIS A 94 4.38 22.89 2.24
CA HIS A 94 5.39 22.15 1.50
C HIS A 94 6.48 21.64 2.44
N GLN A 95 6.89 22.49 3.37
CA GLN A 95 7.92 22.15 4.33
C GLN A 95 7.54 20.95 5.19
N SER A 96 6.31 20.95 5.71
CA SER A 96 5.87 19.85 6.56
C SER A 96 5.92 18.55 5.79
N LEU A 97 5.45 18.62 4.57
CA LEU A 97 5.46 17.48 3.69
C LEU A 97 6.89 17.17 3.30
N GLU A 98 7.77 18.17 3.45
CA GLU A 98 9.18 18.00 3.11
C GLU A 98 9.78 16.94 4.01
N ALA A 99 9.45 17.04 5.29
CA ALA A 99 9.90 16.06 6.25
C ALA A 99 9.23 14.74 5.95
N GLU A 100 7.98 14.84 5.54
CA GLU A 100 7.17 13.68 5.21
C GLU A 100 7.78 12.91 4.03
N VAL A 101 8.28 13.65 3.04
CA VAL A 101 8.91 13.05 1.86
C VAL A 101 10.10 12.23 2.29
N GLN A 102 10.96 12.88 3.06
CA GLN A 102 12.15 12.25 3.59
C GLN A 102 11.75 11.12 4.50
N THR A 103 10.69 11.35 5.28
CA THR A 103 10.21 10.32 6.21
C THR A 103 9.68 9.12 5.46
N LYS A 104 8.89 9.38 4.44
CA LYS A 104 8.31 8.32 3.63
C LYS A 104 9.38 7.45 2.99
N SER A 105 10.43 8.10 2.52
CA SER A 105 11.54 7.40 1.88
C SER A 105 12.15 6.39 2.84
N ARG A 106 12.26 6.77 4.11
CA ARG A 106 12.82 5.88 5.11
C ARG A 106 11.94 4.65 5.25
N LEU A 107 10.65 4.89 5.18
CA LEU A 107 9.69 3.81 5.22
C LEU A 107 9.98 2.92 4.04
N MET A 108 10.49 3.53 2.98
CA MET A 108 10.88 2.78 1.80
C MET A 108 12.07 1.93 2.21
N SER A 109 12.92 2.52 3.04
CA SER A 109 14.10 1.83 3.55
C SER A 109 13.66 0.66 4.40
N GLU A 110 12.74 0.95 5.32
CA GLU A 110 12.18 -0.07 6.18
C GLU A 110 11.45 -1.10 5.34
N LEU A 111 10.75 -0.61 4.32
CA LEU A 111 10.01 -1.50 3.43
C LEU A 111 10.93 -2.49 2.73
N GLU A 112 12.11 -2.02 2.32
CA GLU A 112 13.08 -2.88 1.67
C GLU A 112 13.54 -3.93 2.65
N LYS A 113 13.87 -3.45 3.84
CA LYS A 113 14.28 -4.32 4.93
C LYS A 113 13.17 -5.30 5.22
N THR A 114 11.94 -4.79 5.14
CA THR A 114 10.76 -5.59 5.40
C THR A 114 10.67 -6.77 4.44
N ARG A 115 11.02 -6.53 3.19
CA ARG A 115 10.98 -7.58 2.19
C ARG A 115 11.93 -8.69 2.63
N GLU A 116 13.10 -8.28 3.11
CA GLU A 116 14.07 -9.22 3.63
C GLU A 116 13.53 -9.81 4.92
N GLU A 117 12.77 -9.00 5.65
CA GLU A 117 12.16 -9.43 6.90
C GLU A 117 11.23 -10.62 6.67
N ARG A 118 10.60 -10.64 5.50
CA ARG A 118 9.66 -11.72 5.15
C ARG A 118 10.35 -13.08 5.18
N PHE A 119 9.60 -14.09 5.61
CA PHE A 119 10.11 -15.45 5.72
C PHE A 119 10.12 -16.15 4.37
N THR A 120 10.92 -17.20 4.26
CA THR A 120 11.03 -17.96 3.03
C THR A 120 9.80 -18.85 2.83
N MET A 121 9.89 -19.74 1.84
CA MET A 121 8.78 -20.65 1.52
C MET A 121 7.63 -19.88 0.87
N GLY A 122 7.90 -18.65 0.47
CA GLY A 122 6.90 -17.81 -0.16
C GLY A 122 7.51 -16.94 -1.24
N HIS A 123 8.11 -17.57 -2.24
CA HIS A 123 8.76 -16.86 -3.33
C HIS A 123 7.74 -16.06 -4.14
N SER A 124 6.58 -16.65 -4.38
CA SER A 124 5.54 -15.98 -5.14
C SER A 124 5.10 -14.71 -4.47
N ALA A 125 4.98 -14.76 -3.14
CA ALA A 125 4.59 -13.58 -2.39
C ALA A 125 5.60 -12.47 -2.61
N HIS A 126 6.82 -12.86 -2.99
CA HIS A 126 7.89 -11.91 -3.26
C HIS A 126 7.53 -11.07 -4.47
N GLU A 127 7.04 -11.74 -5.51
CA GLU A 127 6.64 -11.06 -6.74
C GLU A 127 5.55 -10.04 -6.49
N GLU A 128 4.56 -10.40 -5.67
CA GLU A 128 3.46 -9.51 -5.36
C GLU A 128 3.95 -8.27 -4.62
N THR A 129 4.90 -8.46 -3.71
CA THR A 129 5.46 -7.36 -2.94
C THR A 129 6.24 -6.41 -3.85
N LYS A 130 7.05 -6.99 -4.73
CA LYS A 130 7.87 -6.19 -5.65
C LYS A 130 7.00 -5.32 -6.56
N ALA A 131 5.90 -5.87 -7.04
CA ALA A 131 5.01 -5.11 -7.92
C ALA A 131 4.27 -4.01 -7.16
N HIS A 132 3.84 -4.33 -5.95
CA HIS A 132 3.11 -3.38 -5.14
C HIS A 132 3.95 -2.13 -4.84
N ILE A 133 5.22 -2.35 -4.49
CA ILE A 133 6.12 -1.24 -4.19
C ILE A 133 6.46 -0.45 -5.46
N GLU A 134 6.68 -1.15 -6.57
CA GLU A 134 7.01 -0.48 -7.83
C GLU A 134 5.89 0.44 -8.28
N GLU A 135 4.64 0.01 -8.11
CA GLU A 135 3.50 0.82 -8.49
C GLU A 135 3.39 2.06 -7.61
N LEU A 136 3.65 1.87 -6.33
CA LEU A 136 3.58 2.95 -5.36
C LEU A 136 4.65 4.01 -5.67
N ARG A 137 5.83 3.54 -6.06
CA ARG A 137 6.94 4.43 -6.37
C ARG A 137 6.60 5.34 -7.55
N HIS A 138 5.93 4.79 -8.57
CA HIS A 138 5.55 5.58 -9.73
C HIS A 138 4.58 6.69 -9.32
N LEU A 139 3.61 6.31 -8.49
CA LEU A 139 2.62 7.26 -8.01
C LEU A 139 3.29 8.28 -7.08
N TRP A 140 4.20 7.78 -6.25
CA TRP A 140 4.93 8.61 -5.31
C TRP A 140 5.76 9.66 -6.03
N ASP A 141 6.39 9.26 -7.13
CA ASP A 141 7.22 10.17 -7.91
C ASP A 141 6.42 11.35 -8.43
N LEU A 142 5.22 11.07 -8.92
CA LEU A 142 4.35 12.11 -9.45
C LEU A 142 4.03 13.13 -8.37
N LEU A 143 3.63 12.63 -7.21
CA LEU A 143 3.30 13.51 -6.10
C LEU A 143 4.50 14.34 -5.68
N LEU A 144 5.67 13.70 -5.66
CA LEU A 144 6.91 14.36 -5.30
C LEU A 144 7.15 15.50 -6.27
N GLU A 145 7.05 15.18 -7.55
CA GLU A 145 7.19 16.17 -8.59
C GLU A 145 6.12 17.22 -8.40
N LEU A 146 4.92 16.76 -8.04
CA LEU A 146 3.80 17.67 -7.79
C LEU A 146 4.09 18.62 -6.64
N THR A 147 4.71 18.08 -5.61
CA THR A 147 5.05 18.85 -4.42
C THR A 147 6.13 19.85 -4.80
N LEU A 148 7.13 19.35 -5.52
CA LEU A 148 8.20 20.17 -6.02
C LEU A 148 7.63 21.22 -6.95
N GLU A 149 6.65 20.80 -7.73
CA GLU A 149 6.00 21.67 -8.71
C GLU A 149 5.36 22.89 -8.05
N LYS A 150 4.65 22.68 -6.95
CA LYS A 150 4.02 23.79 -6.25
C LYS A 150 5.07 24.68 -5.60
N GLY A 151 6.10 24.05 -5.04
CA GLY A 151 7.17 24.79 -4.40
C GLY A 151 7.88 25.72 -5.35
N ASP A 152 7.95 25.32 -6.62
CA ASP A 152 8.60 26.13 -7.66
C ASP A 152 7.90 27.47 -7.76
N GLN A 153 6.57 27.41 -7.78
CA GLN A 153 5.76 28.61 -7.83
C GLN A 153 5.93 29.36 -6.51
N LEU A 154 6.11 28.59 -5.44
CA LEU A 154 6.29 29.16 -4.11
C LEU A 154 7.62 29.89 -4.00
N LEU A 155 8.59 29.47 -4.82
CA LEU A 155 9.90 30.08 -4.81
C LEU A 155 9.85 31.52 -5.30
N ARG A 156 10.45 32.43 -4.54
CA ARG A 156 10.47 33.85 -4.88
C ARG A 156 9.04 34.39 -5.01
N MET A 1 35.83 -34.47 7.90
CA MET A 1 34.82 -33.40 7.71
C MET A 1 35.36 -32.03 8.10
N GLU A 2 36.69 -31.86 8.01
CA GLU A 2 37.32 -30.59 8.37
C GLU A 2 37.21 -29.58 7.24
N GLN A 3 36.77 -30.02 6.07
CA GLN A 3 36.63 -29.14 4.92
C GLN A 3 35.37 -28.30 5.02
N PHE A 4 35.44 -27.08 4.51
CA PHE A 4 34.31 -26.17 4.53
C PHE A 4 33.40 -26.41 3.32
N PRO A 5 32.07 -26.34 3.51
CA PRO A 5 31.11 -26.55 2.42
C PRO A 5 31.22 -25.48 1.35
N LYS A 6 31.27 -25.91 0.10
CA LYS A 6 31.37 -24.99 -1.03
C LYS A 6 31.09 -25.70 -2.34
N GLU A 7 30.39 -25.03 -3.26
CA GLU A 7 30.05 -25.61 -4.55
C GLU A 7 31.29 -25.66 -5.44
N THR A 8 31.53 -26.82 -6.05
CA THR A 8 32.69 -26.99 -6.92
C THR A 8 32.42 -26.41 -8.30
N VAL A 9 33.40 -25.68 -8.82
CA VAL A 9 33.29 -25.06 -10.14
C VAL A 9 33.76 -26.02 -11.23
N VAL A 10 32.88 -26.31 -12.17
CA VAL A 10 33.21 -27.21 -13.27
C VAL A 10 33.99 -26.49 -14.36
N GLU A 11 35.16 -27.02 -14.69
CA GLU A 11 36.02 -26.44 -15.71
C GLU A 11 35.51 -26.82 -17.10
N SER A 12 35.67 -25.91 -18.07
CA SER A 12 35.23 -26.17 -19.42
C SER A 12 36.11 -27.23 -20.09
N SER A 13 37.41 -27.15 -19.85
CA SER A 13 38.35 -28.11 -20.41
C SER A 13 38.32 -29.42 -19.64
N GLY A 14 38.17 -30.52 -20.35
CA GLY A 14 38.14 -31.81 -19.70
C GLY A 14 38.28 -32.97 -20.67
N PRO A 15 39.35 -32.99 -21.48
CA PRO A 15 39.57 -34.07 -22.44
C PRO A 15 40.11 -35.33 -21.77
N LYS A 16 39.36 -36.41 -21.84
CA LYS A 16 39.76 -37.68 -21.24
C LYS A 16 39.98 -37.54 -19.74
N VAL A 17 39.05 -36.88 -19.06
CA VAL A 17 39.16 -36.69 -17.60
C VAL A 17 38.82 -37.98 -16.86
N LEU A 18 39.70 -38.36 -15.93
CA LEU A 18 39.52 -39.56 -15.14
C LEU A 18 38.47 -39.35 -14.06
N GLU A 19 37.73 -40.41 -13.78
CA GLU A 19 36.74 -40.41 -12.73
C GLU A 19 37.12 -41.50 -11.76
N THR A 20 37.54 -41.07 -10.60
CA THR A 20 37.97 -41.97 -9.54
C THR A 20 36.80 -42.45 -8.71
N ALA A 21 36.93 -43.66 -8.19
CA ALA A 21 35.93 -44.28 -7.34
C ALA A 21 35.80 -43.44 -6.10
N GLU A 22 36.95 -43.09 -5.53
CA GLU A 22 36.99 -42.27 -4.36
C GLU A 22 36.56 -40.85 -4.72
N GLU A 23 37.02 -40.41 -5.90
CA GLU A 23 36.64 -39.06 -6.37
C GLU A 23 35.14 -38.99 -6.52
N ILE A 24 34.57 -40.00 -7.17
CA ILE A 24 33.14 -40.08 -7.36
C ILE A 24 32.50 -40.35 -6.01
N GLN A 25 33.12 -41.25 -5.25
CA GLN A 25 32.61 -41.63 -3.93
C GLN A 25 32.55 -40.42 -3.00
N GLU A 26 33.53 -39.54 -3.12
CA GLU A 26 33.58 -38.34 -2.29
C GLU A 26 32.34 -37.50 -2.56
N ARG A 27 32.01 -37.40 -3.84
CA ARG A 27 30.81 -36.69 -4.24
C ARG A 27 29.62 -37.48 -3.75
N ARG A 28 29.74 -38.81 -3.81
CA ARG A 28 28.66 -39.70 -3.36
C ARG A 28 28.34 -39.45 -1.90
N GLN A 29 29.37 -39.28 -1.09
CA GLN A 29 29.19 -39.02 0.34
C GLN A 29 28.40 -37.72 0.57
N GLU A 30 28.68 -36.71 -0.22
CA GLU A 30 28.00 -35.43 -0.10
C GLU A 30 26.50 -35.58 -0.31
N VAL A 31 26.13 -36.41 -1.28
CA VAL A 31 24.73 -36.64 -1.59
C VAL A 31 24.01 -37.20 -0.37
N LEU A 32 24.63 -38.19 0.27
CA LEU A 32 24.06 -38.80 1.46
C LEU A 32 23.85 -37.78 2.58
N THR A 33 24.84 -36.91 2.74
CA THR A 33 24.77 -35.88 3.77
C THR A 33 23.61 -34.93 3.50
N ARG A 34 23.42 -34.59 2.24
CA ARG A 34 22.34 -33.69 1.85
C ARG A 34 20.99 -34.26 2.25
N TYR A 35 20.81 -35.56 2.07
CA TYR A 35 19.56 -36.21 2.42
C TYR A 35 19.25 -36.04 3.90
N GLN A 36 20.26 -36.22 4.74
CA GLN A 36 20.10 -36.07 6.18
C GLN A 36 19.75 -34.64 6.52
N SER A 37 20.41 -33.70 5.85
CA SER A 37 20.18 -32.29 6.10
C SER A 37 18.73 -31.90 5.83
N PHE A 38 18.16 -32.47 4.77
CA PHE A 38 16.78 -32.18 4.41
C PHE A 38 15.88 -32.61 5.55
N LYS A 39 16.10 -33.83 6.01
CA LYS A 39 15.36 -34.35 7.14
C LYS A 39 15.66 -33.48 8.35
N GLU A 40 16.92 -33.07 8.47
CA GLU A 40 17.34 -32.24 9.58
C GLU A 40 16.62 -30.88 9.55
N ARG A 41 16.45 -30.33 8.36
CA ARG A 41 15.80 -29.04 8.18
C ARG A 41 14.33 -29.08 8.55
N VAL A 42 13.65 -30.16 8.20
CA VAL A 42 12.22 -30.28 8.49
C VAL A 42 11.96 -30.44 9.98
N ALA A 43 12.80 -31.23 10.64
CA ALA A 43 12.63 -31.46 12.07
C ALA A 43 12.78 -30.17 12.87
N GLU A 44 13.85 -29.43 12.56
CA GLU A 44 14.12 -28.16 13.25
C GLU A 44 13.00 -27.17 13.04
N ARG A 45 12.51 -27.10 11.82
CA ARG A 45 11.45 -26.18 11.47
C ARG A 45 10.18 -26.45 12.27
N GLY A 46 9.86 -27.72 12.46
CA GLY A 46 8.67 -28.09 13.21
C GLY A 46 7.38 -27.77 12.49
N GLN A 47 6.31 -27.55 13.23
CA GLN A 47 5.03 -27.24 12.64
C GLN A 47 4.99 -25.79 12.17
N LYS A 48 4.82 -25.61 10.87
CA LYS A 48 4.76 -24.28 10.28
C LYS A 48 3.37 -23.68 10.45
N LEU A 49 3.31 -22.36 10.49
CA LEU A 49 2.04 -21.65 10.63
C LEU A 49 1.30 -21.56 9.30
N GLU A 50 2.02 -21.86 8.20
CA GLU A 50 1.44 -21.81 6.85
C GLU A 50 1.41 -20.37 6.32
N ASP A 51 0.98 -19.44 7.17
CA ASP A 51 0.91 -18.03 6.79
C ASP A 51 1.05 -17.14 8.03
N SER A 52 2.21 -16.50 8.15
CA SER A 52 2.48 -15.61 9.27
C SER A 52 1.63 -14.35 9.21
N TYR A 53 1.15 -13.90 10.35
CA TYR A 53 0.34 -12.69 10.43
C TYR A 53 1.16 -11.48 10.00
N HIS A 54 2.48 -11.63 10.06
CA HIS A 54 3.41 -10.56 9.70
C HIS A 54 3.22 -10.11 8.24
N LEU A 55 2.97 -11.06 7.37
CA LEU A 55 2.75 -10.76 5.96
C LEU A 55 1.56 -9.84 5.85
N GLN A 56 0.52 -10.19 6.59
CA GLN A 56 -0.67 -9.38 6.65
C GLN A 56 -0.33 -8.05 7.31
N VAL A 57 0.58 -8.12 8.28
CA VAL A 57 1.03 -6.92 8.99
C VAL A 57 1.69 -6.00 7.99
N PHE A 58 2.51 -6.60 7.14
CA PHE A 58 3.17 -5.89 6.07
C PHE A 58 2.09 -5.31 5.19
N LYS A 59 1.04 -6.10 4.99
CA LYS A 59 -0.09 -5.66 4.19
C LYS A 59 -0.76 -4.47 4.87
N ARG A 60 -0.85 -4.55 6.21
CA ARG A 60 -1.47 -3.49 7.00
C ARG A 60 -0.69 -2.18 6.88
N ASP A 61 0.64 -2.28 6.91
CA ASP A 61 1.49 -1.10 6.82
C ASP A 61 1.26 -0.37 5.51
N ALA A 62 1.08 -1.13 4.44
CA ALA A 62 0.85 -0.56 3.13
C ALA A 62 -0.41 0.29 3.11
N ASP A 63 -1.45 -0.19 3.77
CA ASP A 63 -2.72 0.53 3.84
C ASP A 63 -2.51 1.84 4.57
N ASP A 64 -1.90 1.74 5.74
CA ASP A 64 -1.58 2.91 6.53
C ASP A 64 -0.62 3.79 5.75
N LEU A 65 0.29 3.13 5.04
CA LEU A 65 1.28 3.81 4.21
C LEU A 65 0.55 4.63 3.16
N GLY A 66 -0.39 3.97 2.50
CA GLY A 66 -1.19 4.63 1.50
C GLY A 66 -2.03 5.70 2.14
N LYS A 67 -2.43 5.46 3.39
CA LYS A 67 -3.25 6.43 4.13
C LYS A 67 -2.51 7.76 4.27
N TRP A 68 -1.23 7.67 4.55
CA TRP A 68 -0.39 8.86 4.70
C TRP A 68 -0.38 9.67 3.41
N ILE A 69 -0.34 8.98 2.27
CA ILE A 69 -0.34 9.64 0.97
C ILE A 69 -1.60 10.46 0.80
N MET A 70 -2.72 9.90 1.27
CA MET A 70 -4.01 10.57 1.18
C MET A 70 -3.98 11.90 1.93
N GLU A 71 -3.24 11.93 3.03
CA GLU A 71 -3.12 13.15 3.81
C GLU A 71 -2.52 14.22 2.92
N LYS A 72 -1.45 13.84 2.25
CA LYS A 72 -0.79 14.71 1.31
C LYS A 72 -1.76 15.09 0.21
N VAL A 73 -2.62 14.14 -0.14
CA VAL A 73 -3.60 14.39 -1.18
C VAL A 73 -4.55 15.50 -0.76
N ASN A 74 -4.96 15.44 0.49
CA ASN A 74 -5.87 16.44 1.05
C ASN A 74 -5.24 17.81 1.01
N ILE A 75 -4.01 17.91 1.51
CA ILE A 75 -3.30 19.17 1.46
C ILE A 75 -3.07 19.53 0.01
N LEU A 76 -2.81 18.50 -0.80
CA LEU A 76 -2.57 18.70 -2.22
C LEU A 76 -3.81 19.31 -2.84
N THR A 77 -4.96 18.80 -2.43
CA THR A 77 -6.21 19.35 -2.90
C THR A 77 -6.41 20.73 -2.29
N ASP A 78 -5.87 20.92 -1.09
CA ASP A 78 -6.01 22.18 -0.40
C ASP A 78 -5.42 23.33 -1.19
N LYS A 79 -4.28 23.11 -1.83
CA LYS A 79 -3.68 24.15 -2.63
C LYS A 79 -4.62 24.49 -3.78
N SER A 80 -5.45 23.51 -4.14
CA SER A 80 -6.42 23.69 -5.20
C SER A 80 -7.43 24.78 -4.86
N TYR A 81 -7.85 24.81 -3.60
CA TYR A 81 -8.83 25.78 -3.13
C TYR A 81 -8.38 27.22 -3.36
N GLU A 82 -7.11 27.52 -3.07
CA GLU A 82 -6.58 28.88 -3.27
C GLU A 82 -5.50 28.89 -4.34
N ASP A 83 -5.46 29.95 -5.14
CA ASP A 83 -4.47 30.07 -6.20
C ASP A 83 -3.61 31.33 -6.02
N PRO A 84 -3.05 31.54 -4.83
CA PRO A 84 -2.21 32.70 -4.53
C PRO A 84 -0.76 32.48 -4.97
N THR A 85 -0.08 33.55 -5.34
CA THR A 85 1.31 33.44 -5.78
C THR A 85 2.24 33.44 -4.57
N ASN A 86 2.41 34.60 -3.96
CA ASN A 86 3.25 34.74 -2.78
C ASN A 86 2.55 34.20 -1.54
N ILE A 87 3.15 33.23 -0.88
CA ILE A 87 2.55 32.66 0.32
C ILE A 87 3.58 31.88 1.14
N GLN A 88 4.25 32.59 2.05
CA GLN A 88 5.26 31.99 2.90
C GLN A 88 4.70 30.87 3.79
N GLY A 89 3.50 31.06 4.32
CA GLY A 89 2.91 30.06 5.21
C GLY A 89 2.57 28.75 4.51
N LYS A 90 1.82 28.83 3.42
CA LYS A 90 1.43 27.63 2.67
C LYS A 90 2.67 26.89 2.17
N TYR A 91 3.67 27.65 1.72
CA TYR A 91 4.90 27.06 1.22
C TYR A 91 5.57 26.24 2.33
N GLN A 92 5.54 26.79 3.54
CA GLN A 92 6.12 26.14 4.71
C GLN A 92 5.43 24.83 5.06
N LYS A 93 4.10 24.80 4.95
CA LYS A 93 3.33 23.60 5.30
C LYS A 93 3.75 22.39 4.46
N HIS A 94 3.85 22.57 3.15
CA HIS A 94 4.26 21.47 2.29
C HIS A 94 5.71 21.09 2.53
N GLN A 95 6.56 22.09 2.74
CA GLN A 95 7.98 21.85 2.97
C GLN A 95 8.19 20.99 4.21
N SER A 96 7.47 21.29 5.28
CA SER A 96 7.60 20.52 6.52
C SER A 96 7.22 19.09 6.24
N LEU A 97 6.20 18.92 5.44
CA LEU A 97 5.74 17.61 5.06
C LEU A 97 6.77 16.98 4.13
N GLU A 98 7.60 17.85 3.53
CA GLU A 98 8.64 17.37 2.61
C GLU A 98 9.59 16.47 3.37
N ALA A 99 9.93 16.92 4.57
CA ALA A 99 10.78 16.16 5.45
C ALA A 99 10.03 14.90 5.84
N GLU A 100 8.72 15.05 6.02
CA GLU A 100 7.86 13.94 6.39
C GLU A 100 7.89 12.86 5.31
N VAL A 101 7.90 13.30 4.06
CA VAL A 101 7.94 12.39 2.92
C VAL A 101 9.20 11.57 3.01
N GLN A 102 10.30 12.25 3.27
CA GLN A 102 11.58 11.60 3.44
C GLN A 102 11.46 10.65 4.62
N THR A 103 10.75 11.09 5.65
CA THR A 103 10.56 10.26 6.83
C THR A 103 9.76 9.00 6.49
N LYS A 104 8.66 9.20 5.78
CA LYS A 104 7.81 8.11 5.36
C LYS A 104 8.59 7.13 4.48
N SER A 105 9.42 7.69 3.60
CA SER A 105 10.24 6.88 2.69
C SER A 105 11.12 5.92 3.48
N ARG A 106 11.63 6.37 4.61
CA ARG A 106 12.46 5.52 5.44
C ARG A 106 11.68 4.31 5.88
N LEU A 107 10.43 4.54 6.21
CA LEU A 107 9.52 3.47 6.57
C LEU A 107 9.45 2.56 5.38
N MET A 108 9.59 3.17 4.20
CA MET A 108 9.62 2.42 2.97
C MET A 108 10.89 1.59 2.97
N SER A 109 11.95 2.22 3.47
CA SER A 109 13.26 1.56 3.57
C SER A 109 13.15 0.34 4.47
N GLU A 110 12.53 0.56 5.62
CA GLU A 110 12.31 -0.53 6.56
C GLU A 110 11.30 -1.49 5.95
N LEU A 111 10.32 -0.91 5.27
CA LEU A 111 9.27 -1.69 4.62
C LEU A 111 9.83 -2.66 3.57
N GLU A 112 10.82 -2.21 2.81
CA GLU A 112 11.43 -3.07 1.80
C GLU A 112 12.21 -4.16 2.49
N LYS A 113 12.91 -3.76 3.54
CA LYS A 113 13.67 -4.68 4.37
C LYS A 113 12.71 -5.70 4.97
N THR A 114 11.52 -5.21 5.31
CA THR A 114 10.48 -6.04 5.92
C THR A 114 10.09 -7.18 4.98
N ARG A 115 10.01 -6.88 3.70
CA ARG A 115 9.66 -7.89 2.71
C ARG A 115 10.68 -9.01 2.76
N GLU A 116 11.94 -8.60 2.82
CA GLU A 116 13.03 -9.54 2.90
C GLU A 116 12.97 -10.23 4.26
N GLU A 117 12.50 -9.48 5.26
CA GLU A 117 12.39 -10.01 6.62
C GLU A 117 11.46 -11.23 6.66
N ARG A 118 10.34 -11.14 5.94
CA ARG A 118 9.38 -12.25 5.90
C ARG A 118 9.49 -13.03 4.59
N PHE A 119 9.37 -14.35 4.69
CA PHE A 119 9.45 -15.20 3.51
C PHE A 119 10.79 -15.05 2.80
N THR A 120 11.85 -15.47 3.47
CA THR A 120 13.19 -15.37 2.92
C THR A 120 13.42 -16.43 1.84
N MET A 121 14.33 -16.14 0.93
CA MET A 121 14.65 -17.05 -0.17
C MET A 121 13.48 -17.18 -1.15
N GLY A 122 12.48 -16.31 -0.99
CA GLY A 122 11.34 -16.34 -1.88
C GLY A 122 11.40 -15.27 -2.93
N HIS A 123 11.94 -15.60 -4.10
CA HIS A 123 12.06 -14.64 -5.19
C HIS A 123 10.70 -14.24 -5.73
N SER A 124 9.79 -15.21 -5.85
CA SER A 124 8.45 -14.94 -6.37
C SER A 124 7.70 -14.01 -5.45
N ALA A 125 7.86 -14.20 -4.16
CA ALA A 125 7.20 -13.33 -3.19
C ALA A 125 7.70 -11.91 -3.37
N HIS A 126 8.88 -11.79 -3.97
CA HIS A 126 9.48 -10.48 -4.22
C HIS A 126 8.67 -9.72 -5.26
N GLU A 127 8.25 -10.43 -6.30
CA GLU A 127 7.48 -9.83 -7.37
C GLU A 127 6.16 -9.26 -6.88
N GLU A 128 5.47 -9.99 -6.01
CA GLU A 128 4.19 -9.54 -5.48
C GLU A 128 4.37 -8.32 -4.59
N THR A 129 5.39 -8.38 -3.74
CA THR A 129 5.67 -7.30 -2.84
C THR A 129 6.26 -6.09 -3.58
N LYS A 130 7.17 -6.36 -4.52
CA LYS A 130 7.82 -5.31 -5.30
C LYS A 130 6.79 -4.48 -6.08
N ALA A 131 5.79 -5.16 -6.63
CA ALA A 131 4.77 -4.48 -7.41
C ALA A 131 3.94 -3.54 -6.53
N HIS A 132 3.59 -4.02 -5.35
CA HIS A 132 2.79 -3.23 -4.43
C HIS A 132 3.49 -1.92 -4.06
N ILE A 133 4.77 -2.02 -3.71
CA ILE A 133 5.55 -0.85 -3.33
C ILE A 133 5.82 0.05 -4.53
N GLU A 134 6.03 -0.57 -5.69
CA GLU A 134 6.31 0.18 -6.91
C GLU A 134 5.16 1.12 -7.24
N GLU A 135 3.93 0.60 -7.16
CA GLU A 135 2.76 1.41 -7.44
C GLU A 135 2.69 2.59 -6.48
N LEU A 136 2.98 2.31 -5.22
CA LEU A 136 2.98 3.34 -4.17
C LEU A 136 4.00 4.42 -4.48
N ARG A 137 5.16 4.01 -4.97
CA ARG A 137 6.23 4.93 -5.30
C ARG A 137 5.79 5.92 -6.37
N HIS A 138 5.05 5.43 -7.36
CA HIS A 138 4.57 6.29 -8.44
C HIS A 138 3.69 7.41 -7.90
N LEU A 139 2.85 7.08 -6.93
CA LEU A 139 1.98 8.09 -6.32
C LEU A 139 2.81 9.17 -5.66
N TRP A 140 3.88 8.76 -5.00
CA TRP A 140 4.79 9.66 -4.32
C TRP A 140 5.42 10.65 -5.29
N ASP A 141 5.84 10.13 -6.44
CA ASP A 141 6.48 10.95 -7.44
C ASP A 141 5.55 12.06 -7.90
N LEU A 142 4.30 11.71 -8.15
CA LEU A 142 3.33 12.71 -8.58
C LEU A 142 3.20 13.79 -7.51
N LEU A 143 3.00 13.37 -6.26
CA LEU A 143 2.86 14.31 -5.15
C LEU A 143 4.12 15.16 -5.01
N LEU A 144 5.27 14.54 -5.19
CA LEU A 144 6.54 15.25 -5.11
C LEU A 144 6.59 16.30 -6.20
N GLU A 145 6.24 15.87 -7.40
CA GLU A 145 6.17 16.76 -8.55
C GLU A 145 5.15 17.85 -8.25
N LEU A 146 4.05 17.44 -7.61
CA LEU A 146 2.98 18.36 -7.25
C LEU A 146 3.49 19.47 -6.33
N THR A 147 4.35 19.10 -5.39
CA THR A 147 4.91 20.07 -4.45
C THR A 147 5.81 21.01 -5.21
N LEU A 148 6.66 20.43 -6.05
CA LEU A 148 7.55 21.18 -6.90
C LEU A 148 6.73 22.06 -7.82
N GLU A 149 5.62 21.50 -8.28
CA GLU A 149 4.72 22.21 -9.17
C GLU A 149 4.20 23.49 -8.53
N LYS A 150 3.80 23.40 -7.27
CA LYS A 150 3.31 24.56 -6.55
C LYS A 150 4.37 25.64 -6.48
N GLY A 151 5.59 25.23 -6.15
CA GLY A 151 6.70 26.17 -6.07
C GLY A 151 6.96 26.87 -7.38
N ASP A 152 6.79 26.12 -8.48
CA ASP A 152 7.00 26.65 -9.82
C ASP A 152 6.06 27.81 -10.03
N GLN A 153 4.81 27.62 -9.62
CA GLN A 153 3.81 28.65 -9.72
C GLN A 153 4.16 29.76 -8.73
N LEU A 154 4.77 29.35 -7.61
CA LEU A 154 5.17 30.28 -6.57
C LEU A 154 6.31 31.18 -7.05
N LEU A 155 7.10 30.66 -7.99
CA LEU A 155 8.23 31.40 -8.53
C LEU A 155 7.76 32.60 -9.35
N ARG A 156 8.43 33.73 -9.17
CA ARG A 156 8.08 34.95 -9.88
C ARG A 156 9.31 35.83 -10.08
N MET A 1 -40.76 37.56 -18.26
CA MET A 1 -39.34 37.51 -17.80
C MET A 1 -38.70 36.18 -18.16
N GLU A 2 -37.70 36.22 -19.03
CA GLU A 2 -36.99 35.03 -19.46
C GLU A 2 -36.11 34.48 -18.35
N GLN A 3 -35.61 35.39 -17.50
CA GLN A 3 -34.75 34.99 -16.39
C GLN A 3 -35.55 34.35 -15.27
N PHE A 4 -35.11 33.17 -14.82
CA PHE A 4 -35.79 32.46 -13.75
C PHE A 4 -35.30 32.93 -12.38
N PRO A 5 -36.18 33.56 -11.58
CA PRO A 5 -35.83 34.06 -10.25
C PRO A 5 -35.81 32.95 -9.20
N LYS A 6 -34.77 32.93 -8.37
CA LYS A 6 -34.64 31.93 -7.33
C LYS A 6 -35.59 32.23 -6.17
N GLU A 7 -36.28 31.19 -5.69
CA GLU A 7 -37.23 31.34 -4.59
C GLU A 7 -36.60 30.89 -3.28
N THR A 8 -36.61 31.78 -2.29
CA THR A 8 -36.05 31.48 -0.97
C THR A 8 -37.03 30.66 -0.14
N VAL A 9 -36.53 29.62 0.52
CA VAL A 9 -37.37 28.77 1.35
C VAL A 9 -37.53 29.34 2.75
N VAL A 10 -38.76 29.38 3.23
CA VAL A 10 -39.06 29.91 4.56
C VAL A 10 -38.77 28.88 5.64
N GLU A 11 -38.03 29.30 6.66
CA GLU A 11 -37.68 28.41 7.77
C GLU A 11 -38.87 28.25 8.71
N SER A 12 -39.00 27.05 9.29
CA SER A 12 -40.10 26.78 10.22
C SER A 12 -39.80 27.33 11.61
N SER A 13 -38.56 27.77 11.83
CA SER A 13 -38.16 28.33 13.12
C SER A 13 -38.57 27.42 14.27
N GLY A 14 -38.39 26.12 14.11
CA GLY A 14 -38.76 25.18 15.15
C GLY A 14 -37.64 24.96 16.15
N PRO A 15 -37.74 25.56 17.35
CA PRO A 15 -36.72 25.42 18.39
C PRO A 15 -36.87 24.12 19.18
N LYS A 16 -35.74 23.56 19.59
CA LYS A 16 -35.74 22.32 20.36
C LYS A 16 -36.29 21.16 19.52
N VAL A 17 -35.44 20.15 19.30
CA VAL A 17 -35.84 19.00 18.51
C VAL A 17 -36.76 18.08 19.30
N LEU A 18 -37.85 17.66 18.67
CA LEU A 18 -38.81 16.80 19.32
C LEU A 18 -38.31 15.36 19.42
N GLU A 19 -38.40 14.79 20.62
CA GLU A 19 -38.00 13.43 20.85
C GLU A 19 -39.19 12.67 21.39
N THR A 20 -39.70 11.81 20.56
CA THR A 20 -40.87 10.99 20.90
C THR A 20 -40.48 9.77 21.73
N ALA A 21 -41.47 9.20 22.40
CA ALA A 21 -41.27 8.01 23.22
C ALA A 21 -40.80 6.88 22.35
N GLU A 22 -41.49 6.70 21.24
CA GLU A 22 -41.12 5.68 20.29
C GLU A 22 -39.85 6.09 19.57
N GLU A 23 -39.76 7.39 19.25
CA GLU A 23 -38.57 7.89 18.58
C GLU A 23 -37.36 7.70 19.47
N ILE A 24 -37.51 8.09 20.73
CA ILE A 24 -36.46 7.93 21.72
C ILE A 24 -36.29 6.45 22.01
N GLN A 25 -37.42 5.75 22.12
CA GLN A 25 -37.39 4.31 22.41
C GLN A 25 -36.64 3.56 21.32
N GLU A 26 -36.85 3.96 20.08
CA GLU A 26 -36.17 3.33 18.96
C GLU A 26 -34.67 3.50 19.15
N ARG A 27 -34.29 4.73 19.42
CA ARG A 27 -32.90 5.07 19.70
C ARG A 27 -32.45 4.28 20.91
N ARG A 28 -33.36 4.16 21.89
CA ARG A 28 -33.05 3.43 23.12
C ARG A 28 -32.68 1.98 22.84
N GLN A 29 -33.46 1.33 21.98
CA GLN A 29 -33.22 -0.06 21.62
C GLN A 29 -31.85 -0.24 20.96
N GLU A 30 -31.50 0.67 20.06
CA GLU A 30 -30.23 0.59 19.36
C GLU A 30 -29.06 0.75 20.32
N VAL A 31 -29.21 1.67 21.26
CA VAL A 31 -28.16 1.92 22.23
C VAL A 31 -27.86 0.67 23.04
N LEU A 32 -28.90 0.03 23.55
CA LEU A 32 -28.75 -1.19 24.35
C LEU A 32 -28.06 -2.29 23.57
N THR A 33 -28.42 -2.42 22.30
CA THR A 33 -27.85 -3.46 21.45
C THR A 33 -26.36 -3.23 21.25
N ARG A 34 -25.97 -1.97 21.07
CA ARG A 34 -24.57 -1.62 20.86
C ARG A 34 -23.72 -1.98 22.07
N TYR A 35 -24.22 -1.72 23.28
CA TYR A 35 -23.49 -2.03 24.49
C TYR A 35 -23.20 -3.53 24.58
N GLN A 36 -24.20 -4.35 24.28
CA GLN A 36 -24.03 -5.79 24.32
C GLN A 36 -23.12 -6.27 23.20
N SER A 37 -23.30 -5.68 22.02
CA SER A 37 -22.49 -6.04 20.86
C SER A 37 -21.02 -5.77 21.11
N PHE A 38 -20.73 -4.66 21.76
CA PHE A 38 -19.35 -4.28 22.07
C PHE A 38 -18.75 -5.35 22.95
N LYS A 39 -19.49 -5.69 23.99
CA LYS A 39 -19.09 -6.75 24.90
C LYS A 39 -18.98 -8.05 24.13
N GLU A 40 -19.94 -8.24 23.21
CA GLU A 40 -19.96 -9.43 22.37
C GLU A 40 -18.70 -9.53 21.52
N ARG A 41 -18.27 -8.41 20.97
CA ARG A 41 -17.09 -8.36 20.12
C ARG A 41 -15.85 -8.82 20.87
N VAL A 42 -15.73 -8.43 22.13
CA VAL A 42 -14.57 -8.81 22.93
C VAL A 42 -14.55 -10.32 23.16
N ALA A 43 -15.69 -10.86 23.56
CA ALA A 43 -15.82 -12.28 23.81
C ALA A 43 -15.56 -13.11 22.55
N GLU A 44 -16.06 -12.62 21.42
CA GLU A 44 -15.90 -13.31 20.14
C GLU A 44 -14.42 -13.48 19.77
N ARG A 45 -13.62 -12.45 20.02
CA ARG A 45 -12.20 -12.50 19.70
C ARG A 45 -11.49 -13.64 20.42
N GLY A 46 -11.86 -13.86 21.68
CA GLY A 46 -11.25 -14.92 22.45
C GLY A 46 -9.73 -14.80 22.53
N GLN A 47 -9.07 -15.89 22.87
CA GLN A 47 -7.62 -15.89 22.98
C GLN A 47 -6.99 -15.98 21.59
N LYS A 48 -6.26 -14.95 21.21
CA LYS A 48 -5.60 -14.91 19.91
C LYS A 48 -4.25 -15.61 19.96
N LEU A 49 -3.85 -16.20 18.84
CA LEU A 49 -2.56 -16.90 18.74
C LEU A 49 -1.41 -15.91 18.82
N GLU A 50 -1.59 -14.77 18.14
CA GLU A 50 -0.59 -13.70 18.10
C GLU A 50 0.43 -13.90 16.98
N ASP A 51 0.16 -13.26 15.86
CA ASP A 51 1.04 -13.33 14.70
C ASP A 51 2.17 -12.31 14.84
N SER A 52 3.22 -12.45 14.05
CA SER A 52 4.34 -11.52 14.11
C SER A 52 3.89 -10.17 13.58
N TYR A 53 4.06 -9.14 14.40
CA TYR A 53 3.67 -7.80 14.02
C TYR A 53 4.46 -7.35 12.79
N HIS A 54 5.58 -8.04 12.53
CA HIS A 54 6.45 -7.71 11.39
C HIS A 54 5.74 -7.84 10.05
N LEU A 55 4.95 -8.89 9.89
CA LEU A 55 4.21 -9.11 8.65
C LEU A 55 3.12 -8.08 8.51
N GLN A 56 2.38 -7.90 9.60
CA GLN A 56 1.29 -6.96 9.65
C GLN A 56 1.81 -5.54 9.51
N VAL A 57 2.95 -5.26 10.11
CA VAL A 57 3.51 -3.91 10.02
C VAL A 57 3.89 -3.62 8.60
N PHE A 58 4.50 -4.62 7.99
CA PHE A 58 4.87 -4.54 6.60
C PHE A 58 3.59 -4.30 5.82
N LYS A 59 2.54 -4.97 6.27
CA LYS A 59 1.23 -4.84 5.64
C LYS A 59 0.68 -3.43 5.87
N ARG A 60 0.88 -2.92 7.08
CA ARG A 60 0.43 -1.60 7.45
C ARG A 60 1.16 -0.52 6.65
N ASP A 61 2.46 -0.72 6.45
CA ASP A 61 3.26 0.25 5.72
C ASP A 61 2.73 0.44 4.30
N ALA A 62 2.32 -0.67 3.67
CA ALA A 62 1.78 -0.61 2.32
C ALA A 62 0.53 0.26 2.26
N ASP A 63 -0.33 0.08 3.25
CA ASP A 63 -1.58 0.84 3.36
C ASP A 63 -1.26 2.27 3.74
N ASP A 64 -0.44 2.40 4.78
CA ASP A 64 -0.02 3.70 5.27
C ASP A 64 0.72 4.43 4.17
N LEU A 65 1.48 3.67 3.38
CA LEU A 65 2.25 4.26 2.29
C LEU A 65 1.30 4.94 1.32
N GLY A 66 0.27 4.20 0.95
CA GLY A 66 -0.75 4.74 0.08
C GLY A 66 -1.52 5.81 0.81
N LYS A 67 -1.68 5.60 2.13
CA LYS A 67 -2.39 6.54 2.97
C LYS A 67 -1.71 7.90 2.94
N TRP A 68 -0.40 7.88 3.01
CA TRP A 68 0.38 9.10 2.98
C TRP A 68 0.13 9.87 1.69
N ILE A 69 0.02 9.17 0.56
CA ILE A 69 -0.24 9.81 -0.72
C ILE A 69 -1.61 10.46 -0.71
N MET A 70 -2.56 9.76 -0.10
CA MET A 70 -3.93 10.24 0.00
C MET A 70 -4.03 11.57 0.74
N GLU A 71 -3.18 11.74 1.75
CA GLU A 71 -3.17 12.97 2.52
C GLU A 71 -2.61 14.11 1.69
N LYS A 72 -1.45 13.85 1.11
CA LYS A 72 -0.79 14.82 0.26
C LYS A 72 -1.64 15.12 -0.96
N VAL A 73 -2.27 14.10 -1.52
CA VAL A 73 -3.11 14.30 -2.71
C VAL A 73 -4.34 15.13 -2.39
N ASN A 74 -4.98 14.84 -1.26
CA ASN A 74 -6.18 15.58 -0.87
C ASN A 74 -5.84 17.04 -0.69
N ILE A 75 -4.76 17.31 0.04
CA ILE A 75 -4.29 18.65 0.22
C ILE A 75 -3.86 19.18 -1.14
N LEU A 76 -3.26 18.28 -1.93
CA LEU A 76 -2.82 18.65 -3.27
C LEU A 76 -4.00 19.09 -4.10
N THR A 77 -5.11 18.36 -3.95
CA THR A 77 -6.32 18.71 -4.65
C THR A 77 -6.89 19.98 -4.04
N ASP A 78 -6.62 20.18 -2.76
CA ASP A 78 -7.12 21.36 -2.06
C ASP A 78 -6.63 22.65 -2.69
N LYS A 79 -5.37 22.69 -3.07
CA LYS A 79 -4.84 23.88 -3.71
C LYS A 79 -5.58 24.09 -5.01
N SER A 80 -6.10 22.99 -5.56
CA SER A 80 -6.84 23.03 -6.81
C SER A 80 -8.09 23.89 -6.68
N TYR A 81 -8.83 23.67 -5.60
CA TYR A 81 -10.06 24.42 -5.36
C TYR A 81 -9.77 25.92 -5.24
N GLU A 82 -8.78 26.28 -4.44
CA GLU A 82 -8.40 27.68 -4.26
C GLU A 82 -6.88 27.83 -4.23
N ASP A 83 -6.40 29.02 -4.57
CA ASP A 83 -4.97 29.28 -4.60
C ASP A 83 -4.62 30.56 -3.84
N PRO A 84 -4.64 30.52 -2.50
CA PRO A 84 -4.31 31.69 -1.68
C PRO A 84 -2.96 32.29 -2.06
N THR A 85 -2.86 33.61 -1.93
CA THR A 85 -1.62 34.31 -2.27
C THR A 85 -0.63 34.28 -1.10
N ASN A 86 -1.04 33.71 0.02
CA ASN A 86 -0.18 33.64 1.20
C ASN A 86 0.87 32.55 1.05
N ILE A 87 2.10 32.96 0.86
CA ILE A 87 3.22 32.03 0.69
C ILE A 87 3.54 31.29 2.00
N GLN A 88 3.47 32.01 3.12
CA GLN A 88 3.77 31.42 4.42
C GLN A 88 2.84 30.26 4.74
N GLY A 89 1.56 30.38 4.41
CA GLY A 89 0.64 29.29 4.71
C GLY A 89 0.92 28.08 3.84
N LYS A 90 0.94 28.28 2.52
CA LYS A 90 1.22 27.21 1.59
C LYS A 90 2.60 26.63 1.83
N TYR A 91 3.55 27.52 2.11
CA TYR A 91 4.93 27.11 2.33
C TYR A 91 5.04 26.15 3.52
N GLN A 92 4.28 26.41 4.56
CA GLN A 92 4.29 25.56 5.75
C GLN A 92 3.72 24.17 5.47
N LYS A 93 2.67 24.10 4.67
CA LYS A 93 2.04 22.84 4.37
C LYS A 93 3.02 21.88 3.69
N HIS A 94 3.71 22.35 2.66
CA HIS A 94 4.67 21.52 1.94
C HIS A 94 5.91 21.19 2.77
N GLN A 95 6.41 22.16 3.53
CA GLN A 95 7.62 21.93 4.33
C GLN A 95 7.41 20.80 5.33
N SER A 96 6.24 20.77 5.96
CA SER A 96 5.95 19.69 6.91
C SER A 96 5.93 18.37 6.19
N LEU A 97 5.30 18.38 5.03
CA LEU A 97 5.23 17.21 4.20
C LEU A 97 6.62 16.93 3.63
N GLU A 98 7.48 17.96 3.64
CA GLU A 98 8.85 17.82 3.14
C GLU A 98 9.58 16.80 3.98
N ALA A 99 9.41 16.91 5.28
CA ALA A 99 9.99 15.98 6.20
C ALA A 99 9.31 14.63 6.04
N GLU A 100 8.00 14.70 5.79
CA GLU A 100 7.18 13.51 5.62
C GLU A 100 7.54 12.75 4.34
N VAL A 101 7.79 13.48 3.26
CA VAL A 101 8.16 12.86 1.98
C VAL A 101 9.44 12.07 2.19
N GLN A 102 10.40 12.73 2.81
CA GLN A 102 11.66 12.11 3.13
C GLN A 102 11.42 10.94 4.05
N THR A 103 10.49 11.15 5.00
CA THR A 103 10.16 10.11 5.95
C THR A 103 9.62 8.87 5.24
N LYS A 104 8.68 9.08 4.33
CA LYS A 104 8.09 7.98 3.57
C LYS A 104 9.14 7.22 2.78
N SER A 105 10.08 7.97 2.20
CA SER A 105 11.15 7.37 1.41
C SER A 105 11.98 6.43 2.27
N ARG A 106 12.23 6.83 3.51
CA ARG A 106 13.01 6.01 4.42
C ARG A 106 12.26 4.73 4.75
N LEU A 107 10.96 4.86 4.91
CA LEU A 107 10.11 3.71 5.14
C LEU A 107 10.25 2.82 3.93
N MET A 108 10.53 3.44 2.80
CA MET A 108 10.77 2.71 1.58
C MET A 108 12.09 1.98 1.73
N SER A 109 13.02 2.66 2.38
CA SER A 109 14.34 2.09 2.65
C SER A 109 14.18 0.90 3.57
N GLU A 110 13.45 1.12 4.65
CA GLU A 110 13.17 0.09 5.63
C GLU A 110 12.33 -1.00 4.97
N LEU A 111 11.42 -0.56 4.11
CA LEU A 111 10.53 -1.49 3.42
C LEU A 111 11.31 -2.53 2.61
N GLU A 112 12.38 -2.08 1.96
CA GLU A 112 13.21 -2.97 1.16
C GLU A 112 13.93 -3.93 2.10
N LYS A 113 14.47 -3.36 3.15
CA LYS A 113 15.16 -4.12 4.18
C LYS A 113 14.18 -5.12 4.78
N THR A 114 12.93 -4.69 4.93
CA THR A 114 11.89 -5.52 5.52
C THR A 114 11.68 -6.79 4.70
N ARG A 115 11.76 -6.65 3.38
CA ARG A 115 11.60 -7.79 2.49
C ARG A 115 12.66 -8.83 2.81
N GLU A 116 13.88 -8.34 2.97
CA GLU A 116 14.99 -9.20 3.34
C GLU A 116 14.79 -9.66 4.78
N GLU A 117 14.26 -8.76 5.60
CA GLU A 117 14.02 -9.06 7.02
C GLU A 117 13.06 -10.23 7.19
N ARG A 118 11.99 -10.25 6.40
CA ARG A 118 11.00 -11.31 6.48
C ARG A 118 11.14 -12.33 5.36
N PHE A 119 10.97 -13.60 5.71
CA PHE A 119 11.06 -14.68 4.72
C PHE A 119 9.70 -14.98 4.09
N THR A 120 9.54 -14.64 2.82
CA THR A 120 8.27 -14.90 2.13
C THR A 120 8.23 -16.33 1.62
N MET A 121 7.25 -17.11 2.10
CA MET A 121 7.11 -18.50 1.69
C MET A 121 6.50 -18.62 0.30
N GLY A 122 5.52 -17.78 0.00
CA GLY A 122 4.87 -17.83 -1.30
C GLY A 122 5.62 -17.03 -2.36
N HIS A 123 5.96 -17.70 -3.46
CA HIS A 123 6.68 -17.05 -4.55
C HIS A 123 5.81 -15.98 -5.21
N SER A 124 4.52 -16.29 -5.38
CA SER A 124 3.59 -15.34 -5.98
C SER A 124 3.47 -14.10 -5.13
N ALA A 125 3.43 -14.29 -3.81
CA ALA A 125 3.33 -13.16 -2.90
C ALA A 125 4.50 -12.21 -3.14
N HIS A 126 5.59 -12.73 -3.71
CA HIS A 126 6.76 -11.90 -3.99
C HIS A 126 6.40 -10.89 -5.07
N GLU A 127 5.67 -11.37 -6.08
CA GLU A 127 5.26 -10.51 -7.19
C GLU A 127 4.37 -9.37 -6.72
N GLU A 128 3.42 -9.68 -5.85
CA GLU A 128 2.50 -8.69 -5.32
C GLU A 128 3.26 -7.59 -4.58
N THR A 129 4.21 -8.00 -3.76
CA THR A 129 5.00 -7.04 -2.99
C THR A 129 5.83 -6.15 -3.90
N LYS A 130 6.51 -6.79 -4.86
CA LYS A 130 7.34 -6.06 -5.81
C LYS A 130 6.52 -5.06 -6.60
N ALA A 131 5.36 -5.49 -7.06
CA ALA A 131 4.48 -4.62 -7.84
C ALA A 131 3.86 -3.52 -7.00
N HIS A 132 3.46 -3.86 -5.78
CA HIS A 132 2.83 -2.89 -4.89
C HIS A 132 3.79 -1.72 -4.59
N ILE A 133 5.03 -2.04 -4.28
CA ILE A 133 6.03 -1.01 -3.97
C ILE A 133 6.40 -0.22 -5.23
N GLU A 134 6.54 -0.92 -6.35
CA GLU A 134 6.89 -0.28 -7.62
C GLU A 134 5.83 0.73 -8.04
N GLU A 135 4.56 0.36 -7.86
CA GLU A 135 3.47 1.24 -8.22
C GLU A 135 3.49 2.49 -7.36
N LEU A 136 3.71 2.30 -6.06
CA LEU A 136 3.76 3.42 -5.14
C LEU A 136 4.89 4.38 -5.47
N ARG A 137 6.03 3.80 -5.85
CA ARG A 137 7.20 4.61 -6.17
C ARG A 137 6.94 5.50 -7.37
N HIS A 138 6.23 4.98 -8.37
CA HIS A 138 5.91 5.75 -9.55
C HIS A 138 4.97 6.91 -9.20
N LEU A 139 3.92 6.61 -8.45
CA LEU A 139 2.97 7.63 -8.03
C LEU A 139 3.61 8.61 -7.06
N TRP A 140 4.43 8.07 -6.16
CA TRP A 140 5.11 8.88 -5.15
C TRP A 140 6.07 9.87 -5.80
N ASP A 141 6.79 9.42 -6.83
CA ASP A 141 7.74 10.29 -7.53
C ASP A 141 7.03 11.50 -8.12
N LEU A 142 5.90 11.26 -8.78
CA LEU A 142 5.13 12.33 -9.39
C LEU A 142 4.69 13.33 -8.34
N LEU A 143 4.16 12.81 -7.25
CA LEU A 143 3.69 13.63 -6.14
C LEU A 143 4.82 14.46 -5.56
N LEU A 144 6.01 13.84 -5.46
CA LEU A 144 7.18 14.52 -4.95
C LEU A 144 7.49 15.70 -5.83
N GLU A 145 7.52 15.42 -7.13
CA GLU A 145 7.73 16.46 -8.12
C GLU A 145 6.62 17.49 -8.00
N LEU A 146 5.41 16.98 -7.78
CA LEU A 146 4.24 17.83 -7.64
C LEU A 146 4.40 18.81 -6.47
N THR A 147 4.97 18.32 -5.37
CA THR A 147 5.20 19.15 -4.19
C THR A 147 6.24 20.21 -4.54
N LEU A 148 7.28 19.75 -5.21
CA LEU A 148 8.34 20.62 -5.67
C LEU A 148 7.75 21.66 -6.62
N GLU A 149 6.81 21.18 -7.45
CA GLU A 149 6.16 22.04 -8.43
C GLU A 149 5.43 23.20 -7.74
N LYS A 150 4.78 22.89 -6.61
CA LYS A 150 4.05 23.90 -5.86
C LYS A 150 5.00 24.98 -5.34
N GLY A 151 6.13 24.54 -4.81
CA GLY A 151 7.11 25.47 -4.28
C GLY A 151 7.62 26.43 -5.32
N ASP A 152 7.64 25.98 -6.57
CA ASP A 152 8.10 26.81 -7.68
C ASP A 152 7.22 28.05 -7.79
N GLN A 153 5.92 27.83 -7.67
CA GLN A 153 4.97 28.92 -7.72
C GLN A 153 5.12 29.75 -6.45
N LEU A 154 5.52 29.08 -5.37
CA LEU A 154 5.71 29.75 -4.08
C LEU A 154 6.89 30.71 -4.10
N LEU A 155 7.86 30.44 -4.97
CA LEU A 155 9.03 31.30 -5.06
C LEU A 155 8.67 32.67 -5.61
N ARG A 156 9.12 33.71 -4.91
CA ARG A 156 8.84 35.09 -5.31
C ARG A 156 7.35 35.30 -5.56
N MET A 1 46.17 -23.48 -24.72
CA MET A 1 46.50 -23.42 -26.17
C MET A 1 47.97 -23.09 -26.38
N GLU A 2 48.40 -21.94 -25.87
CA GLU A 2 49.79 -21.51 -26.00
C GLU A 2 50.70 -22.38 -25.15
N GLN A 3 50.25 -22.73 -23.95
CA GLN A 3 51.05 -23.55 -23.05
C GLN A 3 51.06 -25.01 -23.51
N PHE A 4 52.17 -25.69 -23.26
CA PHE A 4 52.31 -27.08 -23.65
C PHE A 4 51.72 -28.02 -22.59
N PRO A 5 50.85 -28.97 -23.00
CA PRO A 5 50.23 -29.91 -22.08
C PRO A 5 51.25 -30.86 -21.43
N LYS A 6 50.95 -31.30 -20.21
CA LYS A 6 51.82 -32.21 -19.49
C LYS A 6 51.69 -33.63 -20.03
N GLU A 7 52.74 -34.44 -19.86
CA GLU A 7 52.72 -35.81 -20.35
C GLU A 7 51.59 -36.60 -19.69
N THR A 8 50.86 -37.35 -20.50
CA THR A 8 49.74 -38.15 -20.00
C THR A 8 50.22 -39.47 -19.40
N VAL A 9 49.70 -39.81 -18.23
CA VAL A 9 50.05 -41.04 -17.54
C VAL A 9 49.14 -42.19 -18.00
N VAL A 10 49.73 -43.34 -18.27
CA VAL A 10 48.96 -44.50 -18.72
C VAL A 10 48.16 -45.10 -17.58
N GLU A 11 46.87 -45.30 -17.83
CA GLU A 11 45.96 -45.87 -16.83
C GLU A 11 46.09 -47.39 -16.75
N SER A 12 45.79 -47.93 -15.58
CA SER A 12 45.88 -49.37 -15.36
C SER A 12 44.68 -50.08 -15.99
N SER A 13 44.82 -51.38 -16.22
CA SER A 13 43.75 -52.17 -16.83
C SER A 13 42.58 -52.34 -15.87
N GLY A 14 41.39 -52.05 -16.37
CA GLY A 14 40.19 -52.17 -15.56
C GLY A 14 38.94 -51.78 -16.34
N PRO A 15 37.94 -51.19 -15.68
CA PRO A 15 36.70 -50.76 -16.35
C PRO A 15 36.98 -49.64 -17.34
N LYS A 16 36.69 -49.89 -18.61
CA LYS A 16 36.91 -48.90 -19.66
C LYS A 16 35.77 -47.90 -19.74
N VAL A 17 35.09 -47.69 -18.62
CA VAL A 17 33.98 -46.74 -18.57
C VAL A 17 34.49 -45.31 -18.49
N LEU A 18 34.25 -44.55 -19.54
CA LEU A 18 34.70 -43.16 -19.59
C LEU A 18 33.80 -42.25 -18.77
N GLU A 19 34.39 -41.62 -17.77
CA GLU A 19 33.70 -40.67 -16.94
C GLU A 19 34.48 -39.38 -17.00
N THR A 20 33.90 -38.42 -17.67
CA THR A 20 34.51 -37.10 -17.83
C THR A 20 34.08 -36.14 -16.73
N ALA A 21 34.95 -35.21 -16.39
CA ALA A 21 34.67 -34.20 -15.39
C ALA A 21 33.55 -33.32 -15.89
N GLU A 22 33.71 -32.89 -17.14
CA GLU A 22 32.72 -32.06 -17.78
C GLU A 22 31.47 -32.89 -18.04
N GLU A 23 31.70 -34.14 -18.48
CA GLU A 23 30.58 -35.03 -18.75
C GLU A 23 29.77 -35.24 -17.47
N ILE A 24 30.49 -35.53 -16.38
CA ILE A 24 29.85 -35.69 -15.10
C ILE A 24 29.35 -34.35 -14.61
N GLN A 25 30.16 -33.33 -14.85
CA GLN A 25 29.81 -31.96 -14.44
C GLN A 25 28.52 -31.51 -15.10
N GLU A 26 28.34 -31.87 -16.37
CA GLU A 26 27.15 -31.51 -17.10
C GLU A 26 25.94 -32.09 -16.39
N ARG A 27 26.05 -33.36 -16.05
CA ARG A 27 25.00 -34.04 -15.31
C ARG A 27 24.90 -33.40 -13.92
N ARG A 28 26.06 -33.04 -13.38
CA ARG A 28 26.12 -32.42 -12.06
C ARG A 28 25.34 -31.11 -12.05
N GLN A 29 25.46 -30.33 -13.12
CA GLN A 29 24.77 -29.05 -13.22
C GLN A 29 23.25 -29.26 -13.14
N GLU A 30 22.76 -30.26 -13.85
CA GLU A 30 21.33 -30.55 -13.86
C GLU A 30 20.88 -31.01 -12.48
N VAL A 31 21.69 -31.83 -11.85
CA VAL A 31 21.37 -32.33 -10.52
C VAL A 31 21.22 -31.18 -9.53
N LEU A 32 22.14 -30.22 -9.60
CA LEU A 32 22.12 -29.07 -8.70
C LEU A 32 20.83 -28.27 -8.82
N THR A 33 20.44 -27.95 -10.06
CA THR A 33 19.22 -27.18 -10.29
C THR A 33 17.99 -27.96 -9.82
N ARG A 34 17.96 -29.25 -10.14
CA ARG A 34 16.85 -30.10 -9.73
C ARG A 34 16.79 -30.24 -8.22
N TYR A 35 17.97 -30.38 -7.61
CA TYR A 35 18.08 -30.53 -6.15
C TYR A 35 17.47 -29.32 -5.44
N GLN A 36 17.74 -28.13 -5.97
CA GLN A 36 17.20 -26.90 -5.38
C GLN A 36 15.67 -26.93 -5.37
N SER A 37 15.10 -27.46 -6.46
CA SER A 37 13.66 -27.57 -6.61
C SER A 37 13.08 -28.45 -5.50
N PHE A 38 13.80 -29.50 -5.15
CA PHE A 38 13.37 -30.40 -4.11
C PHE A 38 13.24 -29.62 -2.81
N LYS A 39 14.25 -28.80 -2.55
CA LYS A 39 14.23 -27.92 -1.40
C LYS A 39 13.07 -26.97 -1.53
N GLU A 40 12.84 -26.53 -2.77
CA GLU A 40 11.76 -25.60 -3.06
C GLU A 40 10.42 -26.19 -2.66
N ARG A 41 10.24 -27.47 -2.93
CA ARG A 41 9.00 -28.15 -2.60
C ARG A 41 8.75 -28.12 -1.09
N VAL A 42 9.82 -28.29 -0.32
CA VAL A 42 9.71 -28.28 1.14
C VAL A 42 9.22 -26.93 1.63
N ALA A 43 9.74 -25.86 1.03
CA ALA A 43 9.34 -24.50 1.39
C ALA A 43 7.85 -24.30 1.15
N GLU A 44 7.35 -24.85 0.05
CA GLU A 44 5.95 -24.74 -0.31
C GLU A 44 5.06 -25.34 0.78
N ARG A 45 5.51 -26.44 1.37
CA ARG A 45 4.74 -27.10 2.41
C ARG A 45 4.53 -26.16 3.61
N GLY A 46 5.56 -25.39 3.93
CA GLY A 46 5.49 -24.46 5.04
C GLY A 46 4.49 -23.32 4.86
N GLN A 47 3.44 -23.53 4.09
CA GLN A 47 2.44 -22.48 3.89
C GLN A 47 1.55 -22.37 5.11
N LYS A 48 1.51 -21.17 5.69
CA LYS A 48 0.70 -20.92 6.87
C LYS A 48 -0.73 -20.55 6.48
N LEU A 49 -1.67 -21.40 6.85
CA LEU A 49 -3.08 -21.16 6.56
C LEU A 49 -3.62 -20.05 7.45
N GLU A 50 -3.20 -20.07 8.72
CA GLU A 50 -3.64 -19.09 9.69
C GLU A 50 -3.21 -17.68 9.29
N ASP A 51 -1.98 -17.57 8.76
CA ASP A 51 -1.45 -16.28 8.35
C ASP A 51 -1.26 -15.37 9.56
N SER A 52 -0.01 -15.13 9.92
CA SER A 52 0.29 -14.29 11.07
C SER A 52 -0.05 -12.84 10.78
N TYR A 53 -0.42 -12.13 11.84
CA TYR A 53 -0.79 -10.72 11.72
C TYR A 53 0.40 -9.89 11.24
N HIS A 54 1.61 -10.40 11.47
CA HIS A 54 2.82 -9.68 11.07
C HIS A 54 2.84 -9.43 9.58
N LEU A 55 2.41 -10.41 8.80
CA LEU A 55 2.37 -10.27 7.36
C LEU A 55 1.41 -9.13 7.04
N GLN A 56 0.29 -9.11 7.76
CA GLN A 56 -0.69 -8.06 7.64
C GLN A 56 -0.09 -6.75 8.10
N VAL A 57 0.78 -6.82 9.10
CA VAL A 57 1.44 -5.62 9.62
C VAL A 57 2.22 -4.99 8.49
N PHE A 58 2.89 -5.84 7.73
CA PHE A 58 3.61 -5.41 6.56
C PHE A 58 2.61 -4.77 5.63
N LYS A 59 1.42 -5.39 5.55
CA LYS A 59 0.33 -4.86 4.73
C LYS A 59 -0.09 -3.49 5.25
N ARG A 60 -0.12 -3.34 6.57
CA ARG A 60 -0.54 -2.09 7.18
C ARG A 60 0.37 -0.94 6.75
N ASP A 61 1.66 -1.22 6.66
CA ASP A 61 2.62 -0.20 6.24
C ASP A 61 2.28 0.28 4.83
N ALA A 62 1.89 -0.66 3.97
CA ALA A 62 1.54 -0.35 2.58
C ALA A 62 0.37 0.63 2.54
N ASP A 63 -0.59 0.43 3.42
CA ASP A 63 -1.75 1.30 3.50
C ASP A 63 -1.34 2.65 4.05
N ASP A 64 -0.49 2.60 5.07
CA ASP A 64 0.04 3.80 5.68
C ASP A 64 0.84 4.57 4.66
N LEU A 65 1.58 3.82 3.84
CA LEU A 65 2.41 4.43 2.81
C LEU A 65 1.51 5.15 1.81
N GLY A 66 0.51 4.42 1.35
CA GLY A 66 -0.45 4.98 0.43
C GLY A 66 -1.20 6.11 1.10
N LYS A 67 -1.45 5.94 2.40
CA LYS A 67 -2.15 6.94 3.19
C LYS A 67 -1.41 8.25 3.18
N TRP A 68 -0.10 8.17 3.26
CA TRP A 68 0.75 9.35 3.27
C TRP A 68 0.59 10.18 2.00
N ILE A 69 0.52 9.50 0.85
CA ILE A 69 0.33 10.18 -0.42
C ILE A 69 -1.04 10.81 -0.47
N MET A 70 -2.00 10.07 0.05
CA MET A 70 -3.39 10.50 0.10
C MET A 70 -3.52 11.80 0.89
N GLU A 71 -2.72 11.93 1.93
CA GLU A 71 -2.75 13.11 2.77
C GLU A 71 -2.17 14.30 2.00
N LYS A 72 -1.00 14.06 1.42
CA LYS A 72 -0.32 15.08 0.65
C LYS A 72 -1.15 15.47 -0.56
N VAL A 73 -1.77 14.48 -1.19
CA VAL A 73 -2.61 14.76 -2.36
C VAL A 73 -3.88 15.49 -1.96
N ASN A 74 -4.47 15.07 -0.85
CA ASN A 74 -5.69 15.68 -0.36
C ASN A 74 -5.44 17.13 -0.02
N ILE A 75 -4.34 17.39 0.68
CA ILE A 75 -3.96 18.75 1.00
C ILE A 75 -3.70 19.48 -0.30
N LEU A 76 -3.09 18.74 -1.23
CA LEU A 76 -2.79 19.28 -2.55
C LEU A 76 -4.09 19.65 -3.24
N THR A 77 -5.08 18.77 -3.09
CA THR A 77 -6.39 19.02 -3.64
C THR A 77 -7.11 20.09 -2.85
N ASP A 78 -6.72 20.23 -1.57
CA ASP A 78 -7.37 21.21 -0.71
C ASP A 78 -7.23 22.63 -1.24
N LYS A 79 -6.03 23.01 -1.61
CA LYS A 79 -5.81 24.33 -2.16
C LYS A 79 -6.60 24.45 -3.46
N SER A 80 -6.85 23.30 -4.10
CA SER A 80 -7.60 23.27 -5.35
C SER A 80 -9.02 23.79 -5.19
N TYR A 81 -9.65 23.42 -4.07
CA TYR A 81 -11.02 23.84 -3.79
C TYR A 81 -11.19 25.36 -3.77
N GLU A 82 -10.33 26.05 -3.03
CA GLU A 82 -10.43 27.50 -2.93
C GLU A 82 -9.59 28.18 -4.02
N ASP A 83 -8.29 28.27 -3.79
CA ASP A 83 -7.39 28.90 -4.74
C ASP A 83 -5.93 28.68 -4.34
N PRO A 84 -5.01 28.81 -5.30
CA PRO A 84 -3.58 28.64 -5.04
C PRO A 84 -2.93 29.92 -4.55
N THR A 85 -3.34 30.37 -3.37
CA THR A 85 -2.81 31.60 -2.78
C THR A 85 -1.47 31.33 -2.09
N ASN A 86 -0.50 32.20 -2.33
CA ASN A 86 0.82 32.05 -1.72
C ASN A 86 0.80 32.49 -0.26
N ILE A 87 1.28 31.61 0.61
CA ILE A 87 1.31 31.90 2.05
C ILE A 87 2.42 31.10 2.74
N GLN A 88 2.85 31.59 3.89
CA GLN A 88 3.90 30.94 4.66
C GLN A 88 3.51 29.52 5.08
N GLY A 89 2.24 29.33 5.42
CA GLY A 89 1.79 28.01 5.83
C GLY A 89 1.92 26.97 4.74
N LYS A 90 1.51 27.31 3.53
CA LYS A 90 1.60 26.39 2.40
C LYS A 90 3.07 26.05 2.14
N TYR A 91 3.93 27.05 2.25
CA TYR A 91 5.36 26.86 2.04
C TYR A 91 5.91 25.87 3.06
N GLN A 92 5.45 25.98 4.29
CA GLN A 92 5.90 25.09 5.36
C GLN A 92 5.54 23.64 5.05
N LYS A 93 4.36 23.43 4.50
CA LYS A 93 3.91 22.10 4.14
C LYS A 93 4.86 21.49 3.12
N HIS A 94 5.31 22.31 2.19
CA HIS A 94 6.25 21.87 1.15
C HIS A 94 7.53 21.35 1.78
N GLN A 95 8.09 22.13 2.69
CA GLN A 95 9.32 21.73 3.37
C GLN A 95 9.11 20.45 4.18
N SER A 96 7.98 20.37 4.86
CA SER A 96 7.65 19.20 5.66
C SER A 96 7.53 17.99 4.77
N LEU A 97 6.84 18.19 3.66
CA LEU A 97 6.67 17.14 2.68
C LEU A 97 8.04 16.71 2.17
N GLU A 98 9.01 17.62 2.27
CA GLU A 98 10.37 17.33 1.81
C GLU A 98 10.97 16.25 2.69
N ALA A 99 10.80 16.44 3.99
CA ALA A 99 11.27 15.48 4.98
C ALA A 99 10.44 14.22 4.88
N GLU A 100 9.16 14.44 4.66
CA GLU A 100 8.20 13.35 4.58
C GLU A 100 8.50 12.39 3.44
N VAL A 101 8.92 12.93 2.31
CA VAL A 101 9.26 12.11 1.15
C VAL A 101 10.46 11.27 1.50
N GLN A 102 11.47 11.96 2.03
CA GLN A 102 12.70 11.31 2.46
C GLN A 102 12.40 10.30 3.55
N THR A 103 11.49 10.68 4.46
CA THR A 103 11.15 9.78 5.57
C THR A 103 10.39 8.57 5.09
N LYS A 104 9.38 8.80 4.27
CA LYS A 104 8.59 7.71 3.74
C LYS A 104 9.47 6.74 2.94
N SER A 105 10.39 7.29 2.17
CA SER A 105 11.30 6.49 1.36
C SER A 105 12.09 5.51 2.22
N ARG A 106 12.52 5.99 3.39
CA ARG A 106 13.27 5.14 4.31
C ARG A 106 12.41 3.99 4.76
N LEU A 107 11.14 4.29 5.00
CA LEU A 107 10.18 3.28 5.38
C LEU A 107 10.13 2.28 4.24
N MET A 108 10.41 2.78 3.04
CA MET A 108 10.46 1.92 1.88
C MET A 108 11.67 1.04 2.04
N SER A 109 12.74 1.65 2.54
CA SER A 109 13.99 0.94 2.78
C SER A 109 13.74 -0.14 3.81
N GLU A 110 13.11 0.28 4.91
CA GLU A 110 12.76 -0.63 5.99
C GLU A 110 11.77 -1.66 5.47
N LEU A 111 10.88 -1.20 4.59
CA LEU A 111 9.87 -2.08 4.03
C LEU A 111 10.50 -3.24 3.26
N GLU A 112 11.57 -2.94 2.54
CA GLU A 112 12.31 -3.96 1.79
C GLU A 112 12.99 -4.88 2.78
N LYS A 113 13.56 -4.25 3.80
CA LYS A 113 14.23 -4.97 4.88
C LYS A 113 13.24 -5.89 5.56
N THR A 114 11.99 -5.42 5.66
CA THR A 114 10.93 -6.18 6.31
C THR A 114 10.73 -7.51 5.60
N ARG A 115 10.83 -7.50 4.28
CA ARG A 115 10.68 -8.73 3.50
C ARG A 115 11.75 -9.71 3.94
N GLU A 116 12.95 -9.19 4.08
CA GLU A 116 14.09 -9.96 4.54
C GLU A 116 13.92 -10.33 6.01
N GLU A 117 13.24 -9.44 6.74
CA GLU A 117 13.02 -9.66 8.18
C GLU A 117 12.31 -10.98 8.43
N ARG A 118 11.34 -11.31 7.59
CA ARG A 118 10.61 -12.55 7.74
C ARG A 118 11.12 -13.61 6.75
N PHE A 119 11.93 -14.53 7.26
CA PHE A 119 12.53 -15.60 6.45
C PHE A 119 12.95 -15.09 5.07
N THR A 120 12.06 -15.17 4.10
CA THR A 120 12.31 -14.71 2.73
C THR A 120 11.00 -14.49 1.98
N MET A 121 9.93 -14.32 2.73
CA MET A 121 8.60 -14.10 2.16
C MET A 121 8.27 -15.13 1.08
N GLY A 122 7.06 -15.02 0.52
CA GLY A 122 6.63 -15.95 -0.52
C GLY A 122 7.05 -15.50 -1.90
N HIS A 123 7.14 -16.46 -2.83
CA HIS A 123 7.53 -16.15 -4.20
C HIS A 123 6.49 -15.28 -4.89
N SER A 124 5.22 -15.58 -4.65
CA SER A 124 4.15 -14.80 -5.24
C SER A 124 4.02 -13.48 -4.51
N ALA A 125 4.18 -13.54 -3.20
CA ALA A 125 4.13 -12.36 -2.38
C ALA A 125 5.22 -11.39 -2.80
N HIS A 126 6.27 -11.92 -3.45
CA HIS A 126 7.36 -11.08 -3.92
C HIS A 126 6.84 -10.13 -4.98
N GLU A 127 6.04 -10.68 -5.89
CA GLU A 127 5.46 -9.88 -6.97
C GLU A 127 4.58 -8.77 -6.41
N GLU A 128 3.75 -9.12 -5.42
CA GLU A 128 2.86 -8.15 -4.81
C GLU A 128 3.62 -7.04 -4.11
N THR A 129 4.64 -7.42 -3.35
CA THR A 129 5.45 -6.45 -2.63
C THR A 129 6.18 -5.52 -3.59
N LYS A 130 6.72 -6.10 -4.66
CA LYS A 130 7.44 -5.32 -5.65
C LYS A 130 6.54 -4.27 -6.27
N ALA A 131 5.29 -4.63 -6.52
CA ALA A 131 4.34 -3.71 -7.10
C ALA A 131 4.00 -2.59 -6.12
N HIS A 132 3.86 -2.93 -4.85
CA HIS A 132 3.53 -1.95 -3.82
C HIS A 132 4.60 -0.86 -3.74
N ILE A 133 5.87 -1.27 -3.73
CA ILE A 133 6.99 -0.31 -3.65
C ILE A 133 7.11 0.49 -4.94
N GLU A 134 6.94 -0.19 -6.07
CA GLU A 134 7.03 0.46 -7.38
C GLU A 134 5.95 1.50 -7.57
N GLU A 135 4.72 1.19 -7.16
CA GLU A 135 3.59 2.10 -7.31
C GLU A 135 3.86 3.41 -6.57
N LEU A 136 4.40 3.29 -5.38
CA LEU A 136 4.71 4.46 -4.56
C LEU A 136 5.73 5.36 -5.22
N ARG A 137 6.72 4.75 -5.84
CA ARG A 137 7.78 5.50 -6.51
C ARG A 137 7.19 6.34 -7.63
N HIS A 138 6.23 5.78 -8.36
CA HIS A 138 5.59 6.50 -9.46
C HIS A 138 4.78 7.68 -8.92
N LEU A 139 4.11 7.45 -7.80
CA LEU A 139 3.29 8.48 -7.17
C LEU A 139 4.17 9.63 -6.69
N TRP A 140 5.33 9.27 -6.14
CA TRP A 140 6.27 10.26 -5.64
C TRP A 140 6.73 11.19 -6.75
N ASP A 141 7.00 10.62 -7.91
CA ASP A 141 7.47 11.42 -9.04
C ASP A 141 6.45 12.47 -9.41
N LEU A 142 5.19 12.06 -9.54
CA LEU A 142 4.13 12.99 -9.87
C LEU A 142 3.99 14.04 -8.78
N LEU A 143 4.10 13.60 -7.53
CA LEU A 143 4.01 14.50 -6.38
C LEU A 143 5.17 15.48 -6.37
N LEU A 144 6.34 14.99 -6.76
CA LEU A 144 7.53 15.81 -6.79
C LEU A 144 7.30 16.96 -7.73
N GLU A 145 6.82 16.63 -8.93
CA GLU A 145 6.49 17.65 -9.90
C GLU A 145 5.45 18.57 -9.30
N LEU A 146 4.50 17.95 -8.59
CA LEU A 146 3.43 18.72 -7.94
C LEU A 146 4.01 19.66 -6.90
N THR A 147 5.00 19.18 -6.17
CA THR A 147 5.67 19.97 -5.15
C THR A 147 6.44 21.08 -5.82
N LEU A 148 7.10 20.72 -6.92
CA LEU A 148 7.84 21.66 -7.73
C LEU A 148 6.88 22.71 -8.26
N GLU A 149 5.70 22.25 -8.64
CA GLU A 149 4.68 23.14 -9.20
C GLU A 149 4.28 24.24 -8.21
N LYS A 150 4.02 23.86 -6.96
CA LYS A 150 3.64 24.82 -5.93
C LYS A 150 4.83 25.71 -5.55
N GLY A 151 6.01 25.11 -5.47
CA GLY A 151 7.20 25.85 -5.12
C GLY A 151 7.49 26.98 -6.09
N ASP A 152 7.30 26.70 -7.38
CA ASP A 152 7.53 27.69 -8.43
C ASP A 152 6.63 28.89 -8.20
N GLN A 153 5.35 28.60 -8.01
CA GLN A 153 4.37 29.65 -7.74
C GLN A 153 4.65 30.28 -6.40
N LEU A 154 5.23 29.48 -5.50
CA LEU A 154 5.56 29.95 -4.15
C LEU A 154 6.68 30.98 -4.19
N LEU A 155 7.47 30.96 -5.26
CA LEU A 155 8.59 31.90 -5.40
C LEU A 155 8.07 33.33 -5.52
N ARG A 156 8.75 34.25 -4.84
CA ARG A 156 8.36 35.66 -4.87
C ARG A 156 6.94 35.85 -4.37
N MET A 1 -44.50 -16.27 -38.87
CA MET A 1 -44.52 -16.12 -37.39
C MET A 1 -43.69 -14.92 -36.94
N GLU A 2 -44.37 -13.87 -36.52
CA GLU A 2 -43.71 -12.65 -36.07
C GLU A 2 -42.98 -12.88 -34.75
N GLN A 3 -43.62 -13.62 -33.85
CA GLN A 3 -43.05 -13.91 -32.55
C GLN A 3 -41.95 -14.96 -32.64
N PHE A 4 -40.80 -14.66 -32.04
CA PHE A 4 -39.66 -15.56 -32.06
C PHE A 4 -39.76 -16.59 -30.92
N PRO A 5 -39.22 -17.79 -31.13
CA PRO A 5 -39.24 -18.85 -30.11
C PRO A 5 -38.42 -18.49 -28.88
N LYS A 6 -38.94 -18.81 -27.71
CA LYS A 6 -38.26 -18.51 -26.45
C LYS A 6 -37.15 -19.52 -26.17
N GLU A 7 -37.05 -20.57 -26.99
CA GLU A 7 -36.03 -21.58 -26.81
C GLU A 7 -34.80 -21.27 -27.66
N THR A 8 -33.66 -21.10 -26.98
CA THR A 8 -32.41 -20.79 -27.68
C THR A 8 -31.79 -22.05 -28.28
N VAL A 9 -31.39 -21.98 -29.53
CA VAL A 9 -30.78 -23.12 -30.21
C VAL A 9 -29.27 -23.11 -30.00
N VAL A 10 -28.76 -24.17 -29.39
CA VAL A 10 -27.33 -24.27 -29.14
C VAL A 10 -26.59 -24.83 -30.34
N GLU A 11 -25.66 -24.04 -30.88
CA GLU A 11 -24.87 -24.45 -32.03
C GLU A 11 -23.71 -25.34 -31.61
N SER A 12 -23.54 -26.46 -32.29
CA SER A 12 -22.46 -27.40 -31.98
C SER A 12 -21.14 -26.90 -32.54
N SER A 13 -20.12 -26.82 -31.67
CA SER A 13 -18.80 -26.35 -32.08
C SER A 13 -17.74 -26.75 -31.05
N GLY A 14 -18.16 -26.91 -29.80
CA GLY A 14 -17.22 -27.28 -28.76
C GLY A 14 -17.88 -27.32 -27.39
N PRO A 15 -17.11 -27.07 -26.31
CA PRO A 15 -17.65 -27.09 -24.95
C PRO A 15 -18.85 -26.15 -24.78
N LYS A 16 -19.90 -26.66 -24.14
CA LYS A 16 -21.11 -25.87 -23.94
C LYS A 16 -21.95 -26.44 -22.80
N VAL A 17 -21.36 -26.48 -21.61
CA VAL A 17 -22.04 -27.01 -20.44
C VAL A 17 -23.04 -26.00 -19.87
N LEU A 18 -24.26 -26.46 -19.63
CA LEU A 18 -25.31 -25.61 -19.09
C LEU A 18 -25.13 -25.41 -17.59
N GLU A 19 -25.18 -24.14 -17.15
CA GLU A 19 -25.08 -23.81 -15.77
C GLU A 19 -26.33 -23.04 -15.38
N THR A 20 -27.16 -23.68 -14.62
CA THR A 20 -28.41 -23.09 -14.16
C THR A 20 -28.21 -22.26 -12.90
N ALA A 21 -29.13 -21.33 -12.69
CA ALA A 21 -29.12 -20.45 -11.53
C ALA A 21 -29.28 -21.30 -10.30
N GLU A 22 -30.26 -22.19 -10.36
CA GLU A 22 -30.51 -23.10 -9.27
C GLU A 22 -29.38 -24.10 -9.18
N GLU A 23 -28.93 -24.57 -10.34
CA GLU A 23 -27.83 -25.53 -10.37
C GLU A 23 -26.57 -24.89 -9.79
N ILE A 24 -26.29 -23.67 -10.23
CA ILE A 24 -25.15 -22.92 -9.73
C ILE A 24 -25.39 -22.53 -8.29
N GLN A 25 -26.60 -22.03 -8.02
CA GLN A 25 -26.97 -21.61 -6.67
C GLN A 25 -26.87 -22.76 -5.67
N GLU A 26 -27.41 -23.93 -6.06
CA GLU A 26 -27.37 -25.11 -5.21
C GLU A 26 -25.93 -25.50 -4.95
N ARG A 27 -25.17 -25.58 -6.03
CA ARG A 27 -23.76 -25.88 -5.96
C ARG A 27 -23.05 -24.80 -5.18
N ARG A 28 -23.54 -23.57 -5.34
CA ARG A 28 -22.94 -22.42 -4.66
C ARG A 28 -23.00 -22.59 -3.15
N GLN A 29 -24.13 -23.02 -2.62
CA GLN A 29 -24.26 -23.23 -1.19
C GLN A 29 -23.29 -24.30 -0.70
N GLU A 30 -23.22 -25.40 -1.44
CA GLU A 30 -22.34 -26.51 -1.09
C GLU A 30 -20.87 -26.19 -1.25
N VAL A 31 -20.51 -25.51 -2.34
CA VAL A 31 -19.12 -25.18 -2.60
C VAL A 31 -18.52 -24.33 -1.49
N LEU A 32 -19.30 -23.34 -1.01
CA LEU A 32 -18.82 -22.48 0.06
C LEU A 32 -18.50 -23.30 1.31
N THR A 33 -19.38 -24.24 1.64
CA THR A 33 -19.16 -25.08 2.82
C THR A 33 -18.02 -26.05 2.59
N ARG A 34 -17.96 -26.61 1.37
CA ARG A 34 -16.92 -27.54 1.01
C ARG A 34 -15.56 -26.84 0.99
N TYR A 35 -15.56 -25.62 0.49
CA TYR A 35 -14.34 -24.83 0.39
C TYR A 35 -13.69 -24.63 1.76
N GLN A 36 -14.50 -24.37 2.77
CA GLN A 36 -13.97 -24.19 4.12
C GLN A 36 -13.40 -25.49 4.65
N SER A 37 -14.08 -26.59 4.36
CA SER A 37 -13.64 -27.91 4.81
C SER A 37 -12.27 -28.26 4.23
N PHE A 38 -12.05 -27.88 2.98
CA PHE A 38 -10.77 -28.15 2.33
C PHE A 38 -9.67 -27.46 3.10
N LYS A 39 -9.88 -26.19 3.38
CA LYS A 39 -8.94 -25.42 4.18
C LYS A 39 -8.84 -26.04 5.56
N GLU A 40 -9.97 -26.57 6.05
CA GLU A 40 -9.99 -27.18 7.38
C GLU A 40 -9.02 -28.35 7.44
N ARG A 41 -9.00 -29.16 6.39
CA ARG A 41 -8.10 -30.31 6.33
C ARG A 41 -6.66 -29.86 6.25
N VAL A 42 -6.41 -28.80 5.48
CA VAL A 42 -5.07 -28.26 5.32
C VAL A 42 -4.53 -27.75 6.64
N ALA A 43 -5.39 -27.04 7.38
CA ALA A 43 -5.01 -26.50 8.68
C ALA A 43 -4.60 -27.60 9.64
N GLU A 44 -5.38 -28.68 9.66
CA GLU A 44 -5.11 -29.81 10.53
C GLU A 44 -3.74 -30.42 10.22
N ARG A 45 -3.45 -30.58 8.94
CA ARG A 45 -2.17 -31.16 8.52
C ARG A 45 -1.00 -30.32 9.01
N GLY A 46 -1.17 -29.01 8.94
CA GLY A 46 -0.12 -28.11 9.38
C GLY A 46 -0.53 -27.25 10.55
N GLN A 47 -0.03 -27.58 11.73
CA GLN A 47 -0.35 -26.82 12.93
C GLN A 47 0.49 -25.55 13.00
N LYS A 48 -0.18 -24.41 13.04
CA LYS A 48 0.50 -23.12 13.12
C LYS A 48 0.84 -22.79 14.57
N LEU A 49 2.14 -22.69 14.84
CA LEU A 49 2.59 -22.38 16.20
C LEU A 49 2.28 -20.94 16.59
N GLU A 50 2.51 -20.02 15.66
CA GLU A 50 2.25 -18.60 15.90
C GLU A 50 2.56 -17.77 14.67
N ASP A 51 1.52 -17.30 14.00
CA ASP A 51 1.70 -16.47 12.81
C ASP A 51 1.98 -15.04 13.22
N SER A 52 3.08 -14.48 12.70
CA SER A 52 3.47 -13.13 13.01
C SER A 52 2.52 -12.11 12.40
N TYR A 53 2.07 -11.19 13.23
CA TYR A 53 1.17 -10.13 12.81
C TYR A 53 1.88 -9.20 11.83
N HIS A 54 3.22 -9.27 11.81
CA HIS A 54 4.04 -8.42 10.94
C HIS A 54 3.66 -8.56 9.48
N LEU A 55 3.31 -9.76 9.05
CA LEU A 55 2.94 -9.98 7.66
C LEU A 55 1.74 -9.11 7.35
N GLN A 56 0.79 -9.11 8.27
CA GLN A 56 -0.39 -8.28 8.18
C GLN A 56 0.01 -6.82 8.34
N VAL A 57 1.00 -6.60 9.20
CA VAL A 57 1.52 -5.25 9.45
C VAL A 57 2.05 -4.71 8.14
N PHE A 58 2.74 -5.59 7.44
CA PHE A 58 3.27 -5.28 6.14
C PHE A 58 2.11 -4.93 5.25
N LYS A 59 1.02 -5.68 5.42
CA LYS A 59 -0.19 -5.42 4.65
C LYS A 59 -0.75 -4.06 5.05
N ARG A 60 -0.68 -3.77 6.35
CA ARG A 60 -1.15 -2.49 6.87
C ARG A 60 -0.33 -1.34 6.31
N ASP A 61 0.97 -1.55 6.19
CA ASP A 61 1.87 -0.52 5.66
C ASP A 61 1.47 -0.15 4.24
N ALA A 62 1.09 -1.14 3.44
CA ALA A 62 0.69 -0.90 2.06
C ALA A 62 -0.51 0.04 1.99
N ASP A 63 -1.45 -0.17 2.90
CA ASP A 63 -2.66 0.66 2.95
C ASP A 63 -2.28 2.05 3.43
N ASP A 64 -1.50 2.08 4.50
CA ASP A 64 -0.99 3.32 5.06
C ASP A 64 -0.15 4.03 4.01
N LEU A 65 0.57 3.23 3.24
CA LEU A 65 1.45 3.75 2.19
C LEU A 65 0.60 4.55 1.21
N GLY A 66 -0.49 3.94 0.77
CA GLY A 66 -1.38 4.63 -0.12
C GLY A 66 -2.09 5.74 0.63
N LYS A 67 -2.34 5.49 1.92
CA LYS A 67 -3.00 6.48 2.77
C LYS A 67 -2.19 7.75 2.87
N TRP A 68 -0.88 7.57 3.01
CA TRP A 68 0.03 8.69 3.11
C TRP A 68 -0.03 9.58 1.87
N ILE A 69 -0.13 8.97 0.69
CA ILE A 69 -0.21 9.72 -0.54
C ILE A 69 -1.49 10.56 -0.60
N MET A 70 -2.59 9.96 -0.14
CA MET A 70 -3.87 10.65 -0.13
C MET A 70 -3.84 11.89 0.75
N GLU A 71 -3.10 11.82 1.84
CA GLU A 71 -2.98 12.94 2.77
C GLU A 71 -2.20 14.06 2.11
N LYS A 72 -1.07 13.71 1.54
CA LYS A 72 -0.23 14.67 0.87
C LYS A 72 -0.98 15.28 -0.31
N VAL A 73 -1.74 14.44 -1.01
CA VAL A 73 -2.50 14.94 -2.17
C VAL A 73 -3.67 15.82 -1.74
N ASN A 74 -4.33 15.43 -0.65
CA ASN A 74 -5.48 16.15 -0.14
C ASN A 74 -5.08 17.55 0.31
N ILE A 75 -3.96 17.64 1.01
CA ILE A 75 -3.46 18.92 1.44
C ILE A 75 -3.10 19.72 0.21
N LEU A 76 -2.56 19.02 -0.81
CA LEU A 76 -2.19 19.68 -2.06
C LEU A 76 -3.43 20.29 -2.67
N THR A 77 -4.50 19.51 -2.62
CA THR A 77 -5.79 19.95 -3.10
C THR A 77 -6.30 21.04 -2.18
N ASP A 78 -5.98 20.89 -0.89
CA ASP A 78 -6.42 21.83 0.12
C ASP A 78 -5.92 23.22 -0.15
N LYS A 79 -4.67 23.36 -0.57
CA LYS A 79 -4.13 24.66 -0.89
C LYS A 79 -4.96 25.27 -2.02
N SER A 80 -5.58 24.40 -2.82
CA SER A 80 -6.41 24.85 -3.93
C SER A 80 -7.62 25.63 -3.43
N TYR A 81 -8.27 25.09 -2.40
CA TYR A 81 -9.46 25.70 -1.83
C TYR A 81 -9.19 27.10 -1.31
N GLU A 82 -8.02 27.28 -0.68
CA GLU A 82 -7.65 28.57 -0.12
C GLU A 82 -7.49 29.61 -1.22
N ASP A 83 -8.23 30.72 -1.09
CA ASP A 83 -8.19 31.78 -2.09
C ASP A 83 -6.78 32.36 -2.24
N PRO A 84 -6.16 32.79 -1.13
CA PRO A 84 -4.81 33.36 -1.15
C PRO A 84 -3.83 32.51 -1.95
N THR A 85 -2.76 33.15 -2.44
CA THR A 85 -1.74 32.47 -3.21
C THR A 85 -0.73 31.77 -2.28
N ASN A 86 0.29 31.15 -2.88
CA ASN A 86 1.31 30.45 -2.10
C ASN A 86 2.25 31.46 -1.43
N ILE A 87 2.65 31.15 -0.21
CA ILE A 87 3.54 32.03 0.54
C ILE A 87 4.35 31.25 1.57
N GLN A 88 4.92 31.95 2.55
CA GLN A 88 5.73 31.32 3.58
C GLN A 88 4.94 30.30 4.38
N GLY A 89 3.68 30.60 4.68
CA GLY A 89 2.87 29.67 5.44
C GLY A 89 2.51 28.42 4.66
N LYS A 90 1.96 28.61 3.47
CA LYS A 90 1.60 27.48 2.63
C LYS A 90 2.82 26.65 2.27
N TYR A 91 3.92 27.34 1.99
CA TYR A 91 5.18 26.69 1.64
C TYR A 91 5.66 25.78 2.76
N GLN A 92 5.53 26.27 4.00
CA GLN A 92 5.95 25.50 5.16
C GLN A 92 5.19 24.19 5.26
N LYS A 93 3.90 24.22 4.97
CA LYS A 93 3.08 23.02 5.03
C LYS A 93 3.62 21.97 4.08
N HIS A 94 3.91 22.38 2.85
CA HIS A 94 4.44 21.46 1.86
C HIS A 94 5.82 20.96 2.25
N GLN A 95 6.65 21.87 2.77
CA GLN A 95 8.01 21.53 3.18
C GLN A 95 8.03 20.44 4.25
N SER A 96 7.14 20.56 5.23
CA SER A 96 7.08 19.58 6.31
C SER A 96 6.74 18.23 5.74
N LEU A 97 5.79 18.22 4.83
CA LEU A 97 5.38 17.02 4.16
C LEU A 97 6.52 16.53 3.27
N GLU A 98 7.45 17.44 2.94
CA GLU A 98 8.58 17.07 2.11
C GLU A 98 9.42 16.05 2.86
N ALA A 99 9.64 16.33 4.13
CA ALA A 99 10.37 15.43 4.99
C ALA A 99 9.57 14.15 5.16
N GLU A 100 8.25 14.32 5.23
CA GLU A 100 7.33 13.20 5.36
C GLU A 100 7.45 12.27 4.16
N VAL A 101 7.62 12.86 2.99
CA VAL A 101 7.76 12.11 1.75
C VAL A 101 8.97 11.22 1.85
N GLN A 102 10.07 11.83 2.26
CA GLN A 102 11.31 11.12 2.46
C GLN A 102 11.12 10.13 3.60
N THR A 103 10.40 10.56 4.63
CA THR A 103 10.15 9.71 5.79
C THR A 103 9.40 8.45 5.39
N LYS A 104 8.34 8.62 4.61
CA LYS A 104 7.54 7.49 4.15
C LYS A 104 8.39 6.54 3.32
N SER A 105 9.26 7.12 2.50
CA SER A 105 10.14 6.32 1.64
C SER A 105 10.99 5.39 2.49
N ARG A 106 11.42 5.87 3.65
CA ARG A 106 12.21 5.07 4.57
C ARG A 106 11.37 3.89 5.04
N LEU A 107 10.09 4.14 5.17
CA LEU A 107 9.14 3.11 5.54
C LEU A 107 9.21 2.07 4.47
N MET A 108 9.52 2.53 3.25
CA MET A 108 9.68 1.63 2.13
C MET A 108 10.93 0.81 2.39
N SER A 109 11.94 1.50 2.94
CA SER A 109 13.20 0.84 3.29
C SER A 109 12.95 -0.21 4.34
N GLU A 110 12.23 0.20 5.38
CA GLU A 110 11.84 -0.68 6.46
C GLU A 110 10.92 -1.75 5.92
N LEU A 111 10.06 -1.34 5.00
CA LEU A 111 9.08 -2.24 4.39
C LEU A 111 9.76 -3.41 3.68
N GLU A 112 10.84 -3.12 2.97
CA GLU A 112 11.59 -4.15 2.27
C GLU A 112 12.30 -5.03 3.28
N LYS A 113 12.98 -4.36 4.19
CA LYS A 113 13.72 -5.00 5.26
C LYS A 113 12.80 -5.85 6.11
N THR A 114 11.59 -5.35 6.35
CA THR A 114 10.63 -6.07 7.20
C THR A 114 10.31 -7.46 6.62
N ARG A 115 10.14 -7.53 5.30
CA ARG A 115 9.86 -8.80 4.65
C ARG A 115 10.99 -9.77 4.93
N GLU A 116 12.19 -9.27 4.75
CA GLU A 116 13.39 -10.04 5.00
C GLU A 116 13.50 -10.33 6.49
N GLU A 117 12.99 -9.39 7.29
CA GLU A 117 13.02 -9.52 8.74
C GLU A 117 12.27 -10.77 9.20
N ARG A 118 11.13 -11.05 8.56
CA ARG A 118 10.34 -12.22 8.92
C ARG A 118 10.46 -13.31 7.86
N PHE A 119 9.42 -13.49 7.05
CA PHE A 119 9.43 -14.51 6.00
C PHE A 119 10.02 -13.95 4.71
N THR A 120 10.93 -14.70 4.10
CA THR A 120 11.56 -14.26 2.85
C THR A 120 12.10 -15.46 2.08
N MET A 121 11.49 -16.61 2.27
CA MET A 121 11.90 -17.83 1.59
C MET A 121 11.32 -17.87 0.17
N GLY A 122 10.09 -17.37 0.02
CA GLY A 122 9.45 -17.36 -1.28
C GLY A 122 9.95 -16.24 -2.16
N HIS A 123 10.69 -16.58 -3.21
CA HIS A 123 11.23 -15.61 -4.13
C HIS A 123 10.10 -14.93 -4.92
N SER A 124 9.11 -15.72 -5.32
CA SER A 124 7.99 -15.20 -6.09
C SER A 124 7.24 -14.14 -5.31
N ALA A 125 7.07 -14.37 -4.01
CA ALA A 125 6.37 -13.42 -3.17
C ALA A 125 7.09 -12.07 -3.23
N HIS A 126 8.37 -12.10 -3.56
CA HIS A 126 9.14 -10.88 -3.65
C HIS A 126 8.67 -10.05 -4.85
N GLU A 127 8.41 -10.75 -5.96
CA GLU A 127 7.97 -10.10 -7.18
C GLU A 127 6.65 -9.35 -6.99
N GLU A 128 5.70 -9.97 -6.31
CA GLU A 128 4.41 -9.35 -6.08
C GLU A 128 4.56 -8.06 -5.28
N THR A 129 5.39 -8.10 -4.24
CA THR A 129 5.62 -6.93 -3.41
C THR A 129 6.39 -5.86 -4.16
N LYS A 130 7.39 -6.28 -4.92
CA LYS A 130 8.22 -5.36 -5.67
C LYS A 130 7.39 -4.54 -6.64
N ALA A 131 6.43 -5.19 -7.28
CA ALA A 131 5.57 -4.50 -8.23
C ALA A 131 4.69 -3.46 -7.53
N HIS A 132 4.09 -3.84 -6.42
CA HIS A 132 3.21 -2.95 -5.66
C HIS A 132 3.97 -1.70 -5.19
N ILE A 133 5.18 -1.91 -4.70
CA ILE A 133 6.00 -0.79 -4.21
C ILE A 133 6.44 0.11 -5.36
N GLU A 134 6.79 -0.49 -6.50
CA GLU A 134 7.22 0.29 -7.66
C GLU A 134 6.12 1.24 -8.13
N GLU A 135 4.87 0.77 -8.11
CA GLU A 135 3.73 1.59 -8.51
C GLU A 135 3.62 2.81 -7.62
N LEU A 136 3.86 2.62 -6.34
CA LEU A 136 3.79 3.69 -5.36
C LEU A 136 4.79 4.79 -5.69
N ARG A 137 5.98 4.38 -6.13
CA ARG A 137 7.02 5.32 -6.48
C ARG A 137 6.58 6.23 -7.62
N HIS A 138 5.88 5.67 -8.61
CA HIS A 138 5.40 6.46 -9.74
C HIS A 138 4.43 7.54 -9.28
N LEU A 139 3.58 7.18 -8.33
CA LEU A 139 2.62 8.13 -7.78
C LEU A 139 3.35 9.22 -7.03
N TRP A 140 4.38 8.81 -6.31
CA TRP A 140 5.17 9.73 -5.51
C TRP A 140 5.81 10.80 -6.38
N ASP A 141 6.30 10.39 -7.55
CA ASP A 141 6.93 11.33 -8.46
C ASP A 141 5.97 12.43 -8.86
N LEU A 142 4.73 12.05 -9.14
CA LEU A 142 3.72 13.02 -9.53
C LEU A 142 3.51 14.05 -8.42
N LEU A 143 3.32 13.57 -7.19
CA LEU A 143 3.12 14.44 -6.04
C LEU A 143 4.36 15.29 -5.79
N LEU A 144 5.53 14.67 -5.95
CA LEU A 144 6.78 15.37 -5.77
C LEU A 144 6.82 16.51 -6.77
N GLU A 145 6.51 16.15 -8.00
CA GLU A 145 6.43 17.11 -9.09
C GLU A 145 5.39 18.16 -8.73
N LEU A 146 4.29 17.69 -8.14
CA LEU A 146 3.20 18.58 -7.74
C LEU A 146 3.68 19.63 -6.76
N THR A 147 4.53 19.22 -5.81
CA THR A 147 5.07 20.14 -4.82
C THR A 147 6.00 21.13 -5.51
N LEU A 148 6.86 20.58 -6.35
CA LEU A 148 7.79 21.38 -7.12
C LEU A 148 7.01 22.32 -8.03
N GLU A 149 5.87 21.83 -8.49
CA GLU A 149 5.01 22.60 -9.38
C GLU A 149 4.56 23.90 -8.73
N LYS A 150 4.20 23.82 -7.45
CA LYS A 150 3.77 25.00 -6.71
C LYS A 150 4.93 25.95 -6.55
N GLY A 151 6.08 25.37 -6.21
CA GLY A 151 7.29 26.13 -6.04
C GLY A 151 7.68 26.85 -7.31
N ASP A 152 7.50 26.17 -8.45
CA ASP A 152 7.82 26.75 -9.74
C ASP A 152 6.98 28.00 -9.96
N GLN A 153 5.68 27.88 -9.74
CA GLN A 153 4.78 29.02 -9.88
C GLN A 153 5.04 30.02 -8.76
N LEU A 154 5.66 29.54 -7.67
CA LEU A 154 5.96 30.39 -6.53
C LEU A 154 7.05 31.41 -6.88
N LEU A 155 7.88 31.06 -7.85
CA LEU A 155 8.96 31.94 -8.27
C LEU A 155 8.42 33.17 -9.00
N ARG A 156 8.93 34.34 -8.63
CA ARG A 156 8.51 35.60 -9.25
C ARG A 156 9.62 36.64 -9.18
N MET A 1 -47.16 38.81 20.17
CA MET A 1 -48.41 38.87 19.38
C MET A 1 -48.15 38.55 17.91
N GLU A 2 -49.04 37.76 17.32
CA GLU A 2 -48.90 37.37 15.92
C GLU A 2 -47.64 36.56 15.70
N GLN A 3 -47.68 35.28 16.04
CA GLN A 3 -46.53 34.40 15.88
C GLN A 3 -46.27 34.10 14.41
N PHE A 4 -44.99 34.05 14.05
CA PHE A 4 -44.61 33.79 12.66
C PHE A 4 -44.54 32.29 12.38
N PRO A 5 -45.14 31.83 11.26
CA PRO A 5 -45.12 30.41 10.89
C PRO A 5 -43.76 29.94 10.39
N LYS A 6 -43.42 28.69 10.68
CA LYS A 6 -42.14 28.11 10.28
C LYS A 6 -41.01 28.57 11.19
N GLU A 7 -39.80 28.09 10.92
CA GLU A 7 -38.64 28.45 11.72
C GLU A 7 -38.02 29.75 11.23
N THR A 8 -37.85 30.70 12.14
CA THR A 8 -37.28 31.99 11.80
C THR A 8 -35.76 31.91 11.70
N VAL A 9 -35.22 32.41 10.60
CA VAL A 9 -33.78 32.41 10.38
C VAL A 9 -33.16 33.73 10.84
N VAL A 10 -32.24 33.66 11.79
CA VAL A 10 -31.57 34.86 12.29
C VAL A 10 -30.40 35.24 11.39
N GLU A 11 -30.45 36.44 10.83
CA GLU A 11 -29.40 36.92 9.95
C GLU A 11 -29.38 38.43 9.87
N SER A 12 -28.28 39.03 10.35
CA SER A 12 -28.13 40.49 10.33
C SER A 12 -26.66 40.87 10.40
N SER A 13 -26.08 41.20 9.24
CA SER A 13 -24.67 41.59 9.18
C SER A 13 -23.77 40.48 9.71
N GLY A 14 -24.26 39.24 9.63
CA GLY A 14 -23.48 38.11 10.12
C GLY A 14 -22.88 37.29 8.99
N PRO A 15 -21.54 37.35 8.81
CA PRO A 15 -20.86 36.59 7.76
C PRO A 15 -21.06 35.09 7.92
N LYS A 16 -20.75 34.35 6.86
CA LYS A 16 -20.90 32.89 6.87
C LYS A 16 -19.79 32.26 7.71
N VAL A 17 -20.07 31.10 8.28
CA VAL A 17 -19.09 30.41 9.11
C VAL A 17 -18.01 29.79 8.24
N LEU A 18 -16.76 30.05 8.59
CA LEU A 18 -15.64 29.53 7.83
C LEU A 18 -15.42 28.05 8.13
N GLU A 19 -15.56 27.23 7.09
CA GLU A 19 -15.33 25.82 7.20
C GLU A 19 -14.25 25.48 6.19
N THR A 20 -13.10 25.15 6.69
CA THR A 20 -11.95 24.83 5.87
C THR A 20 -11.89 23.35 5.49
N ALA A 21 -11.28 23.07 4.34
CA ALA A 21 -11.11 21.73 3.85
C ALA A 21 -10.26 20.94 4.81
N GLU A 22 -9.16 21.56 5.24
CA GLU A 22 -8.28 20.93 6.20
C GLU A 22 -9.00 20.90 7.53
N GLU A 23 -9.73 21.98 7.83
CA GLU A 23 -10.49 22.04 9.07
C GLU A 23 -11.52 20.92 9.10
N ILE A 24 -12.24 20.76 7.99
CA ILE A 24 -13.21 19.68 7.86
C ILE A 24 -12.46 18.38 7.79
N GLN A 25 -11.38 18.40 7.03
CA GLN A 25 -10.57 17.21 6.84
C GLN A 25 -10.00 16.69 8.17
N GLU A 26 -9.57 17.62 9.02
CA GLU A 26 -9.01 17.24 10.31
C GLU A 26 -10.05 16.49 11.12
N ARG A 27 -11.23 17.07 11.18
CA ARG A 27 -12.33 16.46 11.86
C ARG A 27 -12.71 15.19 11.12
N ARG A 28 -12.67 15.28 9.79
CA ARG A 28 -13.02 14.15 8.94
C ARG A 28 -12.11 12.96 9.21
N GLN A 29 -10.80 13.23 9.28
CA GLN A 29 -9.84 12.17 9.55
C GLN A 29 -10.08 11.51 10.89
N GLU A 30 -10.42 12.33 11.89
CA GLU A 30 -10.67 11.83 13.23
C GLU A 30 -11.85 10.87 13.24
N VAL A 31 -12.91 11.23 12.55
CA VAL A 31 -14.09 10.38 12.51
C VAL A 31 -13.76 9.02 11.90
N LEU A 32 -13.09 9.04 10.74
CA LEU A 32 -12.69 7.81 10.08
C LEU A 32 -11.75 6.98 10.95
N THR A 33 -10.81 7.66 11.59
CA THR A 33 -9.85 7.00 12.44
C THR A 33 -10.54 6.31 13.61
N ARG A 34 -11.54 6.98 14.16
CA ARG A 34 -12.27 6.42 15.29
C ARG A 34 -12.93 5.10 14.94
N TYR A 35 -13.60 5.04 13.78
CA TYR A 35 -14.25 3.81 13.34
C TYR A 35 -13.21 2.70 13.18
N GLN A 36 -12.11 3.04 12.53
CA GLN A 36 -11.02 2.10 12.31
C GLN A 36 -10.38 1.69 13.63
N SER A 37 -10.28 2.67 14.53
CA SER A 37 -9.69 2.44 15.84
C SER A 37 -10.46 1.38 16.62
N PHE A 38 -11.79 1.41 16.54
CA PHE A 38 -12.60 0.42 17.23
C PHE A 38 -12.26 -0.96 16.73
N LYS A 39 -12.23 -1.09 15.41
CA LYS A 39 -11.85 -2.33 14.78
C LYS A 39 -10.40 -2.64 15.17
N GLU A 40 -9.61 -1.57 15.21
CA GLU A 40 -8.21 -1.66 15.57
C GLU A 40 -8.06 -2.22 16.99
N ARG A 41 -8.94 -1.80 17.88
CA ARG A 41 -8.90 -2.24 19.27
C ARG A 41 -9.05 -3.75 19.35
N VAL A 42 -9.92 -4.31 18.52
CA VAL A 42 -10.11 -5.75 18.52
C VAL A 42 -8.80 -6.44 18.17
N ALA A 43 -8.14 -5.93 17.13
CA ALA A 43 -6.85 -6.46 16.69
C ALA A 43 -5.80 -6.29 17.79
N GLU A 44 -5.85 -5.14 18.46
CA GLU A 44 -4.92 -4.82 19.52
C GLU A 44 -4.95 -5.88 20.62
N ARG A 45 -6.08 -6.57 20.74
CA ARG A 45 -6.23 -7.61 21.75
C ARG A 45 -5.17 -8.69 21.56
N GLY A 46 -4.89 -9.03 20.32
CA GLY A 46 -3.89 -10.04 20.03
C GLY A 46 -4.48 -11.36 19.56
N GLN A 47 -5.78 -11.37 19.27
CA GLN A 47 -6.44 -12.58 18.81
C GLN A 47 -6.13 -12.83 17.34
N LYS A 48 -5.41 -13.93 17.08
CA LYS A 48 -5.04 -14.29 15.72
C LYS A 48 -6.08 -15.21 15.09
N LEU A 49 -6.75 -14.71 14.05
CA LEU A 49 -7.77 -15.50 13.37
C LEU A 49 -7.16 -16.31 12.22
N GLU A 50 -6.93 -15.66 11.08
CA GLU A 50 -6.34 -16.31 9.92
C GLU A 50 -4.86 -16.61 10.13
N ASP A 51 -4.11 -15.58 10.48
CA ASP A 51 -2.66 -15.71 10.71
C ASP A 51 -2.19 -14.58 11.62
N SER A 52 -0.87 -14.36 11.67
CA SER A 52 -0.33 -13.31 12.51
C SER A 52 -0.69 -11.95 11.95
N TYR A 53 -1.20 -11.09 12.81
CA TYR A 53 -1.60 -9.74 12.43
C TYR A 53 -0.41 -8.96 11.88
N HIS A 54 0.80 -9.41 12.18
CA HIS A 54 2.01 -8.72 11.73
C HIS A 54 2.08 -8.64 10.21
N LEU A 55 1.69 -9.71 9.52
CA LEU A 55 1.68 -9.70 8.07
C LEU A 55 0.74 -8.60 7.63
N GLN A 56 -0.42 -8.57 8.28
CA GLN A 56 -1.41 -7.55 8.04
C GLN A 56 -0.84 -6.19 8.37
N VAL A 57 0.02 -6.15 9.40
CA VAL A 57 0.67 -4.90 9.79
C VAL A 57 1.47 -4.39 8.61
N PHE A 58 2.15 -5.33 7.96
CA PHE A 58 2.90 -5.02 6.77
C PHE A 58 1.93 -4.47 5.75
N LYS A 59 0.75 -5.10 5.73
CA LYS A 59 -0.31 -4.68 4.83
C LYS A 59 -0.77 -3.28 5.21
N ARG A 60 -0.85 -3.03 6.51
CA ARG A 60 -1.28 -1.73 7.03
C ARG A 60 -0.35 -0.63 6.55
N ASP A 61 0.95 -0.92 6.54
CA ASP A 61 1.95 0.04 6.12
C ASP A 61 1.72 0.46 4.67
N ALA A 62 1.33 -0.49 3.83
CA ALA A 62 1.07 -0.21 2.43
C ALA A 62 -0.04 0.82 2.29
N ASP A 63 -1.06 0.70 3.14
CA ASP A 63 -2.17 1.63 3.13
C ASP A 63 -1.69 2.97 3.63
N ASP A 64 -0.92 2.92 4.72
CA ASP A 64 -0.33 4.12 5.31
C ASP A 64 0.56 4.76 4.28
N LEU A 65 1.25 3.92 3.53
CA LEU A 65 2.14 4.39 2.49
C LEU A 65 1.34 5.20 1.48
N GLY A 66 0.24 4.60 1.06
CA GLY A 66 -0.66 5.26 0.15
C GLY A 66 -1.29 6.46 0.80
N LYS A 67 -1.50 6.35 2.11
CA LYS A 67 -2.08 7.46 2.87
C LYS A 67 -1.20 8.68 2.76
N TRP A 68 0.11 8.45 2.81
CA TRP A 68 1.04 9.54 2.71
C TRP A 68 0.90 10.29 1.39
N ILE A 69 0.74 9.56 0.29
CA ILE A 69 0.54 10.21 -0.99
C ILE A 69 -0.77 10.96 -0.95
N MET A 70 -1.76 10.34 -0.32
CA MET A 70 -3.08 10.91 -0.15
C MET A 70 -3.02 12.20 0.67
N GLU A 71 -2.07 12.26 1.59
CA GLU A 71 -1.91 13.44 2.42
C GLU A 71 -1.44 14.61 1.57
N LYS A 72 -0.40 14.34 0.79
CA LYS A 72 0.16 15.33 -0.11
C LYS A 72 -0.85 15.72 -1.19
N VAL A 73 -1.61 14.74 -1.69
CA VAL A 73 -2.56 15.02 -2.76
C VAL A 73 -3.73 15.91 -2.30
N ASN A 74 -4.25 15.66 -1.11
CA ASN A 74 -5.36 16.45 -0.59
C ASN A 74 -4.90 17.89 -0.43
N ILE A 75 -3.77 18.02 0.23
CA ILE A 75 -3.15 19.32 0.43
C ILE A 75 -2.84 19.89 -0.94
N LEU A 76 -2.42 19.01 -1.84
CA LEU A 76 -2.15 19.41 -3.21
C LEU A 76 -3.43 19.95 -3.80
N THR A 77 -4.52 19.28 -3.48
CA THR A 77 -5.83 19.72 -3.91
C THR A 77 -6.15 21.03 -3.23
N ASP A 78 -5.61 21.20 -2.01
CA ASP A 78 -5.87 22.40 -1.23
C ASP A 78 -5.40 23.65 -1.95
N LYS A 79 -4.25 23.57 -2.60
CA LYS A 79 -3.77 24.73 -3.35
C LYS A 79 -4.78 25.08 -4.43
N SER A 80 -5.51 24.05 -4.87
CA SER A 80 -6.54 24.24 -5.91
C SER A 80 -7.60 25.22 -5.44
N TYR A 81 -7.98 25.10 -4.16
CA TYR A 81 -9.00 25.98 -3.59
C TYR A 81 -8.57 27.44 -3.67
N GLU A 82 -7.28 27.69 -3.55
CA GLU A 82 -6.75 29.05 -3.61
C GLU A 82 -7.34 29.91 -2.49
N ASP A 83 -7.41 29.34 -1.29
CA ASP A 83 -7.95 30.06 -0.14
C ASP A 83 -6.99 31.17 0.29
N PRO A 84 -7.49 32.17 1.04
CA PRO A 84 -6.68 33.29 1.51
C PRO A 84 -5.65 32.87 2.56
N THR A 85 -4.85 31.85 2.22
CA THR A 85 -3.82 31.36 3.12
C THR A 85 -2.53 32.16 2.97
N ASN A 86 -1.72 32.15 4.01
CA ASN A 86 -0.45 32.88 3.99
C ASN A 86 0.59 32.11 3.18
N ILE A 87 1.41 32.84 2.44
CA ILE A 87 2.44 32.24 1.61
C ILE A 87 3.56 31.59 2.45
N GLN A 88 3.97 32.26 3.52
CA GLN A 88 5.03 31.74 4.38
C GLN A 88 4.65 30.38 4.95
N GLY A 89 3.39 30.24 5.34
CA GLY A 89 2.94 28.98 5.89
C GLY A 89 2.84 27.90 4.84
N LYS A 90 2.29 28.25 3.68
CA LYS A 90 2.15 27.31 2.59
C LYS A 90 3.52 26.78 2.16
N TYR A 91 4.50 27.67 2.11
CA TYR A 91 5.85 27.28 1.72
C TYR A 91 6.43 26.27 2.70
N GLN A 92 6.17 26.47 3.98
CA GLN A 92 6.70 25.58 5.03
C GLN A 92 6.14 24.16 4.95
N LYS A 93 4.84 24.04 4.66
CA LYS A 93 4.23 22.71 4.57
C LYS A 93 4.91 21.89 3.48
N HIS A 94 5.24 22.53 2.36
CA HIS A 94 5.89 21.85 1.26
C HIS A 94 7.24 21.27 1.70
N GLN A 95 8.00 22.06 2.44
CA GLN A 95 9.31 21.63 2.91
C GLN A 95 9.22 20.46 3.88
N SER A 96 8.24 20.50 4.77
CA SER A 96 8.07 19.44 5.75
C SER A 96 7.79 18.12 5.07
N LEU A 97 6.85 18.14 4.16
CA LEU A 97 6.51 16.96 3.40
C LEU A 97 7.70 16.57 2.54
N GLU A 98 8.61 17.53 2.31
CA GLU A 98 9.80 17.27 1.48
C GLU A 98 10.67 16.22 2.16
N ALA A 99 10.84 16.40 3.47
CA ALA A 99 11.60 15.46 4.27
C ALA A 99 10.82 14.16 4.35
N GLU A 100 9.50 14.30 4.43
CA GLU A 100 8.59 13.17 4.51
C GLU A 100 8.71 12.30 3.25
N VAL A 101 8.87 12.95 2.10
CA VAL A 101 8.99 12.25 0.83
C VAL A 101 10.19 11.33 0.90
N GLN A 102 11.30 11.93 1.31
CA GLN A 102 12.54 11.21 1.47
C GLN A 102 12.39 10.18 2.58
N THR A 103 11.69 10.57 3.63
CA THR A 103 11.47 9.68 4.77
C THR A 103 10.66 8.45 4.37
N LYS A 104 9.56 8.68 3.68
CA LYS A 104 8.70 7.58 3.25
C LYS A 104 9.45 6.61 2.34
N SER A 105 10.27 7.15 1.46
CA SER A 105 11.03 6.33 0.54
C SER A 105 11.94 5.38 1.31
N ARG A 106 12.53 5.88 2.38
CA ARG A 106 13.39 5.06 3.21
C ARG A 106 12.56 3.99 3.88
N LEU A 107 11.37 4.37 4.27
CA LEU A 107 10.43 3.45 4.88
C LEU A 107 10.16 2.38 3.86
N MET A 108 10.26 2.75 2.59
CA MET A 108 10.08 1.79 1.52
C MET A 108 11.24 0.82 1.58
N SER A 109 12.41 1.38 1.91
CA SER A 109 13.64 0.59 2.04
C SER A 109 13.46 -0.43 3.17
N GLU A 110 13.03 0.09 4.31
CA GLU A 110 12.76 -0.73 5.48
C GLU A 110 11.59 -1.64 5.19
N LEU A 111 10.63 -1.11 4.44
CA LEU A 111 9.43 -1.85 4.10
C LEU A 111 9.74 -3.14 3.36
N GLU A 112 10.70 -3.09 2.46
CA GLU A 112 11.10 -4.29 1.71
C GLU A 112 11.71 -5.29 2.67
N LYS A 113 12.59 -4.77 3.51
CA LYS A 113 13.25 -5.55 4.53
C LYS A 113 12.22 -6.12 5.48
N THR A 114 11.18 -5.33 5.76
CA THR A 114 10.14 -5.76 6.68
C THR A 114 9.44 -7.03 6.20
N ARG A 115 9.19 -7.11 4.89
CA ARG A 115 8.54 -8.28 4.31
C ARG A 115 9.40 -9.52 4.54
N GLU A 116 10.69 -9.35 4.24
CA GLU A 116 11.66 -10.42 4.42
C GLU A 116 11.88 -10.69 5.90
N GLU A 117 11.72 -9.65 6.72
CA GLU A 117 11.93 -9.79 8.16
C GLU A 117 11.04 -10.89 8.74
N ARG A 118 9.80 -10.97 8.28
CA ARG A 118 8.88 -11.99 8.74
C ARG A 118 8.66 -13.10 7.71
N PHE A 119 8.59 -14.33 8.20
CA PHE A 119 8.38 -15.48 7.32
C PHE A 119 9.51 -15.60 6.30
N THR A 120 10.50 -16.43 6.62
CA THR A 120 11.63 -16.64 5.74
C THR A 120 11.27 -17.59 4.60
N MET A 121 12.14 -17.67 3.60
CA MET A 121 11.91 -18.53 2.45
C MET A 121 10.67 -18.08 1.67
N GLY A 122 10.90 -17.38 0.57
CA GLY A 122 9.80 -16.91 -0.25
C GLY A 122 10.24 -15.86 -1.25
N HIS A 123 11.00 -16.28 -2.26
CA HIS A 123 11.50 -15.37 -3.29
C HIS A 123 10.34 -14.77 -4.08
N SER A 124 9.33 -15.57 -4.37
CA SER A 124 8.16 -15.11 -5.10
C SER A 124 7.44 -14.02 -4.35
N ALA A 125 7.34 -14.16 -3.04
CA ALA A 125 6.67 -13.17 -2.21
C ALA A 125 7.35 -11.82 -2.39
N HIS A 126 8.62 -11.84 -2.78
CA HIS A 126 9.35 -10.60 -3.00
C HIS A 126 8.77 -9.86 -4.20
N GLU A 127 8.44 -10.63 -5.24
CA GLU A 127 7.89 -10.04 -6.46
C GLU A 127 6.60 -9.28 -6.18
N GLU A 128 5.75 -9.83 -5.32
CA GLU A 128 4.49 -9.17 -4.99
C GLU A 128 4.74 -7.85 -4.29
N THR A 129 5.70 -7.86 -3.35
CA THR A 129 6.05 -6.66 -2.61
C THR A 129 6.79 -5.66 -3.48
N LYS A 130 7.75 -6.15 -4.27
CA LYS A 130 8.53 -5.28 -5.14
C LYS A 130 7.63 -4.56 -6.15
N ALA A 131 6.67 -5.28 -6.70
CA ALA A 131 5.76 -4.71 -7.68
C ALA A 131 4.92 -3.59 -7.08
N HIS A 132 4.45 -3.80 -5.85
CA HIS A 132 3.64 -2.80 -5.18
C HIS A 132 4.41 -1.50 -5.01
N ILE A 133 5.65 -1.61 -4.54
CA ILE A 133 6.50 -0.44 -4.35
C ILE A 133 6.77 0.27 -5.68
N GLU A 134 6.98 -0.51 -6.74
CA GLU A 134 7.25 0.06 -8.05
C GLU A 134 6.09 0.93 -8.53
N GLU A 135 4.87 0.41 -8.39
CA GLU A 135 3.68 1.16 -8.81
C GLU A 135 3.57 2.46 -8.03
N LEU A 136 3.82 2.38 -6.73
CA LEU A 136 3.76 3.55 -5.87
C LEU A 136 4.84 4.56 -6.22
N ARG A 137 6.02 4.06 -6.59
CA ARG A 137 7.14 4.92 -6.94
C ARG A 137 6.80 5.77 -8.16
N HIS A 138 6.10 5.18 -9.13
CA HIS A 138 5.72 5.90 -10.34
C HIS A 138 4.75 7.02 -9.98
N LEU A 139 3.85 6.73 -9.05
CA LEU A 139 2.89 7.72 -8.58
C LEU A 139 3.62 8.83 -7.86
N TRP A 140 4.63 8.41 -7.10
CA TRP A 140 5.45 9.33 -6.33
C TRP A 140 6.13 10.35 -7.23
N ASP A 141 6.62 9.88 -8.37
CA ASP A 141 7.30 10.75 -9.31
C ASP A 141 6.37 11.87 -9.77
N LEU A 142 5.14 11.51 -10.12
CA LEU A 142 4.16 12.50 -10.54
C LEU A 142 3.93 13.50 -9.41
N LEU A 143 3.75 12.95 -8.22
CA LEU A 143 3.52 13.74 -7.01
C LEU A 143 4.71 14.65 -6.74
N LEU A 144 5.91 14.13 -6.97
CA LEU A 144 7.13 14.92 -6.79
C LEU A 144 7.08 16.13 -7.69
N GLU A 145 6.77 15.87 -8.96
CA GLU A 145 6.60 16.92 -9.94
C GLU A 145 5.48 17.82 -9.48
N LEU A 146 4.43 17.20 -8.94
CA LEU A 146 3.27 17.94 -8.46
C LEU A 146 3.69 18.92 -7.37
N THR A 147 4.59 18.48 -6.50
CA THR A 147 5.08 19.33 -5.42
C THR A 147 5.85 20.49 -6.00
N LEU A 148 6.72 20.17 -6.95
CA LEU A 148 7.49 21.17 -7.63
C LEU A 148 6.54 22.12 -8.33
N GLU A 149 5.49 21.54 -8.90
CA GLU A 149 4.47 22.31 -9.61
C GLU A 149 3.79 23.31 -8.67
N LYS A 150 3.41 22.85 -7.49
CA LYS A 150 2.76 23.72 -6.51
C LYS A 150 3.73 24.76 -5.95
N GLY A 151 4.96 24.33 -5.69
CA GLY A 151 5.96 25.25 -5.16
C GLY A 151 6.31 26.34 -6.14
N ASP A 152 6.42 26.00 -7.42
CA ASP A 152 6.73 26.99 -8.45
C ASP A 152 5.60 27.99 -8.55
N GLN A 153 4.38 27.48 -8.45
CA GLN A 153 3.19 28.30 -8.49
C GLN A 153 3.11 29.14 -7.22
N LEU A 154 3.77 28.66 -6.16
CA LEU A 154 3.77 29.37 -4.89
C LEU A 154 4.57 30.66 -4.99
N LEU A 155 5.52 30.70 -5.92
CA LEU A 155 6.34 31.89 -6.13
C LEU A 155 5.53 32.98 -6.81
N ARG A 156 5.58 34.19 -6.25
CA ARG A 156 4.85 35.32 -6.83
C ARG A 156 5.74 36.10 -7.81
N MET A 1 6.88 -45.76 -29.52
CA MET A 1 7.54 -44.63 -30.23
C MET A 1 8.04 -45.06 -31.61
N GLU A 2 7.50 -44.42 -32.66
CA GLU A 2 7.90 -44.74 -34.02
C GLU A 2 9.23 -44.06 -34.38
N GLN A 3 9.69 -43.16 -33.52
CA GLN A 3 10.94 -42.46 -33.76
C GLN A 3 12.13 -43.34 -33.43
N PHE A 4 13.19 -43.23 -34.23
CA PHE A 4 14.39 -44.02 -34.02
C PHE A 4 15.32 -43.33 -33.02
N PRO A 5 15.59 -43.96 -31.85
CA PRO A 5 16.45 -43.38 -30.83
C PRO A 5 17.90 -43.25 -31.30
N LYS A 6 18.50 -42.09 -31.07
CA LYS A 6 19.87 -41.85 -31.48
C LYS A 6 20.84 -42.66 -30.62
N GLU A 7 20.55 -42.75 -29.32
CA GLU A 7 21.38 -43.49 -28.40
C GLU A 7 20.75 -44.83 -28.05
N THR A 8 21.49 -45.92 -28.25
CA THR A 8 20.99 -47.25 -27.95
C THR A 8 21.10 -47.53 -26.45
N VAL A 9 20.00 -47.97 -25.84
CA VAL A 9 19.98 -48.28 -24.42
C VAL A 9 20.38 -49.73 -24.17
N VAL A 10 21.49 -49.91 -23.46
CA VAL A 10 21.99 -51.24 -23.13
C VAL A 10 21.30 -51.80 -21.90
N GLU A 11 20.71 -52.99 -22.03
CA GLU A 11 20.04 -53.64 -20.92
C GLU A 11 21.04 -54.26 -19.96
N SER A 12 20.90 -53.96 -18.67
CA SER A 12 21.80 -54.49 -17.66
C SER A 12 21.20 -54.39 -16.27
N SER A 13 21.04 -55.53 -15.61
CA SER A 13 20.48 -55.58 -14.27
C SER A 13 20.88 -56.86 -13.53
N GLY A 14 21.82 -57.62 -14.11
CA GLY A 14 22.27 -58.84 -13.49
C GLY A 14 23.45 -58.62 -12.56
N PRO A 15 24.70 -58.70 -13.08
CA PRO A 15 25.90 -58.51 -12.28
C PRO A 15 25.87 -57.19 -11.50
N LYS A 16 26.62 -57.16 -10.41
CA LYS A 16 26.68 -55.97 -9.57
C LYS A 16 27.55 -54.90 -10.21
N VAL A 17 27.16 -53.64 -10.05
CA VAL A 17 27.89 -52.52 -10.59
C VAL A 17 29.15 -52.24 -9.78
N LEU A 18 30.27 -52.05 -10.49
CA LEU A 18 31.54 -51.79 -9.83
C LEU A 18 31.62 -50.37 -9.30
N GLU A 19 31.84 -50.24 -8.00
CA GLU A 19 32.00 -48.97 -7.39
C GLU A 19 33.37 -48.97 -6.71
N THR A 20 34.23 -48.17 -7.27
CA THR A 20 35.61 -48.04 -6.78
C THR A 20 35.69 -47.10 -5.58
N ALA A 21 36.74 -47.23 -4.79
CA ALA A 21 36.95 -46.39 -3.65
C ALA A 21 37.12 -44.98 -4.13
N GLU A 22 37.99 -44.83 -5.13
CA GLU A 22 38.23 -43.54 -5.74
C GLU A 22 37.02 -43.13 -6.55
N GLU A 23 36.44 -44.11 -7.25
CA GLU A 23 35.24 -43.84 -8.05
C GLU A 23 34.11 -43.35 -7.17
N ILE A 24 33.89 -44.09 -6.08
CA ILE A 24 32.88 -43.73 -5.11
C ILE A 24 33.30 -42.47 -4.37
N GLN A 25 34.58 -42.43 -3.99
CA GLN A 25 35.11 -41.26 -3.28
C GLN A 25 34.98 -39.99 -4.10
N GLU A 26 35.27 -40.10 -5.40
CA GLU A 26 35.16 -38.95 -6.30
C GLU A 26 33.73 -38.44 -6.30
N ARG A 27 32.81 -39.38 -6.46
CA ARG A 27 31.39 -39.06 -6.44
C ARG A 27 31.03 -38.58 -5.05
N ARG A 28 31.68 -39.17 -4.04
CA ARG A 28 31.44 -38.80 -2.66
C ARG A 28 31.77 -37.34 -2.41
N GLN A 29 32.87 -36.86 -2.99
CA GLN A 29 33.26 -35.47 -2.83
C GLN A 29 32.21 -34.53 -3.41
N GLU A 30 31.73 -34.85 -4.61
CA GLU A 30 30.73 -34.03 -5.27
C GLU A 30 29.37 -34.09 -4.57
N VAL A 31 28.95 -35.30 -4.19
CA VAL A 31 27.67 -35.47 -3.53
C VAL A 31 27.60 -34.70 -2.22
N LEU A 32 28.67 -34.76 -1.43
CA LEU A 32 28.69 -34.06 -0.15
C LEU A 32 28.52 -32.55 -0.32
N THR A 33 29.22 -31.99 -1.30
CA THR A 33 29.13 -30.56 -1.56
C THR A 33 27.78 -30.18 -2.14
N ARG A 34 27.28 -31.02 -3.03
CA ARG A 34 25.99 -30.77 -3.66
C ARG A 34 24.86 -30.83 -2.64
N TYR A 35 24.95 -31.80 -1.73
CA TYR A 35 23.93 -31.97 -0.70
C TYR A 35 23.79 -30.73 0.16
N GLN A 36 24.92 -30.16 0.58
CA GLN A 36 24.90 -28.97 1.40
C GLN A 36 24.23 -27.81 0.67
N SER A 37 24.54 -27.65 -0.61
CA SER A 37 23.96 -26.57 -1.40
C SER A 37 22.45 -26.67 -1.49
N PHE A 38 21.95 -27.90 -1.64
CA PHE A 38 20.51 -28.13 -1.72
C PHE A 38 19.91 -27.82 -0.37
N LYS A 39 20.56 -28.32 0.67
CA LYS A 39 20.14 -28.09 2.03
C LYS A 39 20.16 -26.59 2.29
N GLU A 40 21.19 -25.94 1.76
CA GLU A 40 21.33 -24.48 1.93
C GLU A 40 20.13 -23.74 1.35
N ARG A 41 19.71 -24.16 0.16
CA ARG A 41 18.58 -23.54 -0.52
C ARG A 41 17.27 -23.78 0.24
N VAL A 42 17.12 -24.99 0.76
CA VAL A 42 15.91 -25.36 1.50
C VAL A 42 15.80 -24.58 2.81
N ALA A 43 16.92 -24.45 3.51
CA ALA A 43 16.94 -23.73 4.78
C ALA A 43 16.53 -22.28 4.60
N GLU A 44 17.11 -21.62 3.60
CA GLU A 44 16.81 -20.22 3.35
C GLU A 44 15.33 -20.03 3.04
N ARG A 45 14.79 -20.91 2.19
CA ARG A 45 13.39 -20.84 1.81
C ARG A 45 12.47 -20.99 3.03
N GLY A 46 12.84 -21.87 3.94
CA GLY A 46 12.03 -22.10 5.12
C GLY A 46 10.75 -22.83 4.82
N GLN A 47 10.34 -23.74 5.70
CA GLN A 47 9.12 -24.50 5.50
C GLN A 47 7.89 -23.67 5.86
N LYS A 48 7.09 -23.34 4.87
CA LYS A 48 5.88 -22.55 5.08
C LYS A 48 4.68 -23.45 5.38
N LEU A 49 3.89 -23.05 6.36
CA LEU A 49 2.70 -23.81 6.76
C LEU A 49 1.75 -22.94 7.56
N GLU A 50 2.21 -22.51 8.73
CA GLU A 50 1.41 -21.67 9.62
C GLU A 50 1.14 -20.30 9.00
N ASP A 51 2.16 -19.75 8.34
CA ASP A 51 2.04 -18.44 7.70
C ASP A 51 1.94 -17.35 8.77
N SER A 52 3.04 -16.67 8.99
CA SER A 52 3.10 -15.62 10.00
C SER A 52 2.28 -14.40 9.58
N TYR A 53 1.73 -13.73 10.58
CA TYR A 53 0.94 -12.52 10.36
C TYR A 53 1.82 -11.38 9.90
N HIS A 54 3.13 -11.50 10.14
CA HIS A 54 4.10 -10.46 9.78
C HIS A 54 4.03 -10.12 8.30
N LEU A 55 3.82 -11.11 7.46
CA LEU A 55 3.72 -10.87 6.02
C LEU A 55 2.55 -9.94 5.79
N GLN A 56 1.46 -10.22 6.49
CA GLN A 56 0.28 -9.40 6.43
C GLN A 56 0.57 -8.06 7.07
N VAL A 57 1.40 -8.09 8.12
CA VAL A 57 1.79 -6.88 8.83
C VAL A 57 2.52 -5.97 7.86
N PHE A 58 3.45 -6.58 7.13
CA PHE A 58 4.20 -5.87 6.10
C PHE A 58 3.21 -5.35 5.09
N LYS A 59 2.23 -6.20 4.80
CA LYS A 59 1.17 -5.84 3.86
C LYS A 59 0.39 -4.64 4.41
N ARG A 60 0.15 -4.66 5.72
CA ARG A 60 -0.58 -3.59 6.39
C ARG A 60 0.14 -2.25 6.23
N ASP A 61 1.47 -2.27 6.37
CA ASP A 61 2.26 -1.07 6.24
C ASP A 61 2.09 -0.45 4.85
N ALA A 62 2.00 -1.32 3.85
CA ALA A 62 1.83 -0.89 2.47
C ALA A 62 0.54 -0.08 2.30
N ASP A 63 -0.52 -0.53 2.96
CA ASP A 63 -1.79 0.17 2.89
C ASP A 63 -1.66 1.52 3.56
N ASP A 64 -1.01 1.51 4.72
CA ASP A 64 -0.73 2.72 5.46
C ASP A 64 0.14 3.63 4.61
N LEU A 65 1.06 2.99 3.89
CA LEU A 65 1.97 3.69 3.01
C LEU A 65 1.17 4.43 1.96
N GLY A 66 0.26 3.70 1.35
CA GLY A 66 -0.61 4.29 0.36
C GLY A 66 -1.47 5.35 1.00
N LYS A 67 -1.82 5.12 2.26
CA LYS A 67 -2.64 6.05 3.01
C LYS A 67 -1.94 7.42 3.10
N TRP A 68 -0.64 7.38 3.34
CA TRP A 68 0.16 8.60 3.44
C TRP A 68 0.09 9.42 2.15
N ILE A 69 0.14 8.74 1.01
CA ILE A 69 0.10 9.42 -0.27
C ILE A 69 -1.23 10.15 -0.46
N MET A 70 -2.32 9.49 -0.05
CA MET A 70 -3.65 10.07 -0.16
C MET A 70 -3.76 11.35 0.64
N GLU A 71 -3.11 11.39 1.79
CA GLU A 71 -3.13 12.56 2.64
C GLU A 71 -2.50 13.71 1.88
N LYS A 72 -1.38 13.41 1.23
CA LYS A 72 -0.69 14.38 0.40
C LYS A 72 -1.61 14.81 -0.71
N VAL A 73 -2.44 13.87 -1.16
CA VAL A 73 -3.40 14.14 -2.24
C VAL A 73 -4.46 15.12 -1.77
N ASN A 74 -4.90 14.93 -0.53
CA ASN A 74 -5.91 15.77 0.07
C ASN A 74 -5.38 17.18 0.22
N ILE A 75 -4.16 17.30 0.73
CA ILE A 75 -3.53 18.61 0.85
C ILE A 75 -3.32 19.15 -0.55
N LEU A 76 -2.97 18.25 -1.46
CA LEU A 76 -2.76 18.63 -2.85
C LEU A 76 -4.05 19.23 -3.40
N THR A 77 -5.16 18.60 -3.05
CA THR A 77 -6.45 19.09 -3.44
C THR A 77 -6.72 20.39 -2.70
N ASP A 78 -6.18 20.48 -1.50
CA ASP A 78 -6.38 21.65 -0.68
C ASP A 78 -5.86 22.91 -1.36
N LYS A 79 -4.69 22.81 -1.97
CA LYS A 79 -4.15 23.98 -2.67
C LYS A 79 -5.10 24.37 -3.78
N SER A 80 -5.87 23.40 -4.24
CA SER A 80 -6.86 23.62 -5.29
C SER A 80 -7.90 24.64 -4.84
N TYR A 81 -8.30 24.55 -3.58
CA TYR A 81 -9.31 25.45 -3.03
C TYR A 81 -8.88 26.91 -3.15
N GLU A 82 -7.60 27.17 -2.86
CA GLU A 82 -7.08 28.52 -2.93
C GLU A 82 -5.67 28.53 -3.51
N ASP A 83 -5.45 29.37 -4.52
CA ASP A 83 -4.15 29.46 -5.17
C ASP A 83 -3.67 30.92 -5.29
N PRO A 84 -3.37 31.56 -4.15
CA PRO A 84 -2.91 32.94 -4.12
C PRO A 84 -1.39 33.03 -4.34
N THR A 85 -0.86 34.25 -4.34
CA THR A 85 0.57 34.44 -4.53
C THR A 85 1.32 34.18 -3.23
N ASN A 86 1.15 35.09 -2.28
CA ASN A 86 1.79 34.95 -0.97
C ASN A 86 1.04 33.95 -0.11
N ILE A 87 1.76 32.98 0.45
CA ILE A 87 1.14 31.97 1.29
C ILE A 87 2.13 31.38 2.27
N GLN A 88 2.26 32.02 3.42
CA GLN A 88 3.18 31.57 4.46
C GLN A 88 2.82 30.18 4.97
N GLY A 89 1.53 29.91 5.13
CA GLY A 89 1.10 28.62 5.63
C GLY A 89 1.36 27.49 4.66
N LYS A 90 0.96 27.66 3.41
CA LYS A 90 1.16 26.61 2.43
C LYS A 90 2.65 26.33 2.22
N TYR A 91 3.44 27.39 2.20
CA TYR A 91 4.87 27.24 2.01
C TYR A 91 5.48 26.41 3.13
N GLN A 92 5.01 26.65 4.35
CA GLN A 92 5.50 25.92 5.52
C GLN A 92 5.23 24.43 5.42
N LYS A 93 3.99 24.06 5.10
CA LYS A 93 3.61 22.66 4.97
C LYS A 93 4.45 21.99 3.88
N HIS A 94 4.73 22.73 2.82
CA HIS A 94 5.53 22.19 1.72
C HIS A 94 6.90 21.76 2.22
N GLN A 95 7.57 22.64 2.97
CA GLN A 95 8.89 22.33 3.51
C GLN A 95 8.84 21.13 4.45
N SER A 96 7.86 21.12 5.35
CA SER A 96 7.70 20.02 6.28
C SER A 96 7.44 18.75 5.52
N LEU A 97 6.62 18.87 4.49
CA LEU A 97 6.30 17.76 3.64
C LEU A 97 7.56 17.32 2.91
N GLU A 98 8.51 18.25 2.81
CA GLU A 98 9.78 17.96 2.13
C GLU A 98 10.54 16.92 2.93
N ALA A 99 10.57 17.12 4.23
CA ALA A 99 11.22 16.20 5.15
C ALA A 99 10.42 14.91 5.21
N GLU A 100 9.09 15.07 5.15
CA GLU A 100 8.19 13.92 5.21
C GLU A 100 8.42 12.98 4.03
N VAL A 101 8.64 13.54 2.85
CA VAL A 101 8.89 12.73 1.66
C VAL A 101 10.15 11.92 1.86
N GLN A 102 11.19 12.61 2.28
CA GLN A 102 12.46 11.98 2.56
C GLN A 102 12.30 10.99 3.70
N THR A 103 11.47 11.36 4.68
CA THR A 103 11.23 10.51 5.84
C THR A 103 10.45 9.26 5.44
N LYS A 104 9.40 9.44 4.67
CA LYS A 104 8.61 8.30 4.23
C LYS A 104 9.44 7.40 3.33
N SER A 105 10.27 8.02 2.49
CA SER A 105 11.13 7.27 1.59
C SER A 105 12.06 6.34 2.34
N ARG A 106 12.60 6.80 3.47
CA ARG A 106 13.49 5.97 4.26
C ARG A 106 12.68 4.82 4.84
N LEU A 107 11.45 5.12 5.17
CA LEU A 107 10.54 4.11 5.67
C LEU A 107 10.42 3.07 4.59
N MET A 108 10.55 3.53 3.35
CA MET A 108 10.54 2.63 2.20
C MET A 108 11.80 1.78 2.29
N SER A 109 12.88 2.43 2.72
CA SER A 109 14.16 1.76 2.89
C SER A 109 14.03 0.71 3.99
N GLU A 110 13.49 1.15 5.12
CA GLU A 110 13.23 0.29 6.27
C GLU A 110 12.25 -0.79 5.85
N LEU A 111 11.29 -0.40 5.01
CA LEU A 111 10.27 -1.32 4.53
C LEU A 111 10.91 -2.48 3.78
N GLU A 112 11.92 -2.18 2.98
CA GLU A 112 12.61 -3.23 2.24
C GLU A 112 13.31 -4.14 3.22
N LYS A 113 13.97 -3.51 4.19
CA LYS A 113 14.66 -4.23 5.24
C LYS A 113 13.65 -5.07 6.00
N THR A 114 12.45 -4.51 6.16
CA THR A 114 11.37 -5.19 6.87
C THR A 114 11.03 -6.51 6.19
N ARG A 115 11.04 -6.51 4.87
CA ARG A 115 10.73 -7.72 4.11
C ARG A 115 11.74 -8.79 4.48
N GLU A 116 13.01 -8.41 4.48
CA GLU A 116 14.07 -9.32 4.85
C GLU A 116 13.94 -9.62 6.34
N GLU A 117 13.51 -8.61 7.10
CA GLU A 117 13.33 -8.74 8.54
C GLU A 117 12.31 -9.84 8.85
N ARG A 118 11.24 -9.89 8.06
CA ARG A 118 10.18 -10.89 8.23
C ARG A 118 10.58 -12.21 7.60
N PHE A 119 9.64 -13.13 7.49
CA PHE A 119 9.90 -14.43 6.90
C PHE A 119 10.13 -14.29 5.40
N THR A 120 9.35 -13.41 4.76
CA THR A 120 9.47 -13.17 3.32
C THR A 120 9.49 -14.47 2.52
N MET A 121 8.76 -15.46 2.99
CA MET A 121 8.68 -16.75 2.31
C MET A 121 7.64 -16.71 1.20
N GLY A 122 8.03 -17.20 0.03
CA GLY A 122 7.12 -17.21 -1.11
C GLY A 122 7.66 -16.38 -2.26
N HIS A 123 8.12 -17.06 -3.30
CA HIS A 123 8.67 -16.39 -4.47
C HIS A 123 7.62 -15.55 -5.18
N SER A 124 6.40 -16.08 -5.29
CA SER A 124 5.32 -15.37 -5.95
C SER A 124 4.90 -14.18 -5.11
N ALA A 125 4.86 -14.37 -3.81
CA ALA A 125 4.49 -13.29 -2.90
C ALA A 125 5.49 -12.15 -3.06
N HIS A 126 6.69 -12.49 -3.55
CA HIS A 126 7.73 -11.50 -3.77
C HIS A 126 7.31 -10.52 -4.87
N GLU A 127 6.77 -11.09 -5.95
CA GLU A 127 6.31 -10.29 -7.07
C GLU A 127 5.16 -9.37 -6.67
N GLU A 128 4.22 -9.91 -5.90
CA GLU A 128 3.06 -9.14 -5.46
C GLU A 128 3.48 -7.96 -4.59
N THR A 129 4.36 -8.22 -3.63
CA THR A 129 4.83 -7.17 -2.72
C THR A 129 5.71 -6.17 -3.44
N LYS A 130 6.62 -6.67 -4.27
CA LYS A 130 7.53 -5.80 -5.01
C LYS A 130 6.77 -4.86 -5.93
N ALA A 131 5.73 -5.37 -6.57
CA ALA A 131 4.94 -4.56 -7.48
C ALA A 131 4.15 -3.49 -6.73
N HIS A 132 3.62 -3.85 -5.56
CA HIS A 132 2.84 -2.93 -4.76
C HIS A 132 3.66 -1.71 -4.35
N ILE A 133 4.89 -1.96 -3.91
CA ILE A 133 5.79 -0.88 -3.49
C ILE A 133 6.23 -0.04 -4.69
N GLU A 134 6.51 -0.71 -5.81
CA GLU A 134 6.92 -0.03 -7.02
C GLU A 134 5.84 0.94 -7.51
N GLU A 135 4.59 0.50 -7.41
CA GLU A 135 3.46 1.33 -7.83
C GLU A 135 3.39 2.62 -7.02
N LEU A 136 3.66 2.50 -5.73
CA LEU A 136 3.64 3.64 -4.82
C LEU A 136 4.65 4.70 -5.27
N ARG A 137 5.80 4.22 -5.72
CA ARG A 137 6.86 5.11 -6.16
C ARG A 137 6.40 5.95 -7.35
N HIS A 138 5.65 5.33 -8.27
CA HIS A 138 5.15 6.05 -9.44
C HIS A 138 4.25 7.21 -9.03
N LEU A 139 3.39 6.96 -8.05
CA LEU A 139 2.49 8.00 -7.55
C LEU A 139 3.29 9.06 -6.82
N TRP A 140 4.30 8.61 -6.08
CA TRP A 140 5.15 9.51 -5.32
C TRP A 140 5.83 10.51 -6.24
N ASP A 141 6.30 10.02 -7.40
CA ASP A 141 6.97 10.88 -8.36
C ASP A 141 6.06 12.02 -8.82
N LEU A 142 4.81 11.67 -9.13
CA LEU A 142 3.85 12.67 -9.57
C LEU A 142 3.64 13.72 -8.48
N LEU A 143 3.54 13.26 -7.25
CA LEU A 143 3.36 14.15 -6.11
C LEU A 143 4.55 15.07 -5.95
N LEU A 144 5.73 14.54 -6.20
CA LEU A 144 6.95 15.33 -6.09
C LEU A 144 6.87 16.48 -7.05
N GLU A 145 6.53 16.16 -8.30
CA GLU A 145 6.36 17.17 -9.32
C GLU A 145 5.24 18.10 -8.89
N LEU A 146 4.21 17.50 -8.32
CA LEU A 146 3.05 18.25 -7.84
C LEU A 146 3.45 19.25 -6.74
N THR A 147 4.30 18.79 -5.82
CA THR A 147 4.78 19.63 -4.73
C THR A 147 5.67 20.72 -5.29
N LEU A 148 6.58 20.31 -6.16
CA LEU A 148 7.48 21.23 -6.82
C LEU A 148 6.66 22.22 -7.63
N GLU A 149 5.59 21.70 -8.24
CA GLU A 149 4.72 22.50 -9.08
C GLU A 149 4.08 23.65 -8.30
N LYS A 150 3.63 23.37 -7.08
CA LYS A 150 3.01 24.40 -6.25
C LYS A 150 4.05 25.42 -5.78
N GLY A 151 5.25 24.94 -5.45
CA GLY A 151 6.31 25.82 -5.00
C GLY A 151 6.68 26.86 -6.05
N ASP A 152 6.58 26.47 -7.32
CA ASP A 152 6.91 27.39 -8.41
C ASP A 152 5.98 28.59 -8.35
N GLN A 153 4.70 28.32 -8.12
CA GLN A 153 3.71 29.36 -8.00
C GLN A 153 3.95 30.13 -6.71
N LEU A 154 4.57 29.45 -5.74
CA LEU A 154 4.86 30.04 -4.45
C LEU A 154 5.93 31.13 -4.57
N LEU A 155 6.75 31.03 -5.61
CA LEU A 155 7.81 32.01 -5.84
C LEU A 155 7.21 33.38 -6.18
N ARG A 156 7.79 34.42 -5.60
CA ARG A 156 7.33 35.78 -5.84
C ARG A 156 5.85 35.92 -5.48
N MET A 1 -46.71 -3.73 -22.69
CA MET A 1 -46.36 -3.56 -24.12
C MET A 1 -45.34 -4.61 -24.58
N GLU A 2 -45.64 -5.87 -24.29
CA GLU A 2 -44.76 -6.97 -24.66
C GLU A 2 -43.37 -6.79 -24.04
N GLN A 3 -42.46 -7.70 -24.38
CA GLN A 3 -41.10 -7.64 -23.85
C GLN A 3 -40.29 -6.54 -24.52
N PHE A 4 -39.33 -5.99 -23.77
CA PHE A 4 -38.48 -4.92 -24.28
C PHE A 4 -37.30 -5.48 -25.05
N PRO A 5 -36.79 -4.73 -26.04
CA PRO A 5 -35.65 -5.18 -26.86
C PRO A 5 -34.40 -5.42 -26.01
N LYS A 6 -33.70 -6.52 -26.31
CA LYS A 6 -32.50 -6.88 -25.58
C LYS A 6 -31.66 -7.87 -26.37
N GLU A 7 -30.38 -7.97 -26.02
CA GLU A 7 -29.46 -8.88 -26.70
C GLU A 7 -29.85 -10.33 -26.43
N THR A 8 -29.70 -11.17 -27.45
CA THR A 8 -30.04 -12.58 -27.32
C THR A 8 -28.98 -13.35 -26.56
N VAL A 9 -29.41 -14.19 -25.63
CA VAL A 9 -28.51 -14.98 -24.81
C VAL A 9 -28.10 -16.26 -25.51
N VAL A 10 -26.81 -16.58 -25.45
CA VAL A 10 -26.27 -17.77 -26.08
C VAL A 10 -26.58 -19.01 -25.25
N GLU A 11 -26.93 -20.10 -25.93
CA GLU A 11 -27.24 -21.37 -25.26
C GLU A 11 -28.57 -21.28 -24.53
N SER A 12 -29.35 -22.37 -24.59
CA SER A 12 -30.66 -22.44 -23.94
C SER A 12 -31.66 -21.51 -24.62
N SER A 13 -31.37 -21.14 -25.86
CA SER A 13 -32.26 -20.27 -26.62
C SER A 13 -33.44 -21.05 -27.21
N GLY A 14 -33.39 -22.38 -27.10
CA GLY A 14 -34.46 -23.20 -27.64
C GLY A 14 -34.02 -24.64 -27.85
N PRO A 15 -32.89 -24.87 -28.56
CA PRO A 15 -32.39 -26.22 -28.82
C PRO A 15 -32.06 -26.98 -27.53
N LYS A 16 -32.09 -28.31 -27.61
CA LYS A 16 -31.80 -29.13 -26.44
C LYS A 16 -30.31 -29.21 -26.18
N VAL A 17 -29.90 -28.82 -24.98
CA VAL A 17 -28.50 -28.83 -24.60
C VAL A 17 -28.05 -30.22 -24.17
N LEU A 18 -27.16 -30.83 -24.95
CA LEU A 18 -26.64 -32.16 -24.64
C LEU A 18 -25.55 -32.08 -23.59
N GLU A 19 -25.71 -32.83 -22.50
CA GLU A 19 -24.72 -32.87 -21.47
C GLU A 19 -24.26 -34.30 -21.28
N THR A 20 -23.05 -34.54 -21.68
CA THR A 20 -22.43 -35.85 -21.58
C THR A 20 -21.66 -35.98 -20.27
N ALA A 21 -21.54 -37.20 -19.78
CA ALA A 21 -20.81 -37.49 -18.57
C ALA A 21 -19.37 -37.11 -18.77
N GLU A 22 -18.82 -37.56 -19.88
CA GLU A 22 -17.46 -37.23 -20.22
C GLU A 22 -17.38 -35.77 -20.61
N GLU A 23 -18.37 -35.32 -21.38
CA GLU A 23 -18.41 -33.91 -21.80
C GLU A 23 -18.49 -33.02 -20.57
N ILE A 24 -19.40 -33.37 -19.66
CA ILE A 24 -19.56 -32.63 -18.43
C ILE A 24 -18.35 -32.86 -17.54
N GLN A 25 -17.89 -34.11 -17.50
CA GLN A 25 -16.72 -34.45 -16.69
C GLN A 25 -15.45 -33.74 -17.17
N GLU A 26 -15.30 -33.64 -18.49
CA GLU A 26 -14.15 -32.97 -19.08
C GLU A 26 -14.20 -31.49 -18.77
N ARG A 27 -15.35 -30.91 -19.03
CA ARG A 27 -15.57 -29.51 -18.79
C ARG A 27 -15.54 -29.20 -17.30
N ARG A 28 -16.12 -30.10 -16.50
CA ARG A 28 -16.15 -29.89 -15.05
C ARG A 28 -14.73 -29.80 -14.48
N GLN A 29 -13.83 -30.64 -14.99
CA GLN A 29 -12.45 -30.64 -14.53
C GLN A 29 -11.83 -29.27 -14.77
N GLU A 30 -12.10 -28.69 -15.93
CA GLU A 30 -11.57 -27.37 -16.26
C GLU A 30 -12.23 -26.31 -15.40
N VAL A 31 -13.55 -26.42 -15.23
CA VAL A 31 -14.30 -25.47 -14.42
C VAL A 31 -13.77 -25.44 -13.00
N LEU A 32 -13.50 -26.62 -12.45
CA LEU A 32 -13.01 -26.74 -11.08
C LEU A 32 -11.68 -26.01 -10.92
N THR A 33 -10.74 -26.26 -11.82
CA THR A 33 -9.44 -25.60 -11.77
C THR A 33 -9.61 -24.11 -11.93
N ARG A 34 -10.48 -23.73 -12.86
CA ARG A 34 -10.74 -22.32 -13.11
C ARG A 34 -11.32 -21.63 -11.88
N TYR A 35 -12.22 -22.30 -11.18
CA TYR A 35 -12.84 -21.74 -9.99
C TYR A 35 -11.80 -21.42 -8.92
N GLN A 36 -10.84 -22.31 -8.74
CA GLN A 36 -9.80 -22.12 -7.75
C GLN A 36 -8.98 -20.86 -8.08
N SER A 37 -8.70 -20.67 -9.36
CA SER A 37 -7.94 -19.50 -9.81
C SER A 37 -8.67 -18.21 -9.49
N PHE A 38 -9.99 -18.21 -9.66
CA PHE A 38 -10.79 -17.02 -9.37
C PHE A 38 -10.74 -16.75 -7.88
N LYS A 39 -10.97 -17.80 -7.11
CA LYS A 39 -10.90 -17.72 -5.67
C LYS A 39 -9.49 -17.29 -5.27
N GLU A 40 -8.52 -17.85 -5.99
CA GLU A 40 -7.11 -17.55 -5.73
C GLU A 40 -6.84 -16.06 -5.91
N ARG A 41 -7.37 -15.50 -6.99
CA ARG A 41 -7.20 -14.08 -7.29
C ARG A 41 -7.82 -13.22 -6.20
N VAL A 42 -8.98 -13.63 -5.73
CA VAL A 42 -9.69 -12.88 -4.69
C VAL A 42 -8.94 -12.97 -3.36
N ALA A 43 -8.48 -14.17 -3.02
CA ALA A 43 -7.76 -14.40 -1.78
C ALA A 43 -6.49 -13.56 -1.72
N GLU A 44 -5.73 -13.56 -2.80
CA GLU A 44 -4.47 -12.82 -2.86
C GLU A 44 -4.71 -11.33 -2.66
N ARG A 45 -5.78 -10.81 -3.25
CA ARG A 45 -6.10 -9.39 -3.12
C ARG A 45 -6.32 -9.03 -1.66
N GLY A 46 -6.99 -9.92 -0.94
CA GLY A 46 -7.27 -9.68 0.46
C GLY A 46 -6.29 -10.36 1.39
N GLN A 47 -6.61 -10.35 2.68
CA GLN A 47 -5.76 -10.98 3.67
C GLN A 47 -5.92 -12.49 3.62
N LYS A 48 -4.83 -13.19 3.34
CA LYS A 48 -4.85 -14.65 3.27
C LYS A 48 -4.74 -15.26 4.66
N LEU A 49 -5.44 -16.37 4.85
CA LEU A 49 -5.44 -17.08 6.12
C LEU A 49 -4.07 -17.73 6.36
N GLU A 50 -3.46 -18.20 5.28
CA GLU A 50 -2.16 -18.85 5.35
C GLU A 50 -1.10 -17.89 5.86
N ASP A 51 -1.21 -16.63 5.46
CA ASP A 51 -0.26 -15.61 5.87
C ASP A 51 -0.56 -15.11 7.29
N SER A 52 0.49 -14.83 8.04
CA SER A 52 0.36 -14.37 9.41
C SER A 52 -0.22 -12.95 9.45
N TYR A 53 -0.68 -12.55 10.62
CA TYR A 53 -1.26 -11.22 10.80
C TYR A 53 -0.23 -10.15 10.48
N HIS A 54 1.04 -10.46 10.76
CA HIS A 54 2.13 -9.51 10.50
C HIS A 54 2.19 -9.16 9.02
N LEU A 55 1.97 -10.14 8.17
CA LEU A 55 1.96 -9.89 6.73
C LEU A 55 0.87 -8.88 6.42
N GLN A 56 -0.28 -9.09 7.05
CA GLN A 56 -1.39 -8.19 6.91
C GLN A 56 -0.98 -6.83 7.49
N VAL A 57 -0.19 -6.89 8.56
CA VAL A 57 0.31 -5.67 9.21
C VAL A 57 1.13 -4.91 8.19
N PHE A 58 1.95 -5.67 7.47
CA PHE A 58 2.77 -5.14 6.41
C PHE A 58 1.82 -4.54 5.38
N LYS A 59 0.72 -5.25 5.16
CA LYS A 59 -0.30 -4.80 4.23
C LYS A 59 -0.91 -3.49 4.74
N ARG A 60 -1.12 -3.41 6.05
CA ARG A 60 -1.69 -2.22 6.67
C ARG A 60 -0.81 -1.00 6.45
N ASP A 61 0.50 -1.18 6.53
CA ASP A 61 1.45 -0.10 6.34
C ASP A 61 1.29 0.48 4.93
N ALA A 62 1.05 -0.39 3.96
CA ALA A 62 0.87 0.02 2.58
C ALA A 62 -0.31 0.97 2.44
N ASP A 63 -1.38 0.66 3.17
CA ASP A 63 -2.57 1.49 3.14
C ASP A 63 -2.23 2.82 3.77
N ASP A 64 -1.53 2.76 4.90
CA ASP A 64 -1.07 3.94 5.59
C ASP A 64 -0.17 4.73 4.66
N LEU A 65 0.64 3.99 3.92
CA LEU A 65 1.55 4.61 2.97
C LEU A 65 0.74 5.40 1.96
N GLY A 66 -0.27 4.74 1.41
CA GLY A 66 -1.16 5.37 0.49
C GLY A 66 -1.89 6.51 1.15
N LYS A 67 -2.15 6.34 2.46
CA LYS A 67 -2.84 7.37 3.23
C LYS A 67 -2.03 8.65 3.22
N TRP A 68 -0.71 8.51 3.32
CA TRP A 68 0.18 9.66 3.31
C TRP A 68 0.04 10.45 2.01
N ILE A 69 -0.08 9.75 0.88
CA ILE A 69 -0.25 10.42 -0.39
C ILE A 69 -1.57 11.18 -0.37
N MET A 70 -2.57 10.55 0.22
CA MET A 70 -3.90 11.12 0.33
C MET A 70 -3.88 12.43 1.13
N GLU A 71 -2.99 12.50 2.10
CA GLU A 71 -2.87 13.69 2.93
C GLU A 71 -2.35 14.84 2.09
N LYS A 72 -1.27 14.54 1.38
CA LYS A 72 -0.64 15.50 0.50
C LYS A 72 -1.59 15.91 -0.62
N VAL A 73 -2.33 14.93 -1.15
CA VAL A 73 -3.26 15.22 -2.23
C VAL A 73 -4.44 16.07 -1.75
N ASN A 74 -4.94 15.73 -0.56
CA ASN A 74 -6.06 16.47 0.03
C ASN A 74 -5.65 17.89 0.32
N ILE A 75 -4.48 18.04 0.95
CA ILE A 75 -3.96 19.36 1.22
C ILE A 75 -3.74 20.06 -0.10
N LEU A 76 -3.24 19.30 -1.07
CA LEU A 76 -3.02 19.84 -2.40
C LEU A 76 -4.34 20.30 -2.97
N THR A 77 -5.36 19.49 -2.74
CA THR A 77 -6.71 19.78 -3.17
C THR A 77 -7.22 20.99 -2.39
N ASP A 78 -6.72 21.15 -1.16
CA ASP A 78 -7.17 22.26 -0.33
C ASP A 78 -6.88 23.59 -0.98
N LYS A 79 -5.72 23.70 -1.60
CA LYS A 79 -5.37 24.93 -2.29
C LYS A 79 -6.34 25.11 -3.44
N SER A 80 -6.87 23.99 -3.92
CA SER A 80 -7.82 23.98 -5.03
C SER A 80 -9.11 24.72 -4.69
N TYR A 81 -9.58 24.53 -3.45
CA TYR A 81 -10.82 25.16 -3.01
C TYR A 81 -10.74 26.69 -3.12
N GLU A 82 -9.67 27.27 -2.59
CA GLU A 82 -9.47 28.72 -2.66
C GLU A 82 -8.11 29.05 -3.26
N ASP A 83 -7.09 29.12 -2.41
CA ASP A 83 -5.75 29.42 -2.86
C ASP A 83 -4.73 28.77 -1.92
N PRO A 84 -3.55 28.42 -2.44
CA PRO A 84 -2.51 27.80 -1.62
C PRO A 84 -2.06 28.71 -0.50
N THR A 85 -1.04 28.28 0.25
CA THR A 85 -0.53 29.07 1.35
C THR A 85 0.44 30.13 0.83
N ASN A 86 0.34 31.33 1.38
CA ASN A 86 1.19 32.44 0.95
C ASN A 86 2.60 32.36 1.54
N ILE A 87 3.59 32.47 0.65
CA ILE A 87 5.00 32.48 1.02
C ILE A 87 5.37 31.54 2.19
N GLN A 88 5.25 32.02 3.42
CA GLN A 88 5.63 31.26 4.61
C GLN A 88 4.81 29.97 4.73
N GLY A 89 3.53 30.05 4.41
CA GLY A 89 2.69 28.87 4.51
C GLY A 89 3.03 27.83 3.47
N LYS A 90 3.16 28.26 2.22
CA LYS A 90 3.48 27.33 1.14
C LYS A 90 4.82 26.64 1.38
N TYR A 91 5.81 27.41 1.84
CA TYR A 91 7.12 26.86 2.12
C TYR A 91 7.04 25.77 3.18
N GLN A 92 6.21 26.00 4.19
CA GLN A 92 6.04 25.03 5.27
C GLN A 92 5.47 23.73 4.73
N LYS A 93 4.42 23.83 3.92
CA LYS A 93 3.79 22.66 3.34
C LYS A 93 4.79 21.87 2.49
N HIS A 94 5.50 22.55 1.62
CA HIS A 94 6.49 21.90 0.77
C HIS A 94 7.66 21.34 1.57
N GLN A 95 8.21 22.18 2.44
CA GLN A 95 9.35 21.79 3.27
C GLN A 95 9.00 20.67 4.25
N SER A 96 7.91 20.84 4.98
CA SER A 96 7.51 19.82 5.96
C SER A 96 7.24 18.51 5.28
N LEU A 97 6.54 18.58 4.17
CA LEU A 97 6.25 17.40 3.39
C LEU A 97 7.53 16.89 2.77
N GLU A 98 8.52 17.77 2.68
CA GLU A 98 9.81 17.39 2.10
C GLU A 98 10.46 16.32 2.94
N ALA A 99 10.42 16.56 4.24
CA ALA A 99 10.95 15.61 5.21
C ALA A 99 10.07 14.38 5.23
N GLU A 100 8.76 14.63 5.11
CA GLU A 100 7.78 13.55 5.12
C GLU A 100 7.98 12.60 3.95
N VAL A 101 8.31 13.16 2.79
CA VAL A 101 8.55 12.35 1.60
C VAL A 101 9.72 11.43 1.88
N GLN A 102 10.78 12.03 2.39
CA GLN A 102 11.97 11.29 2.76
C GLN A 102 11.61 10.30 3.85
N THR A 103 10.75 10.72 4.77
CA THR A 103 10.35 9.86 5.88
C THR A 103 9.61 8.62 5.38
N LYS A 104 8.64 8.83 4.52
CA LYS A 104 7.88 7.73 3.96
C LYS A 104 8.78 6.82 3.12
N SER A 105 9.68 7.44 2.38
CA SER A 105 10.61 6.72 1.53
C SER A 105 11.45 5.76 2.36
N ARG A 106 11.87 6.21 3.53
CA ARG A 106 12.66 5.37 4.42
C ARG A 106 11.82 4.21 4.89
N LEU A 107 10.57 4.50 5.17
CA LEU A 107 9.62 3.49 5.57
C LEU A 107 9.52 2.50 4.43
N MET A 108 9.71 3.04 3.23
CA MET A 108 9.72 2.21 2.03
C MET A 108 10.95 1.32 2.09
N SER A 109 12.03 1.91 2.59
CA SER A 109 13.29 1.18 2.76
C SER A 109 13.12 0.08 3.77
N GLU A 110 12.57 0.47 4.92
CA GLU A 110 12.28 -0.45 6.01
C GLU A 110 11.23 -1.45 5.58
N LEU A 111 10.28 -0.97 4.79
CA LEU A 111 9.18 -1.81 4.33
C LEU A 111 9.68 -3.02 3.55
N GLU A 112 10.67 -2.83 2.70
CA GLU A 112 11.24 -3.92 1.93
C GLU A 112 11.99 -4.85 2.87
N LYS A 113 12.72 -4.22 3.78
CA LYS A 113 13.47 -4.92 4.80
C LYS A 113 12.51 -5.73 5.66
N THR A 114 11.32 -5.17 5.89
CA THR A 114 10.33 -5.83 6.73
C THR A 114 9.92 -7.19 6.17
N ARG A 115 9.72 -7.28 4.86
CA ARG A 115 9.37 -8.55 4.25
C ARG A 115 10.49 -9.55 4.51
N GLU A 116 11.70 -9.08 4.27
CA GLU A 116 12.90 -9.86 4.50
C GLU A 116 13.03 -10.18 5.98
N GLU A 117 12.54 -9.28 6.81
CA GLU A 117 12.64 -9.44 8.27
C GLU A 117 12.00 -10.76 8.72
N ARG A 118 10.86 -11.11 8.12
CA ARG A 118 10.18 -12.36 8.48
C ARG A 118 10.35 -13.41 7.38
N PHE A 119 10.46 -12.97 6.14
CA PHE A 119 10.61 -13.89 5.02
C PHE A 119 12.09 -14.12 4.72
N THR A 120 12.43 -15.37 4.40
CA THR A 120 13.80 -15.73 4.07
C THR A 120 13.84 -17.00 3.23
N MET A 121 12.78 -17.22 2.48
CA MET A 121 12.68 -18.40 1.61
C MET A 121 11.79 -18.12 0.41
N GLY A 122 10.73 -17.34 0.62
CA GLY A 122 9.82 -17.02 -0.47
C GLY A 122 10.36 -15.94 -1.38
N HIS A 123 11.02 -16.35 -2.45
CA HIS A 123 11.59 -15.40 -3.41
C HIS A 123 10.49 -14.68 -4.17
N SER A 124 9.45 -15.42 -4.53
CA SER A 124 8.32 -14.84 -5.27
C SER A 124 7.67 -13.74 -4.47
N ALA A 125 7.53 -13.94 -3.17
CA ALA A 125 6.94 -12.95 -2.32
C ALA A 125 7.68 -11.63 -2.45
N HIS A 126 8.95 -11.71 -2.84
CA HIS A 126 9.76 -10.52 -3.03
C HIS A 126 9.24 -9.72 -4.22
N GLU A 127 8.90 -10.44 -5.29
CA GLU A 127 8.39 -9.82 -6.49
C GLU A 127 7.10 -9.04 -6.25
N GLU A 128 6.21 -9.62 -5.45
CA GLU A 128 4.92 -8.98 -5.15
C GLU A 128 5.12 -7.65 -4.42
N THR A 129 6.05 -7.63 -3.48
CA THR A 129 6.32 -6.41 -2.72
C THR A 129 6.90 -5.33 -3.61
N LYS A 130 7.83 -5.72 -4.48
CA LYS A 130 8.47 -4.79 -5.39
C LYS A 130 7.45 -4.13 -6.31
N ALA A 131 6.49 -4.93 -6.79
CA ALA A 131 5.46 -4.43 -7.68
C ALA A 131 4.56 -3.42 -6.97
N HIS A 132 4.18 -3.74 -5.75
CA HIS A 132 3.33 -2.87 -4.96
C HIS A 132 4.00 -1.51 -4.76
N ILE A 133 5.28 -1.53 -4.39
CA ILE A 133 6.04 -0.32 -4.18
C ILE A 133 6.25 0.44 -5.49
N GLU A 134 6.51 -0.31 -6.56
CA GLU A 134 6.74 0.30 -7.88
C GLU A 134 5.54 1.11 -8.31
N GLU A 135 4.35 0.54 -8.21
CA GLU A 135 3.13 1.25 -8.59
C GLU A 135 2.95 2.47 -7.70
N LEU A 136 3.20 2.27 -6.41
CA LEU A 136 3.10 3.33 -5.42
C LEU A 136 4.09 4.43 -5.73
N ARG A 137 5.28 4.03 -6.15
CA ARG A 137 6.35 4.97 -6.47
C ARG A 137 5.93 5.88 -7.62
N HIS A 138 5.25 5.32 -8.61
CA HIS A 138 4.80 6.10 -9.75
C HIS A 138 3.85 7.21 -9.29
N LEU A 139 2.95 6.86 -8.37
CA LEU A 139 2.02 7.84 -7.82
C LEU A 139 2.78 8.91 -7.07
N TRP A 140 3.81 8.45 -6.35
CA TRP A 140 4.67 9.33 -5.58
C TRP A 140 5.35 10.36 -6.46
N ASP A 141 5.78 9.91 -7.64
CA ASP A 141 6.47 10.77 -8.58
C ASP A 141 5.57 11.94 -8.97
N LEU A 142 4.29 11.65 -9.18
CA LEU A 142 3.34 12.69 -9.55
C LEU A 142 3.30 13.74 -8.44
N LEU A 143 3.22 13.28 -7.20
CA LEU A 143 3.18 14.16 -6.04
C LEU A 143 4.43 15.03 -5.97
N LEU A 144 5.58 14.43 -6.28
CA LEU A 144 6.84 15.15 -6.27
C LEU A 144 6.77 16.24 -7.31
N GLU A 145 6.34 15.87 -8.50
CA GLU A 145 6.16 16.81 -9.57
C GLU A 145 5.15 17.86 -9.11
N LEU A 146 4.12 17.39 -8.42
CA LEU A 146 3.09 18.27 -7.89
C LEU A 146 3.68 19.27 -6.90
N THR A 147 4.60 18.79 -6.07
CA THR A 147 5.28 19.61 -5.08
C THR A 147 6.17 20.61 -5.79
N LEU A 148 6.93 20.10 -6.75
CA LEU A 148 7.79 20.93 -7.56
C LEU A 148 6.94 21.95 -8.31
N GLU A 149 5.78 21.48 -8.76
CA GLU A 149 4.86 22.32 -9.52
C GLU A 149 4.41 23.53 -8.70
N LYS A 150 4.04 23.29 -7.44
CA LYS A 150 3.60 24.37 -6.57
C LYS A 150 4.74 25.34 -6.29
N GLY A 151 5.95 24.81 -6.10
CA GLY A 151 7.11 25.66 -5.83
C GLY A 151 7.42 26.61 -6.98
N ASP A 152 7.29 26.13 -8.20
CA ASP A 152 7.54 26.96 -9.37
C ASP A 152 6.55 28.11 -9.39
N GLN A 153 5.30 27.77 -9.11
CA GLN A 153 4.23 28.75 -9.04
C GLN A 153 4.43 29.63 -7.81
N LEU A 154 5.18 29.12 -6.84
CA LEU A 154 5.43 29.87 -5.61
C LEU A 154 6.31 31.08 -5.88
N LEU A 155 7.11 31.01 -6.94
CA LEU A 155 8.00 32.11 -7.30
C LEU A 155 7.18 33.30 -7.80
N ARG A 156 7.56 34.49 -7.36
CA ARG A 156 6.86 35.71 -7.77
C ARG A 156 7.81 36.91 -7.75
N MET A 1 -54.37 12.27 -23.68
CA MET A 1 -53.20 11.43 -23.35
C MET A 1 -51.91 12.25 -23.31
N GLU A 2 -51.92 13.40 -23.98
CA GLU A 2 -50.75 14.27 -24.01
C GLU A 2 -50.65 15.11 -22.74
N GLN A 3 -51.70 15.08 -21.92
CA GLN A 3 -51.71 15.84 -20.67
C GLN A 3 -50.82 15.18 -19.62
N PHE A 4 -50.06 15.99 -18.91
CA PHE A 4 -49.16 15.50 -17.88
C PHE A 4 -49.89 15.32 -16.55
N PRO A 5 -49.60 14.24 -15.82
CA PRO A 5 -50.23 13.96 -14.52
C PRO A 5 -49.90 15.03 -13.48
N LYS A 6 -50.91 15.46 -12.75
CA LYS A 6 -50.72 16.49 -11.71
C LYS A 6 -50.16 15.89 -10.42
N GLU A 7 -50.13 14.56 -10.36
CA GLU A 7 -49.60 13.87 -9.18
C GLU A 7 -48.13 13.51 -9.38
N THR A 8 -47.33 13.77 -8.35
CA THR A 8 -45.90 13.49 -8.41
C THR A 8 -45.63 12.01 -8.16
N VAL A 9 -44.78 11.43 -9.02
CA VAL A 9 -44.43 10.02 -8.90
C VAL A 9 -43.18 9.83 -8.05
N VAL A 10 -43.33 9.09 -6.95
CA VAL A 10 -42.21 8.84 -6.06
C VAL A 10 -41.33 7.72 -6.59
N GLU A 11 -40.03 7.98 -6.70
CA GLU A 11 -39.09 7.00 -7.19
C GLU A 11 -38.73 6.00 -6.09
N SER A 12 -38.77 4.72 -6.43
CA SER A 12 -38.46 3.66 -5.46
C SER A 12 -36.95 3.52 -5.29
N SER A 13 -36.52 3.50 -4.03
CA SER A 13 -35.09 3.36 -3.72
C SER A 13 -34.27 4.49 -4.34
N GLY A 14 -34.85 5.69 -4.38
CA GLY A 14 -34.15 6.82 -4.96
C GLY A 14 -34.19 8.07 -4.07
N PRO A 15 -35.29 8.83 -4.14
CA PRO A 15 -35.46 10.06 -3.36
C PRO A 15 -35.89 9.80 -1.91
N LYS A 16 -35.30 10.55 -1.00
CA LYS A 16 -35.62 10.43 0.42
C LYS A 16 -35.33 9.02 0.96
N VAL A 17 -34.22 8.42 0.53
CA VAL A 17 -33.85 7.10 1.01
C VAL A 17 -33.19 7.21 2.39
N LEU A 18 -33.82 6.62 3.39
CA LEU A 18 -33.29 6.68 4.75
C LEU A 18 -32.18 5.67 4.98
N GLU A 19 -30.96 6.18 5.05
CA GLU A 19 -29.82 5.37 5.34
C GLU A 19 -29.12 5.96 6.55
N THR A 20 -29.22 5.25 7.64
CA THR A 20 -28.61 5.69 8.90
C THR A 20 -27.16 5.22 9.00
N ALA A 21 -26.35 6.01 9.69
CA ALA A 21 -24.95 5.70 9.91
C ALA A 21 -24.88 4.45 10.74
N GLU A 22 -25.66 4.44 11.81
CA GLU A 22 -25.72 3.31 12.69
C GLU A 22 -26.45 2.18 11.99
N GLU A 23 -27.53 2.52 11.29
CA GLU A 23 -28.30 1.50 10.57
C GLU A 23 -27.41 0.82 9.54
N ILE A 24 -26.70 1.65 8.78
CA ILE A 24 -25.77 1.14 7.79
C ILE A 24 -24.59 0.49 8.47
N GLN A 25 -24.10 1.16 9.53
CA GLN A 25 -22.97 0.64 10.28
C GLN A 25 -23.27 -0.74 10.89
N GLU A 26 -24.49 -0.89 11.40
CA GLU A 26 -24.92 -2.15 11.99
C GLU A 26 -24.88 -3.25 10.95
N ARG A 27 -25.38 -2.92 9.78
CA ARG A 27 -25.36 -3.85 8.67
C ARG A 27 -23.93 -4.03 8.21
N ARG A 28 -23.17 -2.93 8.28
CA ARG A 28 -21.77 -2.94 7.88
C ARG A 28 -20.95 -3.94 8.71
N GLN A 29 -21.14 -3.91 10.03
CA GLN A 29 -20.41 -4.82 10.91
C GLN A 29 -20.78 -6.27 10.62
N GLU A 30 -22.07 -6.50 10.38
CA GLU A 30 -22.57 -7.84 10.09
C GLU A 30 -21.95 -8.37 8.82
N VAL A 31 -21.87 -7.51 7.82
CA VAL A 31 -21.33 -7.89 6.53
C VAL A 31 -19.88 -8.35 6.67
N LEU A 32 -19.07 -7.58 7.39
CA LEU A 32 -17.66 -7.93 7.59
C LEU A 32 -17.52 -9.28 8.28
N THR A 33 -18.37 -9.53 9.26
CA THR A 33 -18.34 -10.78 10.00
C THR A 33 -18.66 -11.96 9.09
N ARG A 34 -19.62 -11.75 8.20
CA ARG A 34 -20.03 -12.79 7.26
C ARG A 34 -18.88 -13.19 6.34
N TYR A 35 -18.12 -12.21 5.88
CA TYR A 35 -16.99 -12.48 4.99
C TYR A 35 -15.97 -13.40 5.67
N GLN A 36 -15.73 -13.16 6.94
CA GLN A 36 -14.78 -13.96 7.70
C GLN A 36 -15.30 -15.38 7.87
N SER A 37 -16.60 -15.50 8.12
CA SER A 37 -17.24 -16.81 8.30
C SER A 37 -17.13 -17.66 7.04
N PHE A 38 -17.31 -17.01 5.89
CA PHE A 38 -17.22 -17.71 4.62
C PHE A 38 -15.80 -18.20 4.41
N LYS A 39 -14.86 -17.29 4.64
CA LYS A 39 -13.45 -17.62 4.55
C LYS A 39 -13.14 -18.69 5.58
N GLU A 40 -13.77 -18.57 6.74
CA GLU A 40 -13.56 -19.51 7.82
C GLU A 40 -13.95 -20.92 7.40
N ARG A 41 -15.06 -21.04 6.71
CA ARG A 41 -15.54 -22.35 6.24
C ARG A 41 -14.54 -22.98 5.29
N VAL A 42 -13.97 -22.16 4.41
CA VAL A 42 -13.00 -22.63 3.44
C VAL A 42 -11.73 -23.12 4.14
N ALA A 43 -11.32 -22.39 5.17
CA ALA A 43 -10.12 -22.73 5.92
C ALA A 43 -10.24 -24.12 6.56
N GLU A 44 -11.41 -24.38 7.14
CA GLU A 44 -11.66 -25.67 7.79
C GLU A 44 -11.52 -26.81 6.79
N ARG A 45 -12.16 -26.66 5.64
CA ARG A 45 -12.11 -27.68 4.59
C ARG A 45 -10.67 -27.90 4.14
N GLY A 46 -9.92 -26.80 4.02
CA GLY A 46 -8.55 -26.88 3.58
C GLY A 46 -7.57 -27.09 4.72
N GLN A 47 -6.29 -27.13 4.39
CA GLN A 47 -5.25 -27.31 5.39
C GLN A 47 -5.00 -26.02 6.16
N LYS A 48 -5.29 -26.05 7.46
CA LYS A 48 -5.10 -24.89 8.32
C LYS A 48 -3.65 -24.75 8.76
N LEU A 49 -3.25 -23.52 9.08
CA LEU A 49 -1.88 -23.24 9.52
C LEU A 49 -1.83 -21.98 10.36
N GLU A 50 -2.53 -20.94 9.92
CA GLU A 50 -2.58 -19.66 10.62
C GLU A 50 -1.33 -18.83 10.35
N ASP A 51 -1.48 -17.79 9.55
CA ASP A 51 -0.37 -16.90 9.22
C ASP A 51 -0.14 -15.91 10.36
N SER A 52 1.11 -15.52 10.54
CA SER A 52 1.47 -14.59 11.60
C SER A 52 0.94 -13.19 11.29
N TYR A 53 0.71 -12.42 12.34
CA TYR A 53 0.20 -11.07 12.21
C TYR A 53 1.22 -10.15 11.54
N HIS A 54 2.48 -10.52 11.61
CA HIS A 54 3.55 -9.71 11.04
C HIS A 54 3.37 -9.52 9.54
N LEU A 55 2.94 -10.58 8.85
CA LEU A 55 2.72 -10.48 7.42
C LEU A 55 1.67 -9.43 7.18
N GLN A 56 0.61 -9.51 7.99
CA GLN A 56 -0.47 -8.55 7.96
C GLN A 56 0.08 -7.18 8.34
N VAL A 57 1.03 -7.19 9.27
CA VAL A 57 1.66 -5.94 9.73
C VAL A 57 2.34 -5.30 8.54
N PHE A 58 3.02 -6.12 7.78
CA PHE A 58 3.68 -5.69 6.57
C PHE A 58 2.61 -5.12 5.67
N LYS A 59 1.47 -5.80 5.65
CA LYS A 59 0.33 -5.38 4.86
C LYS A 59 -0.18 -4.04 5.37
N ARG A 60 -0.20 -3.89 6.70
CA ARG A 60 -0.68 -2.66 7.33
C ARG A 60 0.18 -1.46 6.95
N ASP A 61 1.50 -1.65 6.93
CA ASP A 61 2.42 -0.57 6.60
C ASP A 61 2.21 -0.10 5.16
N ALA A 62 1.96 -1.03 4.26
CA ALA A 62 1.73 -0.72 2.85
C ALA A 62 0.53 0.20 2.67
N ASP A 63 -0.52 -0.07 3.44
CA ASP A 63 -1.74 0.72 3.37
C ASP A 63 -1.49 2.11 3.90
N ASP A 64 -0.97 2.16 5.12
CA ASP A 64 -0.63 3.42 5.75
C ASP A 64 0.39 4.15 4.90
N LEU A 65 1.31 3.39 4.36
CA LEU A 65 2.34 3.94 3.50
C LEU A 65 1.70 4.61 2.30
N GLY A 66 0.81 3.87 1.66
CA GLY A 66 0.07 4.41 0.54
C GLY A 66 -0.79 5.57 0.99
N LYS A 67 -1.27 5.47 2.23
CA LYS A 67 -2.08 6.52 2.82
C LYS A 67 -1.30 7.82 2.86
N TRP A 68 -0.02 7.71 3.19
CA TRP A 68 0.85 8.88 3.28
C TRP A 68 0.91 9.62 1.95
N ILE A 69 1.02 8.90 0.84
CA ILE A 69 1.06 9.55 -0.46
C ILE A 69 -0.25 10.28 -0.69
N MET A 70 -1.34 9.63 -0.31
CA MET A 70 -2.68 10.20 -0.46
C MET A 70 -2.83 11.48 0.35
N GLU A 71 -2.14 11.53 1.49
CA GLU A 71 -2.19 12.70 2.35
C GLU A 71 -1.60 13.89 1.63
N LYS A 72 -0.44 13.66 1.02
CA LYS A 72 0.21 14.69 0.25
C LYS A 72 -0.69 15.10 -0.89
N VAL A 73 -1.36 14.13 -1.49
CA VAL A 73 -2.27 14.43 -2.59
C VAL A 73 -3.52 15.17 -2.09
N ASN A 74 -4.00 14.73 -0.94
CA ASN A 74 -5.19 15.31 -0.32
C ASN A 74 -4.95 16.76 0.01
N ILE A 75 -3.79 17.06 0.61
CA ILE A 75 -3.45 18.43 0.90
C ILE A 75 -3.35 19.19 -0.40
N LEU A 76 -2.84 18.51 -1.42
CA LEU A 76 -2.72 19.13 -2.75
C LEU A 76 -4.09 19.48 -3.26
N THR A 77 -5.01 18.56 -3.03
CA THR A 77 -6.39 18.77 -3.39
C THR A 77 -6.98 19.85 -2.50
N ASP A 78 -6.51 19.86 -1.25
CA ASP A 78 -7.00 20.81 -0.27
C ASP A 78 -6.75 22.24 -0.69
N LYS A 79 -5.59 22.52 -1.24
CA LYS A 79 -5.29 23.87 -1.70
C LYS A 79 -6.31 24.26 -2.77
N SER A 80 -6.84 23.24 -3.45
CA SER A 80 -7.83 23.44 -4.49
C SER A 80 -9.11 24.05 -3.93
N TYR A 81 -9.59 23.49 -2.83
CA TYR A 81 -10.81 23.95 -2.19
C TYR A 81 -10.69 25.41 -1.77
N GLU A 82 -9.60 25.74 -1.10
CA GLU A 82 -9.36 27.10 -0.65
C GLU A 82 -7.94 27.54 -0.97
N ASP A 83 -7.77 28.81 -1.31
CA ASP A 83 -6.45 29.32 -1.64
C ASP A 83 -5.57 29.38 -0.38
N PRO A 84 -4.36 28.81 -0.45
CA PRO A 84 -3.44 28.81 0.70
C PRO A 84 -2.74 30.15 0.89
N THR A 85 -1.69 30.16 1.70
CA THR A 85 -0.94 31.38 1.96
C THR A 85 0.05 31.64 0.82
N ASN A 86 0.16 32.89 0.41
CA ASN A 86 1.07 33.24 -0.68
C ASN A 86 2.51 33.28 -0.20
N ILE A 87 3.34 32.46 -0.84
CA ILE A 87 4.75 32.38 -0.52
C ILE A 87 4.96 31.71 0.83
N GLN A 88 4.46 32.35 1.87
CA GLN A 88 4.59 31.83 3.23
C GLN A 88 3.95 30.45 3.37
N GLY A 89 2.78 30.28 2.77
CA GLY A 89 2.09 29.02 2.86
C GLY A 89 2.67 27.95 1.97
N LYS A 90 3.05 28.34 0.76
CA LYS A 90 3.61 27.39 -0.18
C LYS A 90 4.87 26.73 0.36
N TYR A 91 5.82 27.52 0.84
CA TYR A 91 7.04 26.94 1.36
C TYR A 91 6.73 26.09 2.58
N GLN A 92 5.75 26.50 3.36
CA GLN A 92 5.36 25.75 4.55
C GLN A 92 4.90 24.34 4.18
N LYS A 93 3.96 24.24 3.24
CA LYS A 93 3.45 22.94 2.81
C LYS A 93 4.56 22.08 2.23
N HIS A 94 5.39 22.67 1.36
CA HIS A 94 6.48 21.92 0.73
C HIS A 94 7.48 21.42 1.77
N GLN A 95 7.81 22.27 2.73
CA GLN A 95 8.77 21.89 3.77
C GLN A 95 8.27 20.70 4.58
N SER A 96 7.01 20.74 4.97
CA SER A 96 6.43 19.64 5.75
C SER A 96 6.44 18.37 4.94
N LEU A 97 6.06 18.50 3.69
CA LEU A 97 6.06 17.39 2.77
C LEU A 97 7.49 16.91 2.60
N GLU A 98 8.43 17.84 2.83
CA GLU A 98 9.85 17.52 2.71
C GLU A 98 10.25 16.51 3.77
N ALA A 99 9.77 16.77 4.98
CA ALA A 99 10.02 15.87 6.09
C ALA A 99 9.25 14.59 5.87
N GLU A 100 8.05 14.75 5.31
CA GLU A 100 7.17 13.62 5.03
C GLU A 100 7.80 12.65 4.04
N VAL A 101 8.48 13.19 3.04
CA VAL A 101 9.15 12.37 2.03
C VAL A 101 10.22 11.55 2.70
N GLN A 102 11.03 12.23 3.49
CA GLN A 102 12.08 11.60 4.24
C GLN A 102 11.47 10.60 5.21
N THR A 103 10.34 10.98 5.79
CA THR A 103 9.66 10.11 6.75
C THR A 103 9.12 8.86 6.08
N LYS A 104 8.42 9.04 4.96
CA LYS A 104 7.87 7.92 4.23
C LYS A 104 9.00 6.98 3.76
N SER A 105 10.12 7.58 3.34
CA SER A 105 11.27 6.80 2.86
C SER A 105 11.77 5.85 3.94
N ARG A 106 11.78 6.31 5.18
CA ARG A 106 12.26 5.48 6.28
C ARG A 106 11.34 4.29 6.44
N LEU A 107 10.06 4.54 6.30
CA LEU A 107 9.08 3.47 6.34
C LEU A 107 9.42 2.52 5.22
N MET A 108 9.95 3.12 4.15
CA MET A 108 10.39 2.35 3.00
C MET A 108 11.62 1.56 3.41
N SER A 109 12.45 2.19 4.23
CA SER A 109 13.67 1.58 4.72
C SER A 109 13.31 0.38 5.59
N GLU A 110 12.40 0.63 6.53
CA GLU A 110 11.92 -0.41 7.42
C GLU A 110 11.14 -1.42 6.61
N LEU A 111 10.36 -0.91 5.65
CA LEU A 111 9.54 -1.77 4.81
C LEU A 111 10.39 -2.77 4.02
N GLU A 112 11.52 -2.31 3.52
CA GLU A 112 12.43 -3.16 2.76
C GLU A 112 13.04 -4.17 3.69
N LYS A 113 13.46 -3.68 4.84
CA LYS A 113 14.04 -4.51 5.87
C LYS A 113 13.00 -5.54 6.30
N THR A 114 11.75 -5.08 6.38
CA THR A 114 10.64 -5.95 6.79
C THR A 114 10.49 -7.14 5.84
N ARG A 115 10.66 -6.87 4.55
CA ARG A 115 10.56 -7.93 3.55
C ARG A 115 11.60 -8.99 3.83
N GLU A 116 12.81 -8.53 4.10
CA GLU A 116 13.90 -9.40 4.44
C GLU A 116 13.62 -10.02 5.81
N GLU A 117 12.99 -9.23 6.68
CA GLU A 117 12.65 -9.69 8.02
C GLU A 117 11.74 -10.92 7.97
N ARG A 118 10.78 -10.90 7.05
CA ARG A 118 9.85 -12.02 6.91
C ARG A 118 10.23 -12.95 5.77
N PHE A 119 10.06 -14.25 6.01
CA PHE A 119 10.39 -15.28 5.02
C PHE A 119 9.32 -15.37 3.94
N THR A 120 8.13 -14.86 4.24
CA THR A 120 6.99 -14.87 3.31
C THR A 120 6.86 -16.20 2.59
N MET A 121 5.98 -16.25 1.60
CA MET A 121 5.74 -17.47 0.85
C MET A 121 5.29 -17.16 -0.57
N GLY A 122 5.45 -18.14 -1.46
CA GLY A 122 5.06 -17.96 -2.85
C GLY A 122 5.99 -17.02 -3.59
N HIS A 123 6.55 -17.51 -4.70
CA HIS A 123 7.45 -16.70 -5.51
C HIS A 123 6.73 -15.49 -6.08
N SER A 124 5.50 -15.70 -6.53
CA SER A 124 4.70 -14.62 -7.09
C SER A 124 4.48 -13.52 -6.06
N ALA A 125 4.25 -13.92 -4.83
CA ALA A 125 4.05 -12.95 -3.76
C ALA A 125 5.26 -12.03 -3.68
N HIS A 126 6.40 -12.53 -4.16
CA HIS A 126 7.62 -11.75 -4.17
C HIS A 126 7.47 -10.57 -5.11
N GLU A 127 6.87 -10.84 -6.27
CA GLU A 127 6.66 -9.81 -7.28
C GLU A 127 5.77 -8.69 -6.75
N GLU A 128 4.74 -9.06 -6.00
CA GLU A 128 3.80 -8.09 -5.44
C GLU A 128 4.51 -7.11 -4.52
N THR A 129 5.40 -7.61 -3.68
CA THR A 129 6.12 -6.75 -2.76
C THR A 129 7.09 -5.84 -3.50
N LYS A 130 7.84 -6.42 -4.43
CA LYS A 130 8.80 -5.66 -5.22
C LYS A 130 8.09 -4.57 -6.00
N ALA A 131 6.95 -4.93 -6.56
CA ALA A 131 6.13 -3.99 -7.34
C ALA A 131 5.63 -2.86 -6.46
N HIS A 132 5.25 -3.19 -5.23
CA HIS A 132 4.72 -2.19 -4.30
C HIS A 132 5.75 -1.10 -4.05
N ILE A 133 7.00 -1.49 -3.82
CA ILE A 133 8.05 -0.51 -3.58
C ILE A 133 8.34 0.30 -4.84
N GLU A 134 8.35 -0.39 -5.98
CA GLU A 134 8.61 0.27 -7.26
C GLU A 134 7.50 1.26 -7.62
N GLU A 135 6.26 0.87 -7.37
CA GLU A 135 5.11 1.72 -7.67
C GLU A 135 5.16 3.00 -6.84
N LEU A 136 5.54 2.85 -5.59
CA LEU A 136 5.64 3.98 -4.67
C LEU A 136 6.63 5.02 -5.18
N ARG A 137 7.74 4.55 -5.74
CA ARG A 137 8.78 5.42 -6.27
C ARG A 137 8.24 6.29 -7.40
N HIS A 138 7.41 5.70 -8.25
CA HIS A 138 6.83 6.42 -9.39
C HIS A 138 5.97 7.59 -8.90
N LEU A 139 5.21 7.35 -7.83
CA LEU A 139 4.34 8.37 -7.27
C LEU A 139 5.16 9.51 -6.68
N TRP A 140 6.26 9.15 -6.02
CA TRP A 140 7.14 10.12 -5.40
C TRP A 140 7.69 11.10 -6.42
N ASP A 141 8.08 10.59 -7.57
CA ASP A 141 8.63 11.43 -8.62
C ASP A 141 7.62 12.49 -9.04
N LEU A 142 6.37 12.07 -9.22
CA LEU A 142 5.32 13.00 -9.60
C LEU A 142 5.10 14.04 -8.52
N LEU A 143 5.12 13.59 -7.27
CA LEU A 143 4.92 14.47 -6.12
C LEU A 143 5.99 15.55 -6.08
N LEU A 144 7.23 15.17 -6.39
CA LEU A 144 8.34 16.11 -6.40
C LEU A 144 8.04 17.21 -7.39
N GLU A 145 7.65 16.78 -8.58
CA GLU A 145 7.26 17.71 -9.62
C GLU A 145 6.08 18.54 -9.12
N LEU A 146 5.19 17.87 -8.41
CA LEU A 146 3.99 18.50 -7.86
C LEU A 146 4.34 19.66 -6.91
N THR A 147 5.37 19.47 -6.10
CA THR A 147 5.79 20.53 -5.17
C THR A 147 6.33 21.69 -5.98
N LEU A 148 7.18 21.37 -6.94
CA LEU A 148 7.75 22.35 -7.83
C LEU A 148 6.63 23.03 -8.61
N GLU A 149 5.59 22.26 -8.93
CA GLU A 149 4.46 22.79 -9.70
C GLU A 149 3.78 23.93 -8.94
N LYS A 150 3.53 23.73 -7.66
CA LYS A 150 2.89 24.76 -6.85
C LYS A 150 3.73 26.03 -6.83
N GLY A 151 5.05 25.83 -6.71
CA GLY A 151 5.98 26.93 -6.68
C GLY A 151 5.95 27.78 -7.92
N ASP A 152 5.80 27.14 -9.07
CA ASP A 152 5.72 27.85 -10.32
C ASP A 152 4.51 28.78 -10.27
N GLN A 153 3.42 28.25 -9.73
CA GLN A 153 2.19 29.00 -9.56
C GLN A 153 2.39 30.08 -8.50
N LEU A 154 3.41 29.88 -7.65
CA LEU A 154 3.68 30.83 -6.58
C LEU A 154 4.18 32.16 -7.13
N LEU A 155 4.76 32.10 -8.32
CA LEU A 155 5.27 33.30 -8.95
C LEU A 155 4.13 34.21 -9.38
N ARG A 156 4.30 35.51 -9.15
CA ARG A 156 3.26 36.48 -9.51
C ARG A 156 3.49 37.01 -10.92
N MET A 1 -61.40 -31.05 -4.02
CA MET A 1 -62.19 -31.20 -5.28
C MET A 1 -61.30 -31.64 -6.42
N GLU A 2 -61.65 -32.78 -7.02
CA GLU A 2 -60.88 -33.32 -8.14
C GLU A 2 -59.44 -33.61 -7.73
N GLN A 3 -59.27 -34.07 -6.49
CA GLN A 3 -57.93 -34.38 -5.98
C GLN A 3 -57.43 -35.70 -6.55
N PHE A 4 -56.14 -35.76 -6.84
CA PHE A 4 -55.54 -36.97 -7.40
C PHE A 4 -55.15 -37.95 -6.28
N PRO A 5 -55.75 -39.15 -6.26
CA PRO A 5 -55.45 -40.16 -5.24
C PRO A 5 -54.00 -40.63 -5.31
N LYS A 6 -53.36 -40.75 -4.15
CA LYS A 6 -51.97 -41.19 -4.09
C LYS A 6 -51.87 -42.70 -4.28
N GLU A 7 -51.00 -43.13 -5.18
CA GLU A 7 -50.82 -44.55 -5.46
C GLU A 7 -49.60 -45.09 -4.72
N THR A 8 -49.76 -46.22 -4.05
CA THR A 8 -48.67 -46.82 -3.31
C THR A 8 -47.74 -47.58 -4.24
N VAL A 9 -46.44 -47.31 -4.11
CA VAL A 9 -45.44 -47.97 -4.94
C VAL A 9 -44.92 -49.24 -4.28
N VAL A 10 -44.93 -50.34 -5.02
CA VAL A 10 -44.46 -51.61 -4.50
C VAL A 10 -42.94 -51.66 -4.48
N GLU A 11 -42.38 -52.21 -3.40
CA GLU A 11 -40.93 -52.31 -3.26
C GLU A 11 -40.38 -53.55 -3.98
N SER A 12 -41.12 -54.01 -4.97
CA SER A 12 -40.72 -55.18 -5.75
C SER A 12 -39.51 -54.86 -6.63
N SER A 13 -39.51 -53.67 -7.22
CA SER A 13 -38.43 -53.25 -8.09
C SER A 13 -37.17 -52.91 -7.30
N GLY A 14 -36.04 -53.44 -7.74
CA GLY A 14 -34.78 -53.18 -7.07
C GLY A 14 -34.08 -51.93 -7.57
N PRO A 15 -33.62 -51.04 -6.65
CA PRO A 15 -32.94 -49.80 -7.02
C PRO A 15 -31.61 -50.06 -7.73
N LYS A 16 -31.28 -49.20 -8.69
CA LYS A 16 -30.03 -49.34 -9.44
C LYS A 16 -29.63 -48.01 -10.08
N VAL A 17 -28.45 -47.52 -9.70
CA VAL A 17 -27.96 -46.25 -10.23
C VAL A 17 -27.40 -46.40 -11.65
N LEU A 18 -27.80 -45.49 -12.54
CA LEU A 18 -27.34 -45.52 -13.92
C LEU A 18 -25.92 -45.01 -14.04
N GLU A 19 -25.07 -45.81 -14.68
CA GLU A 19 -23.70 -45.48 -14.92
C GLU A 19 -23.45 -45.52 -16.41
N THR A 20 -23.27 -44.36 -16.97
CA THR A 20 -23.01 -44.25 -18.40
C THR A 20 -21.61 -43.68 -18.67
N ALA A 21 -21.03 -44.12 -19.76
CA ALA A 21 -19.72 -43.65 -20.18
C ALA A 21 -19.78 -42.20 -20.56
N GLU A 22 -20.76 -41.89 -21.39
CA GLU A 22 -20.97 -40.53 -21.84
C GLU A 22 -21.53 -39.69 -20.73
N GLU A 23 -22.49 -40.23 -19.97
CA GLU A 23 -23.06 -39.45 -18.88
C GLU A 23 -21.98 -39.12 -17.87
N ILE A 24 -21.20 -40.12 -17.51
CA ILE A 24 -20.10 -39.91 -16.60
C ILE A 24 -19.02 -39.09 -17.27
N GLN A 25 -18.70 -39.46 -18.51
CA GLN A 25 -17.66 -38.75 -19.26
C GLN A 25 -18.01 -37.27 -19.44
N GLU A 26 -19.27 -36.99 -19.73
CA GLU A 26 -19.73 -35.62 -19.93
C GLU A 26 -19.63 -34.83 -18.64
N ARG A 27 -20.18 -35.41 -17.60
CA ARG A 27 -20.18 -34.80 -16.28
C ARG A 27 -18.78 -34.77 -15.71
N ARG A 28 -18.00 -35.82 -15.96
CA ARG A 28 -16.64 -35.87 -15.43
C ARG A 28 -15.77 -34.76 -16.00
N GLN A 29 -15.94 -34.49 -17.30
CA GLN A 29 -15.17 -33.45 -17.95
C GLN A 29 -15.42 -32.11 -17.29
N GLU A 30 -16.70 -31.80 -17.06
CA GLU A 30 -17.07 -30.54 -16.42
C GLU A 30 -16.52 -30.48 -15.00
N VAL A 31 -16.70 -31.58 -14.28
CA VAL A 31 -16.24 -31.68 -12.90
C VAL A 31 -14.73 -31.50 -12.81
N LEU A 32 -14.02 -32.10 -13.76
CA LEU A 32 -12.56 -32.02 -13.77
C LEU A 32 -12.09 -30.57 -13.89
N THR A 33 -12.70 -29.82 -14.80
CA THR A 33 -12.34 -28.41 -15.00
C THR A 33 -12.71 -27.58 -13.78
N ARG A 34 -13.88 -27.86 -13.22
CA ARG A 34 -14.37 -27.15 -12.04
C ARG A 34 -13.47 -27.43 -10.83
N TYR A 35 -13.05 -28.68 -10.71
CA TYR A 35 -12.21 -29.10 -9.60
C TYR A 35 -10.89 -28.32 -9.58
N GLN A 36 -10.22 -28.25 -10.72
CA GLN A 36 -8.96 -27.51 -10.82
C GLN A 36 -9.17 -26.03 -10.54
N SER A 37 -10.28 -25.50 -11.06
CA SER A 37 -10.63 -24.10 -10.88
C SER A 37 -10.80 -23.76 -9.41
N PHE A 38 -11.42 -24.68 -8.66
CA PHE A 38 -11.65 -24.48 -7.25
C PHE A 38 -10.32 -24.32 -6.55
N LYS A 39 -9.43 -25.26 -6.82
CA LYS A 39 -8.08 -25.20 -6.27
C LYS A 39 -7.40 -23.96 -6.80
N GLU A 40 -7.66 -23.66 -8.07
CA GLU A 40 -7.06 -22.50 -8.72
C GLU A 40 -7.45 -21.22 -7.99
N ARG A 41 -8.72 -21.13 -7.60
CA ARG A 41 -9.22 -19.96 -6.90
C ARG A 41 -8.50 -19.78 -5.56
N VAL A 42 -8.26 -20.90 -4.88
CA VAL A 42 -7.59 -20.86 -3.59
C VAL A 42 -6.15 -20.38 -3.74
N ALA A 43 -5.49 -20.86 -4.78
CA ALA A 43 -4.10 -20.48 -5.04
C ALA A 43 -3.97 -18.99 -5.27
N GLU A 44 -4.92 -18.43 -6.02
CA GLU A 44 -4.91 -17.00 -6.32
C GLU A 44 -4.99 -16.18 -5.04
N ARG A 45 -5.88 -16.59 -4.14
CA ARG A 45 -6.06 -15.89 -2.87
C ARG A 45 -4.77 -15.89 -2.06
N GLY A 46 -4.07 -17.02 -2.10
CA GLY A 46 -2.82 -17.15 -1.37
C GLY A 46 -3.04 -17.64 0.05
N GLN A 47 -2.06 -18.39 0.57
CA GLN A 47 -2.15 -18.91 1.92
C GLN A 47 -1.82 -17.83 2.95
N LYS A 48 -2.79 -17.48 3.78
CA LYS A 48 -2.59 -16.47 4.80
C LYS A 48 -2.08 -17.11 6.08
N LEU A 49 -0.88 -16.71 6.51
CA LEU A 49 -0.29 -17.25 7.72
C LEU A 49 -1.04 -16.77 8.97
N GLU A 50 -1.43 -15.50 8.95
CA GLU A 50 -2.17 -14.88 10.06
C GLU A 50 -1.54 -15.20 11.42
N ASP A 51 -0.29 -15.65 11.42
CA ASP A 51 0.39 -15.97 12.67
C ASP A 51 1.12 -14.77 13.23
N SER A 52 2.23 -14.41 12.59
CA SER A 52 3.03 -13.29 13.03
C SER A 52 2.32 -11.97 12.78
N TYR A 53 2.35 -11.11 13.79
CA TYR A 53 1.75 -9.79 13.71
C TYR A 53 2.47 -8.94 12.68
N HIS A 54 3.69 -9.36 12.35
CA HIS A 54 4.55 -8.65 11.40
C HIS A 54 3.91 -8.55 10.02
N LEU A 55 3.23 -9.60 9.60
CA LEU A 55 2.57 -9.61 8.29
C LEU A 55 1.55 -8.50 8.25
N GLN A 56 0.80 -8.40 9.33
CA GLN A 56 -0.20 -7.36 9.46
C GLN A 56 0.51 -6.02 9.58
N VAL A 57 1.67 -6.03 10.26
CA VAL A 57 2.45 -4.82 10.42
C VAL A 57 2.91 -4.34 9.07
N PHE A 58 3.46 -5.27 8.33
CA PHE A 58 3.90 -5.01 6.97
C PHE A 58 2.69 -4.57 6.17
N LYS A 59 1.58 -5.23 6.43
CA LYS A 59 0.33 -4.90 5.77
C LYS A 59 -0.09 -3.48 6.14
N ARG A 60 0.11 -3.12 7.41
CA ARG A 60 -0.25 -1.80 7.90
C ARG A 60 0.56 -0.69 7.25
N ASP A 61 1.86 -0.91 7.08
CA ASP A 61 2.70 0.10 6.46
C ASP A 61 2.26 0.38 5.03
N ALA A 62 1.90 -0.66 4.30
CA ALA A 62 1.46 -0.50 2.92
C ALA A 62 0.23 0.40 2.81
N ASP A 63 -0.70 0.23 3.74
CA ASP A 63 -1.92 1.05 3.75
C ASP A 63 -1.56 2.46 4.16
N ASP A 64 -0.82 2.56 5.25
CA ASP A 64 -0.36 3.84 5.76
C ASP A 64 0.50 4.51 4.71
N LEU A 65 1.26 3.69 4.00
CA LEU A 65 2.16 4.19 2.96
C LEU A 65 1.35 4.92 1.91
N GLY A 66 0.30 4.27 1.44
CA GLY A 66 -0.58 4.89 0.48
C GLY A 66 -1.29 6.06 1.12
N LYS A 67 -1.57 5.92 2.42
CA LYS A 67 -2.25 6.98 3.18
C LYS A 67 -1.43 8.26 3.16
N TRP A 68 -0.12 8.10 3.33
CA TRP A 68 0.79 9.24 3.35
C TRP A 68 0.71 10.02 2.04
N ILE A 69 0.64 9.29 0.92
CA ILE A 69 0.55 9.93 -0.37
C ILE A 69 -0.78 10.67 -0.51
N MET A 70 -1.84 10.04 -0.03
CA MET A 70 -3.17 10.63 -0.09
C MET A 70 -3.23 11.95 0.66
N GLU A 71 -2.46 12.05 1.72
CA GLU A 71 -2.43 13.26 2.52
C GLU A 71 -1.89 14.41 1.69
N LYS A 72 -0.76 14.17 1.04
CA LYS A 72 -0.15 15.17 0.19
C LYS A 72 -1.04 15.46 -1.00
N VAL A 73 -1.74 14.44 -1.49
CA VAL A 73 -2.63 14.66 -2.64
C VAL A 73 -3.81 15.53 -2.26
N ASN A 74 -4.35 15.30 -1.06
CA ASN A 74 -5.47 16.07 -0.57
C ASN A 74 -5.10 17.55 -0.48
N ILE A 75 -3.96 17.82 0.15
CA ILE A 75 -3.46 19.17 0.25
C ILE A 75 -3.07 19.63 -1.15
N LEU A 76 -2.53 18.70 -1.94
CA LEU A 76 -2.13 18.98 -3.31
C LEU A 76 -3.34 19.43 -4.10
N THR A 77 -4.45 18.76 -3.86
CA THR A 77 -5.70 19.11 -4.51
C THR A 77 -6.18 20.45 -3.98
N ASP A 78 -5.78 20.76 -2.75
CA ASP A 78 -6.20 22.01 -2.13
C ASP A 78 -5.74 23.21 -2.94
N LYS A 79 -4.47 23.23 -3.32
CA LYS A 79 -3.97 24.34 -4.12
C LYS A 79 -4.72 24.37 -5.44
N SER A 80 -5.27 23.21 -5.82
CA SER A 80 -6.03 23.11 -7.07
C SER A 80 -7.24 24.04 -7.04
N TYR A 81 -7.89 24.08 -5.88
CA TYR A 81 -9.06 24.92 -5.70
C TYR A 81 -8.72 26.39 -5.93
N GLU A 82 -7.55 26.79 -5.45
CA GLU A 82 -7.08 28.16 -5.58
C GLU A 82 -8.02 29.13 -4.88
N ASP A 83 -8.81 28.63 -3.94
CA ASP A 83 -9.74 29.47 -3.20
C ASP A 83 -8.98 30.37 -2.22
N PRO A 84 -8.21 29.78 -1.29
CA PRO A 84 -7.44 30.54 -0.30
C PRO A 84 -6.09 31.00 -0.87
N THR A 85 -5.59 32.11 -0.35
CA THR A 85 -4.31 32.66 -0.80
C THR A 85 -3.15 31.96 -0.09
N ASN A 86 -2.26 31.37 -0.88
CA ASN A 86 -1.10 30.69 -0.33
C ASN A 86 -0.05 31.69 0.11
N ILE A 87 0.79 31.30 1.07
CA ILE A 87 1.84 32.17 1.59
C ILE A 87 2.98 31.33 2.19
N GLN A 88 3.81 31.97 3.02
CA GLN A 88 4.94 31.29 3.64
C GLN A 88 4.46 30.13 4.50
N GLY A 89 3.37 30.33 5.23
CA GLY A 89 2.85 29.28 6.08
C GLY A 89 2.41 28.06 5.29
N LYS A 90 1.67 28.27 4.21
CA LYS A 90 1.21 27.17 3.37
C LYS A 90 2.42 26.39 2.82
N TYR A 91 3.42 27.14 2.37
CA TYR A 91 4.66 26.56 1.83
C TYR A 91 5.35 25.71 2.89
N GLN A 92 5.35 26.20 4.12
CA GLN A 92 5.98 25.51 5.23
C GLN A 92 5.37 24.13 5.45
N LYS A 93 4.04 24.04 5.32
CA LYS A 93 3.37 22.76 5.51
C LYS A 93 3.89 21.73 4.52
N HIS A 94 4.10 22.17 3.28
CA HIS A 94 4.62 21.28 2.25
C HIS A 94 6.05 20.87 2.57
N GLN A 95 6.83 21.83 3.07
CA GLN A 95 8.23 21.58 3.43
C GLN A 95 8.33 20.50 4.50
N SER A 96 7.48 20.56 5.52
CA SER A 96 7.51 19.58 6.58
C SER A 96 7.26 18.19 6.02
N LEU A 97 6.31 18.12 5.10
CA LEU A 97 5.99 16.88 4.44
C LEU A 97 7.14 16.51 3.52
N GLU A 98 7.97 17.51 3.19
CA GLU A 98 9.11 17.27 2.32
C GLU A 98 10.06 16.31 3.00
N ALA A 99 10.28 16.56 4.29
CA ALA A 99 11.11 15.70 5.09
C ALA A 99 10.43 14.35 5.21
N GLU A 100 9.11 14.41 5.32
CA GLU A 100 8.28 13.22 5.43
C GLU A 100 8.43 12.36 4.18
N VAL A 101 8.50 13.02 3.02
CA VAL A 101 8.65 12.33 1.75
C VAL A 101 9.92 11.51 1.78
N GLN A 102 11.00 12.18 2.14
CA GLN A 102 12.30 11.56 2.26
C GLN A 102 12.25 10.49 3.34
N THR A 103 11.54 10.82 4.42
CA THR A 103 11.41 9.89 5.55
C THR A 103 10.67 8.63 5.12
N LYS A 104 9.60 8.84 4.38
CA LYS A 104 8.78 7.74 3.89
C LYS A 104 9.62 6.81 3.00
N SER A 105 10.46 7.41 2.18
CA SER A 105 11.33 6.67 1.27
C SER A 105 12.19 5.68 2.02
N ARG A 106 12.67 6.09 3.18
CA ARG A 106 13.50 5.21 4.00
C ARG A 106 12.66 4.06 4.49
N LEU A 107 11.42 4.36 4.81
CA LEU A 107 10.45 3.37 5.22
C LEU A 107 10.31 2.40 4.07
N MET A 108 10.49 2.94 2.87
CA MET A 108 10.46 2.14 1.66
C MET A 108 11.66 1.22 1.70
N SER A 109 12.77 1.79 2.17
CA SER A 109 14.02 1.03 2.30
C SER A 109 13.85 -0.06 3.33
N GLU A 110 13.33 0.35 4.48
CA GLU A 110 13.05 -0.55 5.58
C GLU A 110 12.00 -1.56 5.17
N LEU A 111 11.04 -1.08 4.38
CA LEU A 111 9.93 -1.94 3.93
C LEU A 111 10.43 -3.18 3.19
N GLU A 112 11.42 -2.98 2.32
CA GLU A 112 12.00 -4.09 1.56
C GLU A 112 12.77 -4.98 2.52
N LYS A 113 13.51 -4.31 3.39
CA LYS A 113 14.28 -4.96 4.42
C LYS A 113 13.38 -5.78 5.32
N THR A 114 12.18 -5.24 5.56
CA THR A 114 11.23 -5.91 6.45
C THR A 114 10.87 -7.30 5.93
N ARG A 115 10.62 -7.41 4.63
CA ARG A 115 10.29 -8.70 4.03
C ARG A 115 11.45 -9.65 4.22
N GLU A 116 12.64 -9.12 3.97
CA GLU A 116 13.88 -9.86 4.12
C GLU A 116 14.11 -10.16 5.59
N GLU A 117 13.64 -9.25 6.44
CA GLU A 117 13.82 -9.40 7.89
C GLU A 117 13.20 -10.72 8.37
N ARG A 118 12.05 -11.06 7.83
CA ARG A 118 11.36 -12.30 8.19
C ARG A 118 11.85 -13.44 7.32
N PHE A 119 11.19 -14.59 7.42
CA PHE A 119 11.56 -15.75 6.63
C PHE A 119 11.04 -15.60 5.20
N THR A 120 11.91 -15.89 4.24
CA THR A 120 11.55 -15.76 2.83
C THR A 120 10.74 -16.96 2.35
N MET A 121 9.52 -16.68 1.90
CA MET A 121 8.63 -17.71 1.39
C MET A 121 7.63 -17.12 0.40
N GLY A 122 7.05 -17.96 -0.44
CA GLY A 122 6.10 -17.49 -1.42
C GLY A 122 6.71 -16.46 -2.36
N HIS A 123 7.33 -16.93 -3.44
CA HIS A 123 7.96 -16.03 -4.41
C HIS A 123 6.92 -15.14 -5.08
N SER A 124 5.77 -15.70 -5.39
CA SER A 124 4.71 -14.95 -6.04
C SER A 124 4.29 -13.77 -5.18
N ALA A 125 4.21 -13.99 -3.88
CA ALA A 125 3.84 -12.92 -2.97
C ALA A 125 4.83 -11.78 -3.11
N HIS A 126 6.03 -12.09 -3.59
CA HIS A 126 7.06 -11.07 -3.78
C HIS A 126 6.64 -10.13 -4.89
N GLU A 127 6.10 -10.70 -5.96
CA GLU A 127 5.66 -9.92 -7.11
C GLU A 127 4.57 -8.93 -6.72
N GLU A 128 3.63 -9.36 -5.89
CA GLU A 128 2.55 -8.50 -5.45
C GLU A 128 3.08 -7.29 -4.70
N THR A 129 3.98 -7.53 -3.78
CA THR A 129 4.57 -6.46 -2.99
C THR A 129 5.47 -5.58 -3.85
N LYS A 130 6.30 -6.22 -4.68
CA LYS A 130 7.22 -5.49 -5.54
C LYS A 130 6.43 -4.60 -6.50
N ALA A 131 5.33 -5.12 -7.03
CA ALA A 131 4.51 -4.35 -7.93
C ALA A 131 3.80 -3.21 -7.21
N HIS A 132 3.32 -3.51 -6.01
CA HIS A 132 2.63 -2.49 -5.22
C HIS A 132 3.54 -1.30 -4.93
N ILE A 133 4.77 -1.60 -4.51
CA ILE A 133 5.73 -0.53 -4.20
C ILE A 133 6.13 0.21 -5.48
N GLU A 134 6.30 -0.52 -6.58
CA GLU A 134 6.67 0.09 -7.85
C GLU A 134 5.60 1.06 -8.35
N GLU A 135 4.33 0.72 -8.18
CA GLU A 135 3.26 1.59 -8.61
C GLU A 135 3.21 2.87 -7.78
N LEU A 136 3.43 2.71 -6.47
CA LEU A 136 3.44 3.84 -5.54
C LEU A 136 4.61 4.79 -5.80
N ARG A 137 5.78 4.23 -6.11
CA ARG A 137 6.96 5.05 -6.36
C ARG A 137 6.74 5.95 -7.57
N HIS A 138 6.09 5.42 -8.60
CA HIS A 138 5.80 6.22 -9.80
C HIS A 138 4.96 7.44 -9.44
N LEU A 139 3.96 7.21 -8.59
CA LEU A 139 3.08 8.28 -8.14
C LEU A 139 3.90 9.32 -7.38
N TRP A 140 4.84 8.82 -6.59
CA TRP A 140 5.71 9.66 -5.79
C TRP A 140 6.50 10.62 -6.67
N ASP A 141 6.98 10.13 -7.80
CA ASP A 141 7.76 10.97 -8.70
C ASP A 141 6.92 12.15 -9.18
N LEU A 142 5.68 11.87 -9.57
CA LEU A 142 4.79 12.93 -10.01
C LEU A 142 4.58 13.94 -8.88
N LEU A 143 4.36 13.41 -7.70
CA LEU A 143 4.15 14.22 -6.51
C LEU A 143 5.34 15.12 -6.22
N LEU A 144 6.53 14.57 -6.41
CA LEU A 144 7.75 15.33 -6.17
C LEU A 144 7.73 16.54 -7.07
N GLU A 145 7.44 16.28 -8.35
CA GLU A 145 7.31 17.33 -9.31
C GLU A 145 6.19 18.27 -8.87
N LEU A 146 5.12 17.65 -8.36
CA LEU A 146 3.96 18.41 -7.88
C LEU A 146 4.34 19.37 -6.75
N THR A 147 5.20 18.90 -5.85
CA THR A 147 5.65 19.73 -4.72
C THR A 147 6.49 20.87 -5.25
N LEU A 148 7.41 20.51 -6.13
CA LEU A 148 8.28 21.47 -6.77
C LEU A 148 7.42 22.46 -7.55
N GLU A 149 6.39 21.91 -8.17
CA GLU A 149 5.48 22.72 -8.99
C GLU A 149 4.82 23.80 -8.15
N LYS A 150 4.39 23.45 -6.95
CA LYS A 150 3.76 24.41 -6.06
C LYS A 150 4.70 25.54 -5.70
N GLY A 151 5.96 25.18 -5.43
CA GLY A 151 6.94 26.16 -5.06
C GLY A 151 7.14 27.19 -6.14
N ASP A 152 6.92 26.78 -7.39
CA ASP A 152 7.06 27.66 -8.53
C ASP A 152 6.09 28.82 -8.41
N GLN A 153 4.84 28.49 -8.12
CA GLN A 153 3.83 29.51 -7.93
C GLN A 153 4.13 30.28 -6.65
N LEU A 154 4.71 29.57 -5.69
CA LEU A 154 5.07 30.17 -4.41
C LEU A 154 6.22 31.17 -4.55
N LEU A 155 7.03 30.98 -5.59
CA LEU A 155 8.17 31.87 -5.81
C LEU A 155 7.70 33.30 -6.07
N ARG A 156 8.33 34.25 -5.39
CA ARG A 156 7.99 35.66 -5.55
C ARG A 156 8.84 36.31 -6.62
#